data_8R2G
#
_entry.id   8R2G
#
_cell.length_a   125.400
_cell.length_b   125.400
_cell.length_c   364.195
_cell.angle_alpha   90.000
_cell.angle_beta   90.000
_cell.angle_gamma   90.000
#
_symmetry.space_group_name_H-M   'P 41 2 2'
#
loop_
_entity.id
_entity.type
_entity.pdbx_description
1 polymer 'Meiotic recombination protein DMC1/LIM15 homolog'
2 polymer 'Breast cancer type 2 susceptibility protein'
#
loop_
_entity_poly.entity_id
_entity_poly.type
_entity_poly.pdbx_seq_one_letter_code
_entity_poly.pdbx_strand_id
1 'polypeptide(L)'
;GSMPGFLTAFEYSEKRKMVFHITTGSQEFDKLLGGGIESMAITEAFGEFRTGKTQLSHTLCVTAQLPGAGGYPGGKIIFI
DTENTFRPDRLRDIADRFNVDHDAVLDNVLYARAYTSEHQMELLDYVAAKFHEEAGIFKLLIIDSIMALFRVDFSGRGEL
AERQQKLAQMLSRLQKISEEYNVAVFVTNQMTADPGATMTFQADPKKPIGGHILAHASTTRISLRKGRGELRIAKIYDSP
EMPENEATFAITAGGIGDAKE
;
A,B,C,D,E,F,G,H
2 'polypeptide(L)' GRPTKVFVPPFKTK I,J,K,L,M,N,O
#
# COMPACT_ATOMS: atom_id res chain seq x y z
N GLY A 5 -26.06 9.50 38.20
CA GLY A 5 -24.80 8.81 37.98
C GLY A 5 -23.66 9.35 38.83
N PHE A 6 -23.96 10.35 39.64
CA PHE A 6 -22.98 11.00 40.49
C PHE A 6 -23.25 10.72 41.96
N LEU A 7 -22.17 10.64 42.73
CA LEU A 7 -22.23 10.61 44.18
C LEU A 7 -21.58 11.87 44.75
N THR A 8 -22.02 12.28 45.94
CA THR A 8 -21.26 13.27 46.68
C THR A 8 -19.92 12.71 47.13
N ALA A 9 -18.97 13.61 47.38
CA ALA A 9 -17.67 13.21 47.91
C ALA A 9 -17.83 12.53 49.27
N PHE A 10 -18.86 12.89 50.02
CA PHE A 10 -19.11 12.26 51.31
C PHE A 10 -19.50 10.80 51.12
N GLU A 11 -20.46 10.54 50.24
CA GLU A 11 -20.85 9.17 49.92
C GLU A 11 -19.66 8.35 49.43
N TYR A 12 -18.82 8.94 48.57
CA TYR A 12 -17.65 8.21 48.09
C TYR A 12 -16.66 7.94 49.23
N SER A 13 -16.48 8.90 50.14
CA SER A 13 -15.63 8.66 51.29
C SER A 13 -16.15 7.51 52.12
N GLU A 14 -17.46 7.49 52.38
CA GLU A 14 -18.08 6.39 53.11
C GLU A 14 -17.86 5.06 52.39
N LYS A 15 -17.92 5.08 51.05
CA LYS A 15 -17.70 3.86 50.28
C LYS A 15 -16.25 3.41 50.41
N ARG A 16 -15.30 4.34 50.36
CA ARG A 16 -13.89 3.98 50.44
C ARG A 16 -13.49 3.55 51.85
N LYS A 17 -14.26 3.97 52.86
CA LYS A 17 -13.96 3.54 54.22
C LYS A 17 -14.05 2.02 54.35
N MET A 18 -14.72 1.37 53.40
CA MET A 18 -14.87 -0.07 53.35
C MET A 18 -13.71 -0.75 52.64
N VAL A 19 -12.73 0.03 52.16
CA VAL A 19 -11.57 -0.55 51.49
C VAL A 19 -10.72 -1.33 52.48
N PHE A 20 -10.20 -2.47 52.05
CA PHE A 20 -9.39 -3.34 52.90
C PHE A 20 -8.12 -3.73 52.16
N HIS A 21 -7.21 -4.35 52.90
CA HIS A 21 -5.97 -4.86 52.37
C HIS A 21 -5.84 -6.34 52.75
N ILE A 22 -5.31 -7.13 51.83
CA ILE A 22 -5.07 -8.54 52.07
C ILE A 22 -3.56 -8.75 52.16
N THR A 23 -3.11 -9.25 53.31
CA THR A 23 -1.68 -9.46 53.54
C THR A 23 -1.09 -10.41 52.50
N THR A 24 0.13 -10.09 52.05
CA THR A 24 0.87 -10.96 51.15
C THR A 24 1.55 -12.12 51.87
N GLY A 25 1.55 -12.12 53.20
CA GLY A 25 2.36 -13.03 53.97
C GLY A 25 3.70 -12.49 54.38
N SER A 26 4.13 -11.36 53.82
CA SER A 26 5.40 -10.72 54.14
C SER A 26 5.12 -9.35 54.72
N GLN A 27 5.69 -9.07 55.90
CA GLN A 27 5.46 -7.78 56.55
C GLN A 27 6.04 -6.64 55.72
N GLU A 28 7.25 -6.82 55.19
CA GLU A 28 7.88 -5.76 54.40
C GLU A 28 7.11 -5.52 53.10
N PHE A 29 6.70 -6.59 52.42
CA PHE A 29 5.84 -6.43 51.25
C PHE A 29 4.56 -5.67 51.59
N ASP A 30 3.94 -6.02 52.72
CA ASP A 30 2.71 -5.34 53.12
C ASP A 30 2.96 -3.85 53.34
N LYS A 31 4.05 -3.52 54.04
CA LYS A 31 4.41 -2.12 54.23
C LYS A 31 4.58 -1.43 52.88
N LEU A 32 5.27 -2.10 51.95
CA LEU A 32 5.44 -1.56 50.61
C LEU A 32 4.09 -1.26 49.97
N LEU A 33 3.09 -2.08 50.24
CA LEU A 33 1.78 -1.93 49.63
C LEU A 33 0.81 -1.12 50.48
N GLY A 34 1.25 -0.63 51.64
CA GLY A 34 0.34 0.10 52.52
C GLY A 34 -0.62 -0.79 53.26
N GLY A 35 -0.27 -2.06 53.48
CA GLY A 35 -1.12 -2.97 54.23
C GLY A 35 -1.29 -4.30 53.52
N GLY A 36 -1.15 -4.30 52.20
CA GLY A 36 -1.30 -5.48 51.40
C GLY A 36 -2.03 -5.16 50.11
N ILE A 37 -2.56 -6.21 49.49
CA ILE A 37 -3.29 -6.07 48.24
C ILE A 37 -4.59 -5.31 48.51
N GLU A 38 -4.78 -4.20 47.80
CA GLU A 38 -5.83 -3.25 48.13
C GLU A 38 -7.10 -3.55 47.34
N SER A 39 -8.24 -3.39 48.00
CA SER A 39 -9.52 -3.57 47.35
C SER A 39 -9.90 -2.32 46.55
N MET A 40 -10.93 -2.46 45.72
CA MET A 40 -11.34 -1.42 44.79
C MET A 40 -10.19 -0.99 43.88
N ALA A 41 -9.34 -1.96 43.52
CA ALA A 41 -8.17 -1.65 42.71
C ALA A 41 -7.64 -2.93 42.08
N ILE A 42 -6.90 -2.74 40.99
CA ILE A 42 -6.13 -3.78 40.34
C ILE A 42 -4.65 -3.64 40.69
N THR A 43 -4.06 -4.74 41.15
CA THR A 43 -2.64 -4.85 41.39
C THR A 43 -2.07 -5.87 40.41
N GLU A 44 -1.05 -5.47 39.68
CA GLU A 44 -0.43 -6.27 38.63
C GLU A 44 0.97 -6.63 39.10
N ALA A 45 1.33 -7.90 38.96
CA ALA A 45 2.66 -8.37 39.30
C ALA A 45 3.30 -8.98 38.07
N PHE A 46 4.50 -8.50 37.73
CA PHE A 46 5.22 -9.00 36.57
C PHE A 46 6.67 -9.23 36.93
N GLY A 47 7.30 -10.13 36.19
CA GLY A 47 8.69 -10.46 36.43
C GLY A 47 9.11 -11.66 35.61
N GLU A 48 10.36 -12.08 35.82
CA GLU A 48 10.91 -13.22 35.12
C GLU A 48 10.48 -14.53 35.81
N PHE A 49 11.00 -15.63 35.29
CA PHE A 49 10.64 -16.95 35.81
C PHE A 49 11.18 -17.15 37.22
N ARG A 50 10.36 -17.78 38.07
CA ARG A 50 10.73 -18.07 39.46
C ARG A 50 11.01 -16.80 40.25
N THR A 51 10.19 -15.77 40.06
CA THR A 51 10.27 -14.56 40.86
C THR A 51 9.22 -14.48 41.95
N GLY A 52 8.17 -15.29 41.91
CA GLY A 52 7.22 -15.31 43.00
C GLY A 52 5.76 -15.13 42.63
N LYS A 53 5.48 -14.90 41.34
CA LYS A 53 4.11 -14.65 40.91
C LYS A 53 3.17 -15.78 41.33
N THR A 54 3.54 -17.03 41.04
CA THR A 54 2.66 -18.13 41.38
C THR A 54 2.60 -18.35 42.88
N GLN A 55 3.74 -18.20 43.57
CA GLN A 55 3.76 -18.33 45.02
C GLN A 55 2.92 -17.23 45.66
N LEU A 56 2.97 -16.02 45.10
CA LEU A 56 2.17 -14.93 45.63
C LEU A 56 0.69 -15.19 45.40
N SER A 57 0.34 -15.64 44.19
CA SER A 57 -1.05 -16.00 43.89
C SER A 57 -1.58 -17.01 44.90
N HIS A 58 -0.83 -18.08 45.15
CA HIS A 58 -1.32 -19.11 46.08
C HIS A 58 -1.37 -18.59 47.52
N THR A 59 -0.36 -17.82 47.92
CA THR A 59 -0.39 -17.28 49.28
C THR A 59 -1.61 -16.40 49.46
N LEU A 60 -1.92 -15.54 48.47
CA LEU A 60 -3.10 -14.71 48.60
C LEU A 60 -4.37 -15.55 48.59
N CYS A 61 -4.34 -16.67 47.86
CA CYS A 61 -5.46 -17.62 47.85
C CYS A 61 -5.75 -18.14 49.24
N VAL A 62 -4.73 -18.19 50.09
CA VAL A 62 -4.93 -18.66 51.46
C VAL A 62 -5.22 -17.51 52.41
N THR A 63 -4.42 -16.44 52.32
CA THR A 63 -4.53 -15.33 53.26
C THR A 63 -5.84 -14.56 53.11
N ALA A 64 -6.44 -14.55 51.92
CA ALA A 64 -7.72 -13.87 51.74
C ALA A 64 -8.84 -14.51 52.55
N GLN A 65 -8.65 -15.75 53.02
CA GLN A 65 -9.69 -16.43 53.80
C GLN A 65 -9.53 -16.20 55.30
N LEU A 66 -8.46 -15.56 55.73
CA LEU A 66 -8.16 -15.42 57.15
C LEU A 66 -8.56 -14.05 57.66
N PRO A 67 -9.18 -13.98 58.84
CA PRO A 67 -9.37 -12.68 59.51
C PRO A 67 -8.04 -11.97 59.70
N GLY A 68 -8.06 -10.65 59.49
CA GLY A 68 -6.83 -9.90 59.51
C GLY A 68 -6.93 -8.51 60.10
N ALA A 69 -5.89 -7.70 59.89
CA ALA A 69 -5.83 -6.36 60.46
C ALA A 69 -6.92 -5.47 59.89
N GLY A 70 -7.23 -4.41 60.63
CA GLY A 70 -8.23 -3.44 60.20
C GLY A 70 -9.62 -4.00 60.08
N GLY A 71 -9.92 -5.07 60.82
CA GLY A 71 -11.24 -5.65 60.80
C GLY A 71 -11.55 -6.47 59.55
N TYR A 72 -10.53 -6.87 58.80
CA TYR A 72 -10.75 -7.69 57.61
C TYR A 72 -11.29 -9.04 58.04
N PRO A 73 -12.48 -9.45 57.57
CA PRO A 73 -13.08 -10.70 58.03
C PRO A 73 -12.71 -11.95 57.24
N GLY A 74 -12.02 -11.82 56.12
CA GLY A 74 -11.82 -12.96 55.25
C GLY A 74 -13.00 -13.21 54.33
N GLY A 75 -12.74 -13.94 53.26
CA GLY A 75 -13.78 -14.23 52.30
C GLY A 75 -13.29 -15.19 51.25
N LYS A 76 -14.06 -15.27 50.16
CA LYS A 76 -13.78 -16.23 49.09
C LYS A 76 -12.98 -15.58 47.95
N ILE A 77 -12.48 -16.44 47.07
CA ILE A 77 -11.55 -16.05 46.02
C ILE A 77 -12.01 -16.70 44.71
N ILE A 78 -11.85 -15.98 43.60
CA ILE A 78 -12.05 -16.52 42.26
C ILE A 78 -10.71 -16.49 41.53
N PHE A 79 -10.37 -17.61 40.90
CA PHE A 79 -9.07 -17.80 40.26
C PHE A 79 -9.30 -18.22 38.82
N ILE A 80 -8.92 -17.36 37.88
CA ILE A 80 -8.96 -17.67 36.46
C ILE A 80 -7.53 -17.94 36.01
N ASP A 81 -7.32 -19.11 35.41
CA ASP A 81 -5.99 -19.65 35.14
C ASP A 81 -5.82 -19.77 33.64
N THR A 82 -4.96 -18.94 33.06
CA THR A 82 -4.61 -19.03 31.66
C THR A 82 -3.29 -19.74 31.42
N GLU A 83 -2.54 -20.04 32.48
CA GLU A 83 -1.20 -20.61 32.35
C GLU A 83 -1.11 -22.08 32.74
N ASN A 84 -2.19 -22.68 33.26
CA ASN A 84 -2.17 -24.07 33.71
C ASN A 84 -1.21 -24.27 34.88
N THR A 85 -1.23 -23.34 35.83
CA THR A 85 -0.29 -23.31 36.93
C THR A 85 -0.90 -23.52 38.31
N PHE A 86 -2.23 -23.44 38.44
CA PHE A 86 -2.85 -23.59 39.74
C PHE A 86 -2.67 -25.03 40.26
N ARG A 87 -2.19 -25.12 41.50
CA ARG A 87 -1.89 -26.40 42.15
C ARG A 87 -2.42 -26.37 43.58
N PRO A 88 -3.53 -27.05 43.85
CA PRO A 88 -4.06 -27.09 45.24
C PRO A 88 -3.04 -27.51 46.29
N ASP A 89 -2.05 -28.34 45.94
CA ASP A 89 -1.10 -28.81 46.95
C ASP A 89 -0.30 -27.65 47.54
N ARG A 90 0.03 -26.63 46.74
CA ARG A 90 0.63 -25.44 47.30
C ARG A 90 -0.28 -24.82 48.36
N LEU A 91 -1.59 -24.78 48.09
CA LEU A 91 -2.50 -24.23 49.09
C LEU A 91 -2.52 -25.09 50.34
N ARG A 92 -2.34 -26.40 50.17
CA ARG A 92 -2.27 -27.31 51.31
C ARG A 92 -1.06 -27.00 52.19
N ASP A 93 0.09 -26.79 51.55
CA ASP A 93 1.31 -26.44 52.29
C ASP A 93 1.17 -25.09 53.00
N ILE A 94 0.58 -24.10 52.31
CA ILE A 94 0.44 -22.79 52.92
C ILE A 94 -0.57 -22.84 54.08
N ALA A 95 -1.66 -23.58 53.91
CA ALA A 95 -2.60 -23.78 55.00
C ALA A 95 -1.91 -24.42 56.19
N ASP A 96 -1.07 -25.43 55.93
CA ASP A 96 -0.29 -26.04 57.01
C ASP A 96 0.52 -24.98 57.74
N ARG A 97 1.22 -24.13 56.97
CA ARG A 97 2.01 -23.07 57.57
C ARG A 97 1.15 -22.19 58.49
N PHE A 98 -0.03 -21.79 58.00
CA PHE A 98 -0.92 -20.92 58.75
C PHE A 98 -1.87 -21.68 59.68
N ASN A 99 -1.72 -23.00 59.81
CA ASN A 99 -2.49 -23.80 60.77
C ASN A 99 -3.99 -23.68 60.54
N VAL A 100 -4.41 -23.94 59.30
CA VAL A 100 -5.82 -23.94 58.93
C VAL A 100 -6.10 -25.19 58.10
N ASP A 101 -7.37 -25.64 58.14
CA ASP A 101 -7.75 -26.89 57.49
C ASP A 101 -7.61 -26.79 55.97
N HIS A 102 -7.16 -27.88 55.36
CA HIS A 102 -7.00 -27.94 53.91
C HIS A 102 -8.33 -27.83 53.18
N ASP A 103 -9.28 -28.70 53.52
CA ASP A 103 -10.54 -28.78 52.78
C ASP A 103 -11.35 -27.51 52.87
N ALA A 104 -11.30 -26.81 54.01
CA ALA A 104 -11.99 -25.53 54.10
C ALA A 104 -11.38 -24.51 53.16
N VAL A 105 -10.05 -24.43 53.11
CA VAL A 105 -9.37 -23.54 52.17
C VAL A 105 -9.79 -23.87 50.74
N LEU A 106 -9.78 -25.16 50.40
CA LEU A 106 -10.07 -25.56 49.03
C LEU A 106 -11.53 -25.33 48.66
N ASP A 107 -12.44 -25.35 49.64
CA ASP A 107 -13.85 -25.13 49.34
C ASP A 107 -14.20 -23.66 49.10
N ASN A 108 -13.37 -22.73 49.59
CA ASN A 108 -13.66 -21.30 49.50
C ASN A 108 -12.99 -20.63 48.29
N VAL A 109 -12.37 -21.41 47.41
CA VAL A 109 -11.76 -20.88 46.19
C VAL A 109 -12.49 -21.49 45.00
N LEU A 110 -13.07 -20.63 44.16
CA LEU A 110 -13.65 -21.03 42.89
C LEU A 110 -12.63 -20.85 41.78
N TYR A 111 -12.58 -21.80 40.86
CA TYR A 111 -11.49 -21.91 39.90
C TYR A 111 -12.03 -22.19 38.50
N ALA A 112 -11.42 -21.55 37.50
CA ALA A 112 -11.75 -21.82 36.11
C ALA A 112 -10.52 -21.58 35.24
N ARG A 113 -10.31 -22.46 34.25
CA ARG A 113 -9.32 -22.21 33.21
C ARG A 113 -9.92 -21.37 32.08
N ALA A 114 -9.11 -20.46 31.56
CA ALA A 114 -9.43 -19.72 30.34
C ALA A 114 -8.50 -20.15 29.21
N TYR A 115 -9.08 -20.50 28.05
CA TYR A 115 -8.30 -20.96 26.91
C TYR A 115 -8.23 -19.94 25.77
N THR A 116 -9.07 -18.91 25.78
CA THR A 116 -9.03 -17.84 24.79
C THR A 116 -9.40 -16.53 25.48
N SER A 117 -9.08 -15.41 24.82
CA SER A 117 -9.42 -14.12 25.39
C SER A 117 -10.93 -13.92 25.46
N GLU A 118 -11.66 -14.38 24.44
CA GLU A 118 -13.11 -14.34 24.50
C GLU A 118 -13.63 -15.18 25.65
N HIS A 119 -13.04 -16.36 25.85
CA HIS A 119 -13.39 -17.18 26.99
C HIS A 119 -13.10 -16.46 28.30
N GLN A 120 -11.95 -15.80 28.39
CA GLN A 120 -11.59 -15.06 29.60
C GLN A 120 -12.62 -13.98 29.90
N MET A 121 -13.08 -13.26 28.88
CA MET A 121 -14.07 -12.21 29.10
C MET A 121 -15.41 -12.79 29.51
N GLU A 122 -15.82 -13.90 28.88
CA GLU A 122 -17.05 -14.56 29.32
C GLU A 122 -16.93 -14.99 30.78
N LEU A 123 -15.77 -15.52 31.16
CA LEU A 123 -15.56 -15.93 32.55
C LEU A 123 -15.69 -14.73 33.48
N LEU A 124 -15.19 -13.56 33.06
CA LEU A 124 -15.29 -12.40 33.93
C LEU A 124 -16.74 -11.93 34.03
N ASP A 125 -17.54 -12.12 32.98
CA ASP A 125 -18.97 -11.83 33.08
C ASP A 125 -19.66 -12.77 34.06
N TYR A 126 -19.27 -14.05 34.04
CA TYR A 126 -19.80 -14.98 35.04
C TYR A 126 -19.35 -14.58 36.43
N VAL A 127 -18.13 -14.07 36.56
CA VAL A 127 -17.64 -13.64 37.87
C VAL A 127 -18.48 -12.47 38.37
N ALA A 128 -18.77 -11.51 37.50
CA ALA A 128 -19.64 -10.40 37.86
C ALA A 128 -21.00 -10.91 38.33
N ALA A 129 -21.54 -11.91 37.63
CA ALA A 129 -22.82 -12.48 38.04
C ALA A 129 -22.71 -13.13 39.42
N LYS A 130 -21.62 -13.86 39.66
CA LYS A 130 -21.45 -14.56 40.93
C LYS A 130 -21.35 -13.56 42.07
N PHE A 131 -20.48 -12.55 41.92
CA PHE A 131 -20.40 -11.48 42.90
C PHE A 131 -21.77 -10.88 43.16
N HIS A 132 -22.58 -10.72 42.12
CA HIS A 132 -23.88 -10.10 42.32
C HIS A 132 -24.81 -11.02 43.10
N GLU A 133 -24.67 -12.34 42.90
CA GLU A 133 -25.53 -13.30 43.59
C GLU A 133 -25.65 -13.01 45.09
N GLU A 134 -24.53 -12.69 45.73
CA GLU A 134 -24.56 -12.25 47.13
C GLU A 134 -23.28 -11.48 47.42
N ALA A 135 -23.39 -10.16 47.55
CA ALA A 135 -22.25 -9.31 47.80
C ALA A 135 -21.64 -9.58 49.17
N GLY A 136 -20.37 -9.20 49.32
CA GLY A 136 -19.65 -9.38 50.57
C GLY A 136 -19.08 -10.74 50.82
N ILE A 137 -19.39 -11.73 49.98
CA ILE A 137 -18.83 -13.07 50.15
C ILE A 137 -17.41 -13.13 49.60
N PHE A 138 -17.22 -12.68 48.37
CA PHE A 138 -15.91 -12.71 47.73
C PHE A 138 -15.15 -11.41 47.93
N LYS A 139 -13.85 -11.54 48.22
CA LYS A 139 -12.99 -10.40 48.48
C LYS A 139 -11.84 -10.26 47.46
N LEU A 140 -11.52 -11.30 46.70
CA LEU A 140 -10.34 -11.32 45.86
C LEU A 140 -10.62 -12.03 44.54
N LEU A 141 -10.23 -11.40 43.44
CA LEU A 141 -10.22 -12.03 42.12
C LEU A 141 -8.79 -12.08 41.61
N ILE A 142 -8.31 -13.28 41.29
CA ILE A 142 -6.96 -13.48 40.76
C ILE A 142 -7.07 -13.89 39.29
N ILE A 143 -6.28 -13.24 38.44
CA ILE A 143 -6.13 -13.62 37.03
C ILE A 143 -4.66 -13.85 36.73
N ASP A 144 -4.28 -15.12 36.57
CA ASP A 144 -2.91 -15.55 36.29
C ASP A 144 -2.95 -16.33 34.97
N SER A 145 -2.72 -15.64 33.84
CA SER A 145 -2.29 -14.25 33.74
C SER A 145 -3.26 -13.40 32.92
N ILE A 146 -3.02 -12.10 32.90
CA ILE A 146 -4.04 -11.14 32.49
C ILE A 146 -4.21 -11.10 30.97
N MET A 147 -3.12 -11.23 30.20
CA MET A 147 -3.24 -11.05 28.76
C MET A 147 -2.37 -12.00 27.94
N ALA A 148 -1.94 -13.12 28.51
CA ALA A 148 -1.29 -14.14 27.68
C ALA A 148 -2.18 -14.57 26.51
N LEU A 149 -3.47 -14.77 26.76
CA LEU A 149 -4.36 -15.22 25.71
C LEU A 149 -4.60 -14.15 24.66
N PHE A 150 -4.46 -12.88 25.00
CA PHE A 150 -4.58 -11.83 23.99
C PHE A 150 -3.33 -11.79 23.11
N ARG A 151 -2.15 -12.00 23.70
CA ARG A 151 -0.95 -12.23 22.90
C ARG A 151 -1.13 -13.41 21.94
N VAL A 152 -1.72 -14.49 22.43
CA VAL A 152 -1.86 -15.69 21.60
C VAL A 152 -2.84 -15.45 20.45
N ASP A 153 -4.03 -14.93 20.77
CA ASP A 153 -5.09 -14.83 19.77
C ASP A 153 -4.89 -13.69 18.78
N PHE A 154 -3.99 -12.75 19.07
CA PHE A 154 -3.70 -11.63 18.18
C PHE A 154 -2.19 -11.40 18.15
N SER A 155 -1.46 -12.34 17.54
CA SER A 155 -0.01 -12.26 17.50
C SER A 155 0.51 -11.52 16.28
N GLY A 156 -0.18 -11.63 15.15
CA GLY A 156 0.20 -10.87 13.97
C GLY A 156 -0.35 -9.46 13.99
N ARG A 157 0.47 -8.52 13.50
CA ARG A 157 0.05 -7.13 13.43
C ARG A 157 -0.98 -6.92 12.31
N GLY A 158 -1.74 -5.84 12.45
CA GLY A 158 -2.91 -5.57 11.64
C GLY A 158 -4.22 -5.88 12.35
N GLU A 159 -4.21 -6.86 13.26
CA GLU A 159 -5.31 -7.11 14.17
C GLU A 159 -5.05 -6.53 15.55
N LEU A 160 -3.98 -5.74 15.69
CA LEU A 160 -3.61 -5.19 16.99
C LEU A 160 -4.68 -4.24 17.53
N ALA A 161 -5.32 -3.47 16.64
CA ALA A 161 -6.40 -2.58 17.06
C ALA A 161 -7.49 -3.33 17.82
N GLU A 162 -7.96 -4.45 17.25
CA GLU A 162 -9.00 -5.23 17.91
C GLU A 162 -8.50 -5.83 19.22
N ARG A 163 -7.23 -6.26 19.26
CA ARG A 163 -6.66 -6.76 20.50
C ARG A 163 -6.70 -5.70 21.59
N GLN A 164 -6.23 -4.49 21.26
CA GLN A 164 -6.21 -3.40 22.22
C GLN A 164 -7.62 -3.04 22.67
N GLN A 165 -8.59 -3.06 21.74
CA GLN A 165 -9.96 -2.71 22.10
C GLN A 165 -10.55 -3.75 23.06
N LYS A 166 -10.37 -5.03 22.75
CA LYS A 166 -10.86 -6.09 23.64
C LYS A 166 -10.16 -6.02 24.99
N LEU A 167 -8.86 -5.75 25.00
CA LEU A 167 -8.10 -5.65 26.25
C LEU A 167 -8.62 -4.50 27.09
N ALA A 168 -8.79 -3.33 26.48
CA ALA A 168 -9.33 -2.18 27.20
C ALA A 168 -10.70 -2.48 27.76
N GLN A 169 -11.56 -3.14 26.97
CA GLN A 169 -12.90 -3.49 27.44
C GLN A 169 -12.82 -4.40 28.67
N MET A 170 -11.96 -5.43 28.60
CA MET A 170 -11.79 -6.34 29.73
C MET A 170 -11.28 -5.59 30.96
N LEU A 171 -10.35 -4.67 30.78
CA LEU A 171 -9.75 -4.01 31.94
C LEU A 171 -10.71 -3.00 32.55
N SER A 172 -11.54 -2.35 31.72
CA SER A 172 -12.58 -1.48 32.26
C SER A 172 -13.62 -2.28 33.01
N ARG A 173 -13.97 -3.47 32.50
CA ARG A 173 -14.85 -4.36 33.25
C ARG A 173 -14.23 -4.75 34.59
N LEU A 174 -12.93 -5.04 34.59
CA LEU A 174 -12.24 -5.38 35.84
C LEU A 174 -12.29 -4.23 36.83
N GLN A 175 -12.00 -3.02 36.36
CA GLN A 175 -12.10 -1.83 37.22
C GLN A 175 -13.49 -1.70 37.82
N LYS A 176 -14.53 -1.78 36.98
CA LYS A 176 -15.89 -1.64 37.48
C LYS A 176 -16.24 -2.73 38.47
N ILE A 177 -15.77 -3.96 38.24
CA ILE A 177 -16.02 -5.05 39.18
C ILE A 177 -15.36 -4.75 40.51
N SER A 178 -14.09 -4.32 40.47
CA SER A 178 -13.35 -4.05 41.70
C SER A 178 -13.98 -2.93 42.50
N GLU A 179 -14.46 -1.89 41.82
CA GLU A 179 -14.95 -0.71 42.52
C GLU A 179 -16.41 -0.82 42.93
N GLU A 180 -17.23 -1.55 42.16
CA GLU A 180 -18.65 -1.70 42.50
C GLU A 180 -18.84 -2.68 43.65
N TYR A 181 -18.10 -3.78 43.68
CA TYR A 181 -18.29 -4.84 44.65
C TYR A 181 -17.22 -4.85 45.74
N ASN A 182 -16.33 -3.86 45.76
CA ASN A 182 -15.29 -3.73 46.77
C ASN A 182 -14.50 -5.03 46.93
N VAL A 183 -13.87 -5.44 45.84
CA VAL A 183 -12.96 -6.58 45.85
C VAL A 183 -11.60 -6.13 45.34
N ALA A 184 -10.55 -6.76 45.86
CA ALA A 184 -9.22 -6.60 45.30
C ALA A 184 -9.05 -7.49 44.07
N VAL A 185 -8.47 -6.94 43.02
CA VAL A 185 -8.17 -7.71 41.81
C VAL A 185 -6.65 -7.80 41.69
N PHE A 186 -6.13 -9.02 41.70
CA PHE A 186 -4.71 -9.29 41.53
C PHE A 186 -4.50 -10.06 40.24
N VAL A 187 -3.62 -9.55 39.38
CA VAL A 187 -3.35 -10.18 38.10
C VAL A 187 -1.84 -10.29 37.91
N THR A 188 -1.42 -11.34 37.21
CA THR A 188 -0.03 -11.50 36.85
C THR A 188 0.16 -11.15 35.37
N ASN A 189 1.39 -10.79 35.02
CA ASN A 189 1.68 -10.33 33.66
C ASN A 189 3.10 -10.71 33.29
N GLN A 190 3.34 -10.85 31.99
CA GLN A 190 4.66 -11.18 31.47
C GLN A 190 5.41 -9.90 31.08
N MET A 191 6.70 -10.07 30.78
CA MET A 191 7.57 -8.99 30.34
C MET A 191 8.16 -9.31 28.98
N THR A 192 8.64 -8.27 28.30
CA THR A 192 9.24 -8.43 26.98
C THR A 192 10.43 -7.50 26.82
N PRO A 208 6.99 -4.68 31.51
CA PRO A 208 5.64 -5.27 31.45
C PRO A 208 4.92 -4.97 30.14
N ILE A 209 4.23 -5.97 29.59
CA ILE A 209 3.51 -5.83 28.33
C ILE A 209 2.16 -5.18 28.57
N GLY A 210 1.49 -4.77 27.50
CA GLY A 210 0.17 -4.17 27.62
C GLY A 210 0.12 -2.75 27.10
N GLY A 211 1.15 -1.96 27.41
CA GLY A 211 1.23 -0.59 26.94
C GLY A 211 0.51 0.40 27.84
N HIS A 212 -0.04 1.45 27.24
CA HIS A 212 -0.74 2.47 28.02
C HIS A 212 -1.98 1.90 28.69
N ILE A 213 -2.68 1.00 28.00
CA ILE A 213 -3.96 0.48 28.49
C ILE A 213 -3.78 -0.19 29.85
N LEU A 214 -2.86 -1.15 29.93
CA LEU A 214 -2.67 -1.88 31.18
C LEU A 214 -2.00 -1.00 32.24
N ALA A 215 -1.09 -0.11 31.83
CA ALA A 215 -0.49 0.82 32.79
C ALA A 215 -1.57 1.66 33.48
N HIS A 216 -2.51 2.19 32.69
CA HIS A 216 -3.56 3.02 33.28
C HIS A 216 -4.53 2.19 34.11
N ALA A 217 -4.88 0.99 33.61
CA ALA A 217 -5.92 0.19 34.25
C ALA A 217 -5.49 -0.29 35.62
N SER A 218 -4.21 -0.63 35.78
CA SER A 218 -3.72 -1.14 37.06
C SER A 218 -3.49 0.02 38.02
N THR A 219 -3.99 -0.13 39.25
CA THR A 219 -3.76 0.87 40.27
C THR A 219 -2.40 0.70 40.93
N THR A 220 -1.90 -0.53 41.02
CA THR A 220 -0.58 -0.80 41.58
C THR A 220 0.17 -1.77 40.68
N ARG A 221 1.43 -1.47 40.39
CA ARG A 221 2.25 -2.33 39.53
C ARG A 221 3.52 -2.72 40.28
N ILE A 222 3.82 -4.01 40.29
CA ILE A 222 4.92 -4.59 41.06
C ILE A 222 5.85 -5.33 40.11
N SER A 223 7.12 -4.96 40.14
CA SER A 223 8.17 -5.73 39.47
C SER A 223 8.79 -6.69 40.48
N LEU A 224 8.88 -7.96 40.11
CA LEU A 224 9.50 -8.98 40.94
C LEU A 224 10.82 -9.43 40.34
N ARG A 225 11.87 -9.52 41.16
CA ARG A 225 13.16 -10.00 40.67
C ARG A 225 13.84 -10.81 41.76
N LYS A 226 14.86 -11.56 41.36
CA LYS A 226 15.58 -12.42 42.29
C LYS A 226 16.59 -11.64 43.12
N GLY A 227 16.64 -11.94 44.40
CA GLY A 227 17.63 -11.38 45.30
C GLY A 227 18.77 -12.35 45.56
N ARG A 228 19.48 -12.11 46.66
CA ARG A 228 20.58 -13.00 47.02
C ARG A 228 20.04 -14.35 47.49
N GLY A 229 20.70 -15.42 47.07
CA GLY A 229 20.28 -16.75 47.45
C GLY A 229 18.84 -16.99 47.01
N GLU A 230 17.98 -17.32 47.97
CA GLU A 230 16.60 -17.64 47.69
C GLU A 230 15.64 -16.48 47.92
N LEU A 231 16.17 -15.28 48.18
CA LEU A 231 15.30 -14.15 48.45
C LEU A 231 14.82 -13.51 47.14
N ARG A 232 13.70 -12.80 47.23
CA ARG A 232 13.14 -12.04 46.13
C ARG A 232 12.97 -10.59 46.53
N ILE A 233 12.84 -9.72 45.52
CA ILE A 233 12.69 -8.29 45.72
C ILE A 233 11.50 -7.82 44.89
N ALA A 234 10.60 -7.09 45.54
CA ALA A 234 9.46 -6.45 44.90
C ALA A 234 9.68 -4.94 44.86
N LYS A 235 9.35 -4.32 43.73
CA LYS A 235 9.58 -2.89 43.57
C LYS A 235 8.38 -2.26 42.87
N ILE A 236 8.12 -0.99 43.19
CA ILE A 236 7.10 -0.21 42.51
C ILE A 236 7.62 0.19 41.13
N TYR A 237 6.90 -0.19 40.09
CA TYR A 237 7.36 0.07 38.73
C TYR A 237 7.34 1.57 38.44
N ASP A 238 8.32 2.04 37.69
CA ASP A 238 8.42 3.44 37.25
C ASP A 238 8.58 4.41 38.41
N SER A 239 9.00 3.91 39.57
CA SER A 239 9.23 4.72 40.75
C SER A 239 10.71 5.06 40.87
N PRO A 240 11.06 6.13 41.59
CA PRO A 240 12.47 6.49 41.73
C PRO A 240 13.28 5.38 42.39
N GLU A 241 14.59 5.42 42.15
CA GLU A 241 15.52 4.42 42.68
C GLU A 241 15.80 4.72 44.14
N MET A 242 14.95 4.20 45.02
CA MET A 242 15.08 4.42 46.46
C MET A 242 14.67 3.16 47.19
N PRO A 243 15.22 2.93 48.39
CA PRO A 243 14.99 1.64 49.05
C PRO A 243 13.54 1.47 49.47
N GLU A 244 12.91 2.55 49.94
CA GLU A 244 11.55 2.48 50.44
C GLU A 244 10.58 1.98 49.38
N ASN A 245 10.88 2.24 48.11
CA ASN A 245 10.04 1.76 47.01
C ASN A 245 10.33 0.30 46.68
N GLU A 246 11.11 -0.38 47.52
CA GLU A 246 11.47 -1.77 47.33
C GLU A 246 11.25 -2.52 48.64
N ALA A 247 11.05 -3.83 48.52
CA ALA A 247 10.88 -4.68 49.68
C ALA A 247 11.48 -6.04 49.40
N THR A 248 12.11 -6.62 50.42
CA THR A 248 12.67 -7.96 50.34
C THR A 248 11.71 -8.95 50.98
N PHE A 249 11.52 -10.09 50.31
CA PHE A 249 10.71 -11.17 50.86
C PHE A 249 11.33 -12.51 50.48
N ALA A 250 10.83 -13.56 51.12
CA ALA A 250 11.32 -14.91 50.91
C ALA A 250 10.19 -15.81 50.41
N ILE A 251 10.58 -16.89 49.74
CA ILE A 251 9.65 -17.88 49.23
C ILE A 251 9.95 -19.20 49.91
N THR A 252 8.92 -19.85 50.43
CA THR A 252 9.05 -21.15 51.09
C THR A 252 7.89 -22.03 50.64
N ALA A 253 7.92 -23.30 51.08
CA ALA A 253 6.77 -24.17 50.84
C ALA A 253 5.49 -23.58 51.43
N GLY A 254 5.62 -22.75 52.47
CA GLY A 254 4.50 -22.06 53.05
C GLY A 254 4.11 -20.76 52.36
N GLY A 255 4.74 -20.45 51.23
CA GLY A 255 4.37 -19.29 50.46
C GLY A 255 5.31 -18.12 50.67
N ILE A 256 4.78 -16.93 50.37
CA ILE A 256 5.52 -15.69 50.55
C ILE A 256 5.65 -15.40 52.04
N GLY A 257 6.83 -14.94 52.45
CA GLY A 257 7.06 -14.62 53.84
C GLY A 257 8.21 -13.66 54.00
N ASP A 258 8.62 -13.48 55.26
CA ASP A 258 9.74 -12.60 55.56
C ASP A 258 11.07 -13.32 55.41
N GLY B 5 -19.08 -22.57 34.35
CA GLY B 5 -17.78 -23.08 33.96
C GLY B 5 -16.81 -23.16 35.11
N PHE B 6 -17.31 -22.97 36.32
CA PHE B 6 -16.47 -22.81 37.51
C PHE B 6 -16.57 -24.03 38.41
N LEU B 7 -15.43 -24.47 38.92
CA LEU B 7 -15.35 -25.46 39.97
C LEU B 7 -14.73 -24.83 41.22
N THR B 8 -15.02 -25.42 42.37
CA THR B 8 -14.24 -25.15 43.56
C THR B 8 -12.84 -25.76 43.45
N ALA B 9 -11.91 -25.18 44.21
CA ALA B 9 -10.56 -25.72 44.30
C ALA B 9 -10.56 -27.15 44.81
N PHE B 10 -11.54 -27.52 45.63
CA PHE B 10 -11.64 -28.89 46.11
C PHE B 10 -11.94 -29.85 44.96
N GLU B 11 -12.94 -29.53 44.14
CA GLU B 11 -13.24 -30.36 42.98
C GLU B 11 -12.06 -30.44 42.03
N TYR B 12 -11.33 -29.33 41.83
CA TYR B 12 -10.17 -29.37 40.96
C TYR B 12 -9.06 -30.23 41.57
N SER B 13 -8.89 -30.19 42.89
CA SER B 13 -7.93 -31.09 43.53
C SER B 13 -8.31 -32.55 43.28
N GLU B 14 -9.59 -32.87 43.48
CA GLU B 14 -10.08 -34.21 43.18
C GLU B 14 -9.82 -34.60 41.73
N LYS B 15 -9.91 -33.63 40.82
CA LYS B 15 -9.63 -33.90 39.40
C LYS B 15 -8.16 -34.16 39.17
N ARG B 16 -7.29 -33.40 39.84
CA ARG B 16 -5.86 -33.52 39.61
C ARG B 16 -5.27 -34.73 40.33
N LYS B 17 -5.98 -35.27 41.33
CA LYS B 17 -5.47 -36.46 42.01
C LYS B 17 -5.37 -37.65 41.07
N MET B 18 -6.11 -37.64 39.96
CA MET B 18 -6.08 -38.69 38.95
C MET B 18 -5.00 -38.47 37.90
N VAL B 19 -4.20 -37.40 38.03
CA VAL B 19 -3.13 -37.16 37.07
C VAL B 19 -2.08 -38.25 37.20
N PHE B 20 -1.57 -38.71 36.05
CA PHE B 20 -0.59 -39.79 36.01
C PHE B 20 0.59 -39.38 35.16
N HIS B 21 1.64 -40.20 35.21
CA HIS B 21 2.82 -40.04 34.36
C HIS B 21 3.07 -41.32 33.58
N ILE B 22 3.50 -41.17 32.33
CA ILE B 22 3.89 -42.28 31.48
C ILE B 22 5.40 -42.25 31.35
N THR B 23 6.06 -43.32 31.82
CA THR B 23 7.51 -43.38 31.80
C THR B 23 8.06 -43.27 30.37
N THR B 24 9.17 -42.56 30.25
CA THR B 24 9.87 -42.45 28.97
C THR B 24 10.71 -43.68 28.64
N GLY B 25 10.95 -44.55 29.61
CA GLY B 25 11.93 -45.61 29.49
C GLY B 25 13.27 -45.31 30.11
N SER B 26 13.52 -44.05 30.47
CA SER B 26 14.77 -43.62 31.08
C SER B 26 14.49 -43.07 32.47
N GLN B 27 15.23 -43.58 33.46
CA GLN B 27 15.05 -43.11 34.83
C GLN B 27 15.40 -41.63 34.95
N GLU B 28 16.55 -41.23 34.41
CA GLU B 28 16.98 -39.84 34.48
C GLU B 28 15.98 -38.92 33.78
N PHE B 29 15.52 -39.31 32.58
CA PHE B 29 14.53 -38.52 31.86
C PHE B 29 13.25 -38.38 32.69
N ASP B 30 12.79 -39.49 33.30
CA ASP B 30 11.58 -39.43 34.11
C ASP B 30 11.76 -38.46 35.28
N LYS B 31 12.90 -38.56 35.98
CA LYS B 31 13.18 -37.61 37.05
C LYS B 31 13.15 -36.18 36.55
N LEU B 32 13.74 -35.95 35.37
CA LEU B 32 13.69 -34.63 34.76
C LEU B 32 12.26 -34.16 34.56
N LEU B 33 11.36 -35.09 34.22
CA LEU B 33 9.97 -34.76 33.94
C LEU B 33 9.07 -34.89 35.16
N GLY B 34 9.61 -35.27 36.31
CA GLY B 34 8.80 -35.48 37.49
C GLY B 34 8.01 -36.77 37.46
N GLY B 35 8.50 -37.79 36.76
CA GLY B 35 7.83 -39.08 36.70
C GLY B 35 7.64 -39.59 35.30
N GLY B 36 7.56 -38.69 34.33
CA GLY B 36 7.37 -39.04 32.95
C GLY B 36 6.45 -38.04 32.27
N ILE B 37 5.89 -38.46 31.14
CA ILE B 37 4.96 -37.61 30.41
C ILE B 37 3.68 -37.46 31.23
N GLU B 38 3.31 -36.21 31.53
CA GLU B 38 2.25 -35.94 32.49
C GLU B 38 0.92 -35.79 31.78
N SER B 39 -0.13 -36.33 32.41
CA SER B 39 -1.47 -36.17 31.86
C SER B 39 -2.01 -34.79 32.20
N MET B 40 -3.12 -34.43 31.55
CA MET B 40 -3.70 -33.08 31.65
C MET B 40 -2.68 -32.02 31.25
N ALA B 41 -1.82 -32.33 30.29
CA ALA B 41 -0.78 -31.41 29.88
C ALA B 41 -0.26 -31.78 28.51
N ILE B 42 0.29 -30.78 27.82
CA ILE B 42 1.01 -30.94 26.58
C ILE B 42 2.52 -30.87 26.84
N THR B 43 3.24 -31.86 26.34
CA THR B 43 4.69 -31.91 26.36
C THR B 43 5.19 -31.87 24.93
N GLU B 44 6.09 -30.92 24.64
CA GLU B 44 6.63 -30.68 23.33
C GLU B 44 8.09 -31.06 23.35
N ALA B 45 8.53 -31.83 22.36
CA ALA B 45 9.93 -32.19 22.21
C ALA B 45 10.46 -31.67 20.89
N PHE B 46 11.56 -30.92 20.95
CA PHE B 46 12.17 -30.36 19.76
C PHE B 46 13.67 -30.60 19.80
N GLY B 47 14.30 -30.50 18.64
CA GLY B 47 15.71 -30.78 18.50
C GLY B 47 16.06 -31.04 17.06
N GLU B 48 17.34 -31.37 16.85
CA GLU B 48 17.85 -31.61 15.50
C GLU B 48 17.66 -33.08 15.12
N PHE B 49 18.28 -33.47 14.01
CA PHE B 49 18.09 -34.80 13.46
C PHE B 49 18.79 -35.86 14.31
N ARG B 50 18.13 -37.00 14.49
CA ARG B 50 18.66 -38.13 15.26
C ARG B 50 19.00 -37.72 16.70
N THR B 51 18.16 -36.86 17.28
CA THR B 51 18.27 -36.55 18.69
C THR B 51 17.34 -37.38 19.58
N GLY B 52 16.37 -38.09 19.01
CA GLY B 52 15.58 -38.99 19.83
C GLY B 52 14.07 -38.84 19.73
N LYS B 53 13.59 -37.87 18.95
CA LYS B 53 12.15 -37.60 18.90
C LYS B 53 11.37 -38.83 18.44
N THR B 54 11.77 -39.46 17.35
CA THR B 54 11.01 -40.61 16.86
C THR B 54 11.17 -41.82 17.79
N GLN B 55 12.38 -42.03 18.31
CA GLN B 55 12.59 -43.11 19.27
C GLN B 55 11.77 -42.89 20.52
N LEU B 56 11.67 -41.64 20.98
CA LEU B 56 10.90 -41.34 22.17
C LEU B 56 9.41 -41.54 21.91
N SER B 57 8.92 -41.08 20.76
CA SER B 57 7.52 -41.29 20.40
C SER B 57 7.17 -42.77 20.39
N HIS B 58 8.02 -43.60 19.79
CA HIS B 58 7.72 -45.03 19.74
C HIS B 58 7.82 -45.66 21.12
N THR B 59 8.84 -45.28 21.89
CA THR B 59 8.95 -45.84 23.24
C THR B 59 7.71 -45.51 24.04
N LEU B 60 7.22 -44.27 23.95
CA LEU B 60 6.01 -43.93 24.70
C LEU B 60 4.81 -44.68 24.15
N CYS B 61 4.83 -44.99 22.85
CA CYS B 61 3.77 -45.80 22.23
C CYS B 61 3.70 -47.16 22.87
N VAL B 62 4.80 -47.64 23.41
CA VAL B 62 4.81 -48.94 24.09
C VAL B 62 4.58 -48.79 25.58
N THR B 63 5.33 -47.88 26.22
CA THR B 63 5.29 -47.73 27.68
C THR B 63 3.93 -47.25 28.17
N ALA B 64 3.17 -46.51 27.35
CA ALA B 64 1.84 -46.10 27.77
C ALA B 64 0.89 -47.26 27.98
N GLN B 65 1.19 -48.44 27.42
CA GLN B 65 0.33 -49.60 27.59
C GLN B 65 0.69 -50.41 28.83
N LEU B 66 1.78 -50.08 29.49
CA LEU B 66 2.32 -50.88 30.58
C LEU B 66 1.89 -50.30 31.91
N PRO B 67 1.44 -51.13 32.86
CA PRO B 67 1.23 -50.65 34.22
C PRO B 67 2.50 -50.02 34.78
N GLY B 68 2.33 -48.90 35.47
CA GLY B 68 3.48 -48.10 35.87
C GLY B 68 3.39 -47.50 37.26
N ALA B 69 4.28 -46.57 37.56
CA ALA B 69 4.35 -45.98 38.88
C ALA B 69 3.09 -45.17 39.19
N GLY B 70 2.83 -44.98 40.48
CA GLY B 70 1.70 -44.20 40.92
C GLY B 70 0.35 -44.80 40.55
N GLY B 71 0.30 -46.11 40.39
CA GLY B 71 -0.95 -46.76 40.04
C GLY B 71 -1.38 -46.62 38.61
N TYR B 72 -0.46 -46.23 37.72
CA TYR B 72 -0.80 -46.11 36.31
C TYR B 72 -1.13 -47.47 35.71
N PRO B 73 -2.35 -47.67 35.18
CA PRO B 73 -2.75 -48.99 34.72
C PRO B 73 -2.39 -49.29 33.27
N GLY B 74 -1.92 -48.31 32.51
CA GLY B 74 -1.75 -48.45 31.09
C GLY B 74 -3.03 -48.16 30.33
N GLY B 75 -2.87 -47.86 29.05
CA GLY B 75 -4.01 -47.55 28.21
C GLY B 75 -3.62 -47.45 26.75
N LYS B 76 -4.54 -46.92 25.96
CA LYS B 76 -4.33 -46.81 24.52
C LYS B 76 -3.71 -45.47 24.14
N ILE B 77 -3.24 -45.40 22.89
CA ILE B 77 -2.50 -44.27 22.36
C ILE B 77 -3.09 -43.91 21.01
N ILE B 78 -3.13 -42.62 20.69
CA ILE B 78 -3.43 -42.14 19.34
C ILE B 78 -2.20 -41.44 18.81
N PHE B 79 -1.82 -41.78 17.57
CA PHE B 79 -0.61 -41.29 16.93
C PHE B 79 -0.99 -40.64 15.61
N ILE B 80 -0.75 -39.34 15.50
CA ILE B 80 -0.96 -38.58 14.27
C ILE B 80 0.40 -38.30 13.66
N ASP B 81 0.57 -38.70 12.40
CA ASP B 81 1.87 -38.75 11.76
C ASP B 81 1.86 -37.79 10.57
N THR B 82 2.58 -36.68 10.70
CA THR B 82 2.75 -35.74 9.60
C THR B 82 4.06 -35.94 8.85
N GLU B 83 4.93 -36.83 9.32
CA GLU B 83 6.26 -36.98 8.76
C GLU B 83 6.50 -38.30 8.04
N ASN B 84 5.54 -39.24 8.08
CA ASN B 84 5.70 -40.55 7.43
C ASN B 84 6.84 -41.34 8.07
N THR B 85 6.95 -41.26 9.39
CA THR B 85 8.05 -41.88 10.13
C THR B 85 7.63 -42.99 11.08
N PHE B 86 6.34 -43.20 11.31
CA PHE B 86 5.90 -44.26 12.21
C PHE B 86 6.24 -45.62 11.63
N ARG B 87 6.85 -46.48 12.45
CA ARG B 87 7.30 -47.80 12.04
C ARG B 87 6.94 -48.82 13.11
N PRO B 88 5.89 -49.61 12.91
CA PRO B 88 5.52 -50.65 13.87
C PRO B 88 6.67 -51.59 14.26
N ASP B 89 7.64 -51.82 13.38
CA ASP B 89 8.72 -52.75 13.72
C ASP B 89 9.53 -52.23 14.90
N ARG B 90 9.66 -50.91 15.03
CA ARG B 90 10.29 -50.38 16.24
C ARG B 90 9.46 -50.73 17.46
N LEU B 91 8.14 -50.71 17.33
CA LEU B 91 7.32 -51.07 18.48
C LEU B 91 7.49 -52.55 18.81
N ARG B 92 7.78 -53.36 17.78
CA ARG B 92 8.02 -54.78 18.00
C ARG B 92 9.29 -54.98 18.81
N ASP B 93 10.37 -54.30 18.40
CA ASP B 93 11.63 -54.39 19.15
C ASP B 93 11.47 -53.89 20.58
N ILE B 94 10.76 -52.77 20.77
CA ILE B 94 10.60 -52.22 22.10
C ILE B 94 9.75 -53.17 22.96
N ALA B 95 8.69 -53.73 22.39
CA ALA B 95 7.89 -54.72 23.10
C ALA B 95 8.74 -55.92 23.49
N ASP B 96 9.61 -56.37 22.59
CA ASP B 96 10.52 -57.46 22.93
C ASP B 96 11.35 -57.09 24.14
N ARG B 97 11.92 -55.89 24.14
CA ARG B 97 12.70 -55.43 25.29
C ARG B 97 11.87 -55.49 26.58
N PHE B 98 10.64 -55.01 26.52
CA PHE B 98 9.74 -54.97 27.68
C PHE B 98 8.92 -56.24 27.85
N ASN B 99 9.20 -57.29 27.07
CA ASN B 99 8.61 -58.61 27.27
C ASN B 99 7.08 -58.58 27.15
N VAL B 100 6.58 -57.93 26.11
CA VAL B 100 5.15 -57.90 25.82
C VAL B 100 4.94 -58.26 24.35
N ASP B 101 3.77 -58.81 24.06
CA ASP B 101 3.48 -59.32 22.73
C ASP B 101 3.37 -58.21 21.69
N HIS B 102 3.84 -58.51 20.47
CA HIS B 102 3.82 -57.52 19.40
C HIS B 102 2.39 -57.14 19.03
N ASP B 103 1.56 -58.14 18.72
CA ASP B 103 0.23 -57.88 18.19
C ASP B 103 -0.64 -57.12 19.19
N ALA B 104 -0.51 -57.45 20.48
CA ALA B 104 -1.27 -56.72 21.49
C ALA B 104 -0.85 -55.26 21.54
N VAL B 105 0.45 -54.99 21.48
CA VAL B 105 0.94 -53.61 21.45
C VAL B 105 0.37 -52.89 20.24
N LEU B 106 0.42 -53.53 19.06
CA LEU B 106 -0.04 -52.89 17.84
C LEU B 106 -1.55 -52.68 17.84
N ASP B 107 -2.29 -53.50 18.58
CA ASP B 107 -3.75 -53.36 18.61
C ASP B 107 -4.21 -52.20 19.48
N ASN B 108 -3.39 -51.73 20.42
CA ASN B 108 -3.77 -50.68 21.35
C ASN B 108 -3.34 -49.30 20.89
N VAL B 109 -2.77 -49.16 19.70
CA VAL B 109 -2.38 -47.87 19.15
C VAL B 109 -3.23 -47.60 17.92
N LEU B 110 -3.99 -46.50 17.95
CA LEU B 110 -4.70 -46.01 16.79
C LEU B 110 -3.85 -44.98 16.07
N TYR B 111 -3.81 -45.06 14.74
CA TYR B 111 -2.83 -44.35 13.94
C TYR B 111 -3.52 -43.65 12.77
N ALA B 112 -3.09 -42.42 12.49
CA ALA B 112 -3.59 -41.70 11.33
C ALA B 112 -2.51 -40.77 10.79
N ARG B 113 -2.36 -40.75 9.47
CA ARG B 113 -1.53 -39.74 8.82
C ARG B 113 -2.32 -38.47 8.59
N ALA B 114 -1.68 -37.32 8.83
CA ALA B 114 -2.24 -36.02 8.49
C ALA B 114 -1.44 -35.41 7.34
N TYR B 115 -2.14 -34.97 6.29
CA TYR B 115 -1.49 -34.42 5.11
C TYR B 115 -1.65 -32.91 4.96
N THR B 116 -2.58 -32.29 5.68
CA THR B 116 -2.74 -30.85 5.72
C THR B 116 -3.12 -30.42 7.12
N SER B 117 -2.98 -29.12 7.39
CA SER B 117 -3.33 -28.62 8.71
C SER B 117 -4.82 -28.74 8.97
N GLU B 118 -5.66 -28.49 7.94
CA GLU B 118 -7.09 -28.71 8.08
C GLU B 118 -7.38 -30.17 8.36
N HIS B 119 -6.69 -31.08 7.66
CA HIS B 119 -6.85 -32.50 7.93
C HIS B 119 -6.43 -32.84 9.35
N GLN B 120 -5.30 -32.27 9.80
CA GLN B 120 -4.84 -32.50 11.16
C GLN B 120 -5.89 -32.07 12.19
N MET B 121 -6.53 -30.92 11.96
CA MET B 121 -7.53 -30.45 12.92
C MET B 121 -8.77 -31.33 12.89
N GLU B 122 -9.16 -31.79 11.69
CA GLU B 122 -10.29 -32.71 11.60
C GLU B 122 -9.98 -34.01 12.34
N LEU B 123 -8.76 -34.53 12.14
CA LEU B 123 -8.34 -35.73 12.87
C LEU B 123 -8.42 -35.49 14.37
N LEU B 124 -8.02 -34.31 14.84
CA LEU B 124 -8.06 -34.07 16.28
C LEU B 124 -9.50 -33.98 16.79
N ASP B 125 -10.43 -33.55 15.93
CA ASP B 125 -11.84 -33.58 16.30
C ASP B 125 -12.34 -35.01 16.38
N TYR B 126 -11.87 -35.88 15.47
CA TYR B 126 -12.19 -37.29 15.57
C TYR B 126 -11.57 -37.92 16.81
N VAL B 127 -10.38 -37.45 17.19
CA VAL B 127 -9.75 -37.93 18.43
C VAL B 127 -10.61 -37.57 19.62
N ALA B 128 -11.10 -36.32 19.66
CA ALA B 128 -11.98 -35.92 20.74
C ALA B 128 -13.23 -36.79 20.78
N ALA B 129 -13.82 -37.06 19.62
CA ALA B 129 -14.99 -37.94 19.56
C ALA B 129 -14.66 -39.34 20.07
N LYS B 130 -13.47 -39.84 19.73
CA LYS B 130 -13.05 -41.17 20.14
C LYS B 130 -12.91 -41.24 21.65
N PHE B 131 -12.21 -40.25 22.23
CA PHE B 131 -12.14 -40.18 23.69
C PHE B 131 -13.54 -40.13 24.29
N HIS B 132 -14.45 -39.41 23.62
CA HIS B 132 -15.81 -39.27 24.15
C HIS B 132 -16.54 -40.60 24.15
N GLU B 133 -16.24 -41.48 23.19
CA GLU B 133 -16.90 -42.78 23.13
C GLU B 133 -16.80 -43.51 24.47
N GLU B 134 -15.61 -43.51 25.08
CA GLU B 134 -15.45 -44.14 26.39
C GLU B 134 -14.19 -43.56 27.04
N ALA B 135 -14.38 -42.78 28.11
CA ALA B 135 -13.25 -42.25 28.86
C ALA B 135 -12.47 -43.36 29.56
N GLY B 136 -11.21 -43.07 29.87
CA GLY B 136 -10.37 -44.01 30.58
C GLY B 136 -9.69 -45.05 29.71
N ILE B 137 -10.11 -45.18 28.45
CA ILE B 137 -9.46 -46.13 27.54
C ILE B 137 -8.13 -45.59 27.04
N PHE B 138 -8.12 -44.38 26.50
CA PHE B 138 -6.90 -43.77 26.01
C PHE B 138 -6.22 -42.92 27.07
N LYS B 139 -4.88 -42.97 27.10
CA LYS B 139 -4.08 -42.24 28.06
C LYS B 139 -3.10 -41.27 27.41
N LEU B 140 -2.81 -41.43 26.12
CA LEU B 140 -1.75 -40.68 25.45
C LEU B 140 -2.18 -40.34 24.03
N LEU B 141 -1.95 -39.09 23.64
CA LEU B 141 -2.09 -38.64 22.26
C LEU B 141 -0.74 -38.14 21.78
N ILE B 142 -0.22 -38.71 20.70
CA ILE B 142 1.04 -38.30 20.11
C ILE B 142 0.77 -37.60 18.78
N ILE B 143 1.42 -36.45 18.58
CA ILE B 143 1.38 -35.73 17.30
C ILE B 143 2.81 -35.48 16.84
N ASP B 144 3.23 -36.22 15.82
CA ASP B 144 4.58 -36.14 15.22
C ASP B 144 4.37 -35.78 13.76
N SER B 145 4.42 -34.48 13.44
CA SER B 145 4.78 -33.39 14.34
C SER B 145 3.68 -32.34 14.41
N ILE B 146 3.83 -31.41 15.35
CA ILE B 146 2.70 -30.60 15.79
C ILE B 146 2.33 -29.55 14.74
N MET B 147 3.32 -29.00 14.03
CA MET B 147 3.00 -27.91 13.12
C MET B 147 3.84 -27.91 11.85
N ALA B 148 4.40 -29.06 11.45
CA ALA B 148 5.03 -29.13 10.13
C ALA B 148 4.05 -28.75 9.03
N LEU B 149 2.81 -29.21 9.15
CA LEU B 149 1.82 -28.94 8.11
C LEU B 149 1.37 -27.49 8.11
N PHE B 150 1.48 -26.80 9.24
CA PHE B 150 1.15 -25.37 9.26
C PHE B 150 2.24 -24.56 8.59
N ARG B 151 3.50 -24.98 8.75
CA ARG B 151 4.59 -24.40 7.95
C ARG B 151 4.41 -24.68 6.47
N VAL B 152 3.95 -25.89 6.14
CA VAL B 152 3.77 -26.27 4.74
C VAL B 152 2.66 -25.47 4.08
N ASP B 153 1.49 -25.41 4.72
CA ASP B 153 0.33 -24.79 4.07
C ASP B 153 0.37 -23.27 4.05
N PHE B 154 1.21 -22.62 4.85
CA PHE B 154 1.27 -21.16 4.85
C PHE B 154 2.72 -20.69 4.88
N SER B 155 3.42 -20.84 3.76
CA SER B 155 4.85 -20.55 3.77
C SER B 155 5.15 -19.10 3.40
N GLY B 156 4.30 -18.49 2.59
CA GLY B 156 4.49 -17.11 2.20
C GLY B 156 4.03 -16.12 3.26
N ARG B 157 4.59 -14.92 3.19
CA ARG B 157 4.22 -13.89 4.14
C ARG B 157 2.88 -13.26 3.75
N GLY B 158 2.23 -12.68 4.74
CA GLY B 158 0.96 -12.01 4.60
C GLY B 158 -0.23 -12.85 5.02
N GLU B 159 -0.04 -14.16 5.09
CA GLU B 159 -1.06 -15.11 5.49
C GLU B 159 -0.85 -15.53 6.94
N LEU B 160 0.02 -14.82 7.65
CA LEU B 160 0.39 -15.19 9.01
C LEU B 160 -0.80 -15.10 9.96
N ALA B 161 -1.67 -14.11 9.77
CA ALA B 161 -2.82 -13.95 10.65
C ALA B 161 -3.64 -15.24 10.75
N GLU B 162 -4.06 -15.75 9.60
CA GLU B 162 -4.86 -16.99 9.59
C GLU B 162 -4.06 -18.19 10.11
N ARG B 163 -2.78 -18.26 9.76
CA ARG B 163 -1.94 -19.34 10.27
C ARG B 163 -1.91 -19.34 11.79
N GLN B 164 -1.61 -18.18 12.38
CA GLN B 164 -1.56 -18.06 13.84
C GLN B 164 -2.91 -18.38 14.46
N GLN B 165 -4.00 -17.94 13.81
CA GLN B 165 -5.33 -18.19 14.36
C GLN B 165 -5.63 -19.69 14.38
N LYS B 166 -5.38 -20.38 13.26
CA LYS B 166 -5.60 -21.82 13.21
C LYS B 166 -4.71 -22.55 14.21
N LEU B 167 -3.45 -22.11 14.33
CA LEU B 167 -2.53 -22.76 15.27
C LEU B 167 -3.01 -22.60 16.71
N ALA B 168 -3.39 -21.38 17.08
CA ALA B 168 -3.92 -21.14 18.42
C ALA B 168 -5.17 -21.96 18.67
N GLN B 169 -6.04 -22.06 17.66
CA GLN B 169 -7.27 -22.82 17.81
C GLN B 169 -6.96 -24.30 18.05
N MET B 170 -6.05 -24.86 17.24
CA MET B 170 -5.66 -26.25 17.41
C MET B 170 -5.07 -26.48 18.79
N LEU B 171 -4.22 -25.56 19.26
CA LEU B 171 -3.52 -25.80 20.52
C LEU B 171 -4.46 -25.64 21.71
N SER B 172 -5.44 -24.73 21.61
CA SER B 172 -6.44 -24.64 22.67
C SER B 172 -7.33 -25.88 22.69
N ARG B 173 -7.64 -26.42 21.50
CA ARG B 173 -8.35 -27.69 21.44
C ARG B 173 -7.53 -28.82 22.08
N LEU B 174 -6.22 -28.82 21.82
CA LEU B 174 -5.38 -29.86 22.40
C LEU B 174 -5.34 -29.75 23.92
N GLN B 175 -5.20 -28.53 24.45
CA GLN B 175 -5.29 -28.33 25.89
C GLN B 175 -6.60 -28.85 26.45
N LYS B 176 -7.71 -28.47 25.83
CA LYS B 176 -9.02 -28.92 26.32
C LYS B 176 -9.15 -30.44 26.27
N ILE B 177 -8.63 -31.06 25.20
CA ILE B 177 -8.64 -32.53 25.11
C ILE B 177 -7.84 -33.12 26.28
N SER B 178 -6.64 -32.60 26.52
CA SER B 178 -5.77 -33.15 27.55
C SER B 178 -6.41 -33.02 28.93
N GLU B 179 -7.07 -31.90 29.20
CA GLU B 179 -7.57 -31.61 30.53
C GLU B 179 -8.96 -32.19 30.78
N GLU B 180 -9.81 -32.26 29.76
CA GLU B 180 -11.16 -32.80 29.94
C GLU B 180 -11.14 -34.31 30.10
N TYR B 181 -10.29 -35.01 29.33
CA TYR B 181 -10.28 -36.46 29.30
C TYR B 181 -9.08 -37.05 30.05
N ASN B 182 -8.31 -36.22 30.74
CA ASN B 182 -7.16 -36.65 31.54
C ASN B 182 -6.23 -37.57 30.73
N VAL B 183 -5.69 -37.00 29.65
CA VAL B 183 -4.71 -37.69 28.82
C VAL B 183 -3.45 -36.83 28.74
N ALA B 184 -2.31 -37.49 28.59
CA ALA B 184 -1.08 -36.80 28.24
C ALA B 184 -1.04 -36.55 26.74
N VAL B 185 -0.69 -35.34 26.32
CA VAL B 185 -0.50 -35.02 24.92
C VAL B 185 0.98 -34.76 24.69
N PHE B 186 1.61 -35.58 23.85
CA PHE B 186 3.00 -35.46 23.48
C PHE B 186 3.10 -35.09 22.00
N VAL B 187 3.82 -34.01 21.70
CA VAL B 187 3.99 -33.56 20.32
C VAL B 187 5.46 -33.29 20.06
N THR B 188 5.89 -33.57 18.83
CA THR B 188 7.22 -33.21 18.38
C THR B 188 7.17 -31.93 17.55
N ASN B 189 8.33 -31.27 17.45
CA ASN B 189 8.40 -30.01 16.73
C ASN B 189 9.78 -29.82 16.14
N GLN B 190 9.85 -28.99 15.10
CA GLN B 190 11.10 -28.66 14.42
C GLN B 190 11.68 -27.35 14.98
N MET B 191 12.91 -27.06 14.56
CA MET B 191 13.63 -25.85 14.94
C MET B 191 14.05 -25.07 13.71
N THR B 192 14.34 -23.79 13.90
CA THR B 192 14.77 -22.92 12.81
C THR B 192 15.85 -21.94 13.29
N PRO B 208 13.14 -23.15 18.97
CA PRO B 208 11.94 -23.85 18.52
C PRO B 208 10.93 -22.91 17.85
N ILE B 209 10.23 -23.42 16.84
CA ILE B 209 9.23 -22.64 16.12
C ILE B 209 7.93 -22.60 16.90
N GLY B 210 7.00 -21.75 16.48
CA GLY B 210 5.71 -21.59 17.12
C GLY B 210 5.53 -20.26 17.83
N GLY B 211 6.62 -19.69 18.34
CA GLY B 211 6.53 -18.40 18.99
C GLY B 211 5.74 -18.47 20.29
N HIS B 212 5.06 -17.35 20.59
CA HIS B 212 4.34 -17.24 21.84
C HIS B 212 3.21 -18.27 21.92
N ILE B 213 2.57 -18.56 20.77
CA ILE B 213 1.41 -19.45 20.77
C ILE B 213 1.81 -20.83 21.29
N LEU B 214 2.83 -21.41 20.67
CA LEU B 214 3.28 -22.74 21.07
C LEU B 214 3.96 -22.71 22.43
N ALA B 215 4.72 -21.66 22.73
CA ALA B 215 5.33 -21.56 24.05
C ALA B 215 4.28 -21.62 25.14
N HIS B 216 3.19 -20.85 24.99
CA HIS B 216 2.15 -20.84 26.00
C HIS B 216 1.40 -22.16 26.04
N ALA B 217 1.10 -22.73 24.86
CA ALA B 217 0.25 -23.91 24.81
C ALA B 217 0.91 -25.12 25.45
N SER B 218 2.21 -25.29 25.26
CA SER B 218 2.90 -26.45 25.79
C SER B 218 3.16 -26.25 27.28
N THR B 219 2.78 -27.25 28.08
CA THR B 219 3.03 -27.19 29.51
C THR B 219 4.46 -27.58 29.85
N THR B 220 5.07 -28.47 29.07
CA THR B 220 6.46 -28.83 29.25
C THR B 220 7.17 -28.82 27.90
N ARG B 221 8.35 -28.21 27.83
CA ARG B 221 9.12 -28.15 26.59
C ARG B 221 10.49 -28.76 26.82
N ILE B 222 10.90 -29.66 25.92
CA ILE B 222 12.13 -30.44 26.06
C ILE B 222 12.99 -30.23 24.83
N SER B 223 14.23 -29.78 25.03
CA SER B 223 15.21 -29.73 23.96
C SER B 223 16.04 -31.02 24.00
N LEU B 224 16.17 -31.67 22.84
CA LEU B 224 16.96 -32.88 22.70
C LEU B 224 18.19 -32.60 21.86
N ARG B 225 19.35 -33.08 22.30
CA ARG B 225 20.57 -32.89 21.53
C ARG B 225 21.46 -34.12 21.71
N LYS B 226 22.47 -34.21 20.84
CA LYS B 226 23.39 -35.33 20.87
C LYS B 226 24.49 -35.14 21.91
N GLY B 227 24.81 -36.20 22.63
CA GLY B 227 25.91 -36.20 23.58
C GLY B 227 27.10 -36.92 23.01
N ARG B 228 28.00 -37.36 23.89
CA ARG B 228 29.15 -38.13 23.44
C ARG B 228 28.71 -39.50 22.92
N GLY B 229 29.29 -39.91 21.81
CA GLY B 229 28.96 -41.20 21.23
C GLY B 229 27.48 -41.31 20.92
N GLU B 230 26.82 -42.31 21.50
CA GLU B 230 25.42 -42.58 21.21
C GLU B 230 24.47 -42.01 22.27
N LEU B 231 24.97 -41.24 23.24
CA LEU B 231 24.07 -40.73 24.25
C LEU B 231 23.35 -39.48 23.74
N ARG B 232 22.20 -39.19 24.35
CA ARG B 232 21.42 -38.01 24.08
C ARG B 232 21.20 -37.25 25.38
N ILE B 233 20.87 -35.97 25.25
CA ILE B 233 20.66 -35.09 26.39
C ILE B 233 19.34 -34.36 26.20
N ALA B 234 18.50 -34.39 27.23
CA ALA B 234 17.25 -33.66 27.29
C ALA B 234 17.39 -32.53 28.29
N LYS B 235 16.86 -31.35 27.94
CA LYS B 235 16.97 -30.18 28.80
C LYS B 235 15.65 -29.42 28.81
N ILE B 236 15.39 -28.74 29.92
CA ILE B 236 14.24 -27.85 30.04
C ILE B 236 14.56 -26.54 29.31
N TYR B 237 13.73 -26.18 28.34
CA TYR B 237 14.01 -25.02 27.53
C TYR B 237 13.88 -23.74 28.36
N ASP B 238 14.74 -22.76 28.07
CA ASP B 238 14.68 -21.44 28.71
C ASP B 238 14.93 -21.51 30.22
N SER B 239 15.49 -22.61 30.71
CA SER B 239 15.85 -22.77 32.10
C SER B 239 17.34 -22.48 32.32
N PRO B 240 17.73 -22.13 33.55
CA PRO B 240 19.15 -21.82 33.81
C PRO B 240 20.06 -22.99 33.51
N GLU B 241 21.33 -22.66 33.26
CA GLU B 241 22.36 -23.63 32.91
C GLU B 241 22.81 -24.34 34.19
N MET B 242 22.11 -25.42 34.52
CA MET B 242 22.37 -26.19 35.73
C MET B 242 22.13 -27.66 35.44
N PRO B 243 22.78 -28.56 36.18
CA PRO B 243 22.70 -29.99 35.82
C PRO B 243 21.33 -30.57 36.04
N GLU B 244 20.64 -30.14 37.09
CA GLU B 244 19.32 -30.68 37.41
C GLU B 244 18.33 -30.52 36.27
N ASN B 245 18.47 -29.46 35.48
CA ASN B 245 17.60 -29.23 34.33
C ASN B 245 18.02 -30.02 33.10
N GLU B 246 18.93 -30.97 33.24
CA GLU B 246 19.39 -31.79 32.13
C GLU B 246 19.35 -33.25 32.54
N ALA B 247 19.20 -34.12 31.54
CA ALA B 247 19.22 -35.56 31.78
C ALA B 247 19.88 -36.25 30.59
N THR B 248 20.71 -37.25 30.89
CA THR B 248 21.33 -38.08 29.86
C THR B 248 20.56 -39.38 29.70
N PHE B 249 20.33 -39.77 28.45
CA PHE B 249 19.66 -41.03 28.16
C PHE B 249 20.31 -41.67 26.93
N ALA B 250 19.99 -42.95 26.71
CA ALA B 250 20.55 -43.71 25.60
C ALA B 250 19.43 -44.20 24.70
N ILE B 251 19.80 -44.50 23.45
CA ILE B 251 18.89 -45.00 22.44
C ILE B 251 19.36 -46.40 22.03
N THR B 252 18.44 -47.36 22.01
CA THR B 252 18.74 -48.72 21.59
C THR B 252 17.62 -49.20 20.68
N ALA B 253 17.78 -50.39 20.11
CA ALA B 253 16.69 -51.02 19.37
C ALA B 253 15.45 -51.17 20.23
N GLY B 254 15.64 -51.30 21.55
CA GLY B 254 14.55 -51.38 22.50
C GLY B 254 13.98 -50.04 22.91
N GLY B 255 14.46 -48.95 22.31
CA GLY B 255 13.91 -47.64 22.57
C GLY B 255 14.78 -46.82 23.50
N ILE B 256 14.13 -45.81 24.11
CA ILE B 256 14.80 -44.92 25.05
C ILE B 256 15.11 -45.69 26.33
N GLY B 257 16.29 -45.45 26.89
CA GLY B 257 16.68 -46.13 28.12
C GLY B 257 17.72 -45.33 28.87
N ASP B 258 18.18 -45.92 29.98
CA ASP B 258 19.22 -45.30 30.80
C ASP B 258 20.58 -45.40 30.13
N PRO C 4 -13.20 -43.95 12.02
CA PRO C 4 -13.39 -42.81 11.11
C PRO C 4 -12.07 -42.31 10.50
N GLY C 5 -11.56 -43.07 9.53
CA GLY C 5 -10.27 -42.82 8.91
C GLY C 5 -9.09 -43.35 9.68
N PHE C 6 -9.31 -44.10 10.75
CA PHE C 6 -8.28 -44.53 11.68
C PHE C 6 -8.03 -46.03 11.52
N LEU C 7 -6.77 -46.42 11.57
CA LEU C 7 -6.43 -47.84 11.69
C LEU C 7 -5.66 -48.06 12.97
N THR C 8 -5.71 -49.31 13.45
CA THR C 8 -4.79 -49.78 14.47
C THR C 8 -3.38 -49.93 13.90
N ALA C 9 -2.39 -49.83 14.79
CA ALA C 9 -1.01 -50.06 14.38
C ALA C 9 -0.82 -51.44 13.77
N PHE C 10 -1.66 -52.41 14.16
CA PHE C 10 -1.61 -53.74 13.57
C PHE C 10 -2.02 -53.72 12.10
N GLU C 11 -3.16 -53.08 11.82
CA GLU C 11 -3.60 -52.93 10.43
C GLU C 11 -2.56 -52.17 9.61
N TYR C 12 -1.95 -51.13 10.20
CA TYR C 12 -0.94 -50.40 9.46
C TYR C 12 0.30 -51.26 9.22
N SER C 13 0.66 -52.11 10.18
CA SER C 13 1.75 -53.04 9.97
C SER C 13 1.45 -53.98 8.81
N GLU C 14 0.22 -54.51 8.78
CA GLU C 14 -0.22 -55.36 7.67
C GLU C 14 -0.14 -54.61 6.34
N LYS C 15 -0.47 -53.32 6.36
CA LYS C 15 -0.40 -52.52 5.14
C LYS C 15 1.05 -52.31 4.70
N ARG C 16 1.94 -52.04 5.67
CA ARG C 16 3.34 -51.79 5.35
C ARG C 16 4.08 -53.05 4.96
N LYS C 17 3.57 -54.22 5.35
CA LYS C 17 4.22 -55.47 4.94
C LYS C 17 4.17 -55.64 3.43
N MET C 18 3.28 -54.91 2.75
CA MET C 18 3.17 -54.94 1.30
C MET C 18 4.13 -53.96 0.62
N VAL C 19 4.94 -53.23 1.38
CA VAL C 19 5.90 -52.31 0.81
C VAL C 19 6.98 -53.09 0.08
N PHE C 20 7.37 -52.59 -1.10
CA PHE C 20 8.38 -53.22 -1.94
C PHE C 20 9.42 -52.19 -2.35
N HIS C 21 10.51 -52.69 -2.92
CA HIS C 21 11.57 -51.85 -3.45
C HIS C 21 11.80 -52.18 -4.92
N ILE C 22 12.11 -51.15 -5.71
CA ILE C 22 12.43 -51.30 -7.13
C ILE C 22 13.91 -51.00 -7.30
N THR C 23 14.65 -52.00 -7.77
CA THR C 23 16.10 -51.85 -7.92
C THR C 23 16.45 -50.71 -8.87
N THR C 24 17.52 -49.99 -8.55
CA THR C 24 18.06 -48.96 -9.42
C THR C 24 18.92 -49.53 -10.55
N GLY C 25 19.26 -50.81 -10.47
CA GLY C 25 20.26 -51.39 -11.36
C GLY C 25 21.66 -51.41 -10.78
N SER C 26 21.90 -50.71 -9.68
CA SER C 26 23.19 -50.68 -9.02
C SER C 26 23.03 -51.24 -7.61
N GLN C 27 23.90 -52.20 -7.26
CA GLN C 27 23.82 -52.83 -5.94
C GLN C 27 24.12 -51.81 -4.84
N GLU C 28 25.19 -51.03 -5.01
CA GLU C 28 25.56 -50.04 -4.01
C GLU C 28 24.46 -49.01 -3.82
N PHE C 29 23.87 -48.53 -4.92
CA PHE C 29 22.76 -47.59 -4.83
C PHE C 29 21.58 -48.21 -4.08
N ASP C 30 21.28 -49.48 -4.36
CA ASP C 30 20.20 -50.16 -3.65
C ASP C 30 20.48 -50.23 -2.16
N LYS C 31 21.71 -50.59 -1.79
CA LYS C 31 22.07 -50.60 -0.37
C LYS C 31 21.87 -49.21 0.24
N LEU C 32 22.29 -48.17 -0.48
CA LEU C 32 22.07 -46.80 -0.02
C LEU C 32 20.59 -46.54 0.24
N LEU C 33 19.72 -47.12 -0.59
CA LEU C 33 18.29 -46.89 -0.47
C LEU C 33 17.58 -47.96 0.36
N GLY C 34 18.31 -48.95 0.86
CA GLY C 34 17.69 -50.02 1.60
C GLY C 34 16.93 -51.02 0.75
N GLY C 35 17.37 -51.20 -0.50
CA GLY C 35 16.74 -52.15 -1.39
C GLY C 35 16.41 -51.57 -2.75
N GLY C 36 16.21 -50.26 -2.81
CA GLY C 36 15.84 -49.59 -4.02
C GLY C 36 14.80 -48.52 -3.75
N ILE C 37 14.10 -48.12 -4.80
CA ILE C 37 13.05 -47.12 -4.68
C ILE C 37 11.87 -47.72 -3.91
N GLU C 38 11.47 -47.06 -2.84
CA GLU C 38 10.52 -47.64 -1.89
C GLU C 38 9.10 -47.20 -2.22
N SER C 39 8.15 -48.12 -2.08
CA SER C 39 6.76 -47.79 -2.29
C SER C 39 6.19 -47.09 -1.06
N MET C 40 4.98 -46.55 -1.22
CA MET C 40 4.36 -45.73 -0.18
C MET C 40 5.26 -44.55 0.19
N ALA C 41 5.96 -44.00 -0.80
CA ALA C 41 6.88 -42.91 -0.52
C ALA C 41 7.28 -42.23 -1.81
N ILE C 42 7.66 -40.97 -1.67
CA ILE C 42 8.24 -40.16 -2.73
C ILE C 42 9.76 -40.10 -2.59
N THR C 43 10.46 -40.44 -3.65
CA THR C 43 11.90 -40.30 -3.76
C THR C 43 12.20 -39.23 -4.81
N GLU C 44 12.99 -38.24 -4.42
CA GLU C 44 13.31 -37.08 -5.23
C GLU C 44 14.79 -37.16 -5.57
N ALA C 45 15.12 -36.94 -6.84
CA ALA C 45 16.50 -36.90 -7.30
C ALA C 45 16.77 -35.53 -7.90
N PHE C 46 17.85 -34.89 -7.44
CA PHE C 46 18.22 -33.58 -7.94
C PHE C 46 19.73 -33.53 -8.18
N GLY C 47 20.12 -32.61 -9.05
CA GLY C 47 21.51 -32.47 -9.42
C GLY C 47 21.62 -31.54 -10.62
N GLU C 48 22.82 -31.50 -11.17
CA GLU C 48 23.05 -30.68 -12.36
C GLU C 48 22.81 -31.51 -13.62
N PHE C 49 23.08 -30.91 -14.77
CA PHE C 49 22.86 -31.59 -16.04
C PHE C 49 23.86 -32.73 -16.20
N ARG C 50 23.40 -33.85 -16.75
CA ARG C 50 24.25 -35.03 -16.98
C ARG C 50 24.75 -35.63 -15.67
N THR C 51 23.97 -35.49 -14.59
CA THR C 51 24.28 -36.21 -13.36
C THR C 51 23.59 -37.56 -13.24
N GLY C 52 22.55 -37.82 -14.03
CA GLY C 52 21.99 -39.17 -14.04
C GLY C 52 20.50 -39.25 -13.80
N LYS C 53 19.82 -38.10 -13.70
CA LYS C 53 18.40 -38.11 -13.40
C LYS C 53 17.61 -38.83 -14.48
N THR C 54 17.87 -38.49 -15.75
CA THR C 54 17.11 -39.11 -16.85
C THR C 54 17.50 -40.57 -17.02
N GLN C 55 18.80 -40.88 -16.87
CA GLN C 55 19.24 -42.27 -16.94
C GLN C 55 18.60 -43.10 -15.84
N LEU C 56 18.49 -42.53 -14.63
CA LEU C 56 17.87 -43.25 -13.53
C LEU C 56 16.39 -43.45 -13.78
N SER C 57 15.70 -42.39 -14.24
CA SER C 57 14.28 -42.51 -14.59
C SER C 57 14.05 -43.63 -15.58
N HIS C 58 14.86 -43.70 -16.65
CA HIS C 58 14.64 -44.73 -17.66
C HIS C 58 15.00 -46.11 -17.11
N THR C 59 16.07 -46.20 -16.31
CA THR C 59 16.42 -47.49 -15.76
C THR C 59 15.29 -48.00 -14.88
N LEU C 60 14.74 -47.13 -14.03
CA LEU C 60 13.62 -47.57 -13.19
C LEU C 60 12.41 -47.91 -14.06
N CYS C 61 12.28 -47.25 -15.21
CA CYS C 61 11.22 -47.55 -16.17
C CYS C 61 11.30 -48.98 -16.65
N VAL C 62 12.51 -49.53 -16.64
CA VAL C 62 12.69 -50.92 -17.07
C VAL C 62 12.67 -51.87 -15.88
N THR C 63 13.40 -51.54 -14.81
CA THR C 63 13.54 -52.43 -13.67
C THR C 63 12.21 -52.64 -12.94
N ALA C 64 11.31 -51.65 -12.98
CA ALA C 64 10.01 -51.83 -12.34
C ALA C 64 9.20 -52.95 -12.96
N GLN C 65 9.53 -53.37 -14.18
CA GLN C 65 8.79 -54.45 -14.84
C GLN C 65 9.36 -55.83 -14.56
N LEU C 66 10.52 -55.90 -13.89
CA LEU C 66 11.20 -57.18 -13.73
C LEU C 66 10.93 -57.77 -12.36
N PRO C 67 10.77 -59.09 -12.26
CA PRO C 67 10.73 -59.74 -10.94
C PRO C 67 12.00 -59.44 -10.14
N GLY C 68 11.82 -59.21 -8.85
CA GLY C 68 12.92 -58.81 -8.00
C GLY C 68 12.93 -59.41 -6.61
N ALA C 69 13.78 -58.88 -5.75
CA ALA C 69 13.94 -59.40 -4.40
C ALA C 69 12.67 -59.22 -3.58
N GLY C 70 12.54 -60.03 -2.54
CA GLY C 70 11.41 -59.96 -1.65
C GLY C 70 10.08 -60.32 -2.27
N GLY C 71 10.09 -61.11 -3.35
CA GLY C 71 8.87 -61.49 -4.00
C GLY C 71 8.24 -60.42 -4.88
N TYR C 72 9.00 -59.40 -5.24
CA TYR C 72 8.49 -58.35 -6.12
C TYR C 72 8.15 -58.93 -7.49
N PRO C 73 6.91 -58.83 -7.95
CA PRO C 73 6.53 -59.48 -9.22
C PRO C 73 6.70 -58.61 -10.46
N GLY C 74 6.99 -57.32 -10.31
CA GLY C 74 6.98 -56.43 -11.44
C GLY C 74 5.61 -55.84 -11.73
N GLY C 75 5.61 -54.72 -12.43
CA GLY C 75 4.36 -54.05 -12.74
C GLY C 75 4.56 -52.93 -13.72
N LYS C 76 3.53 -52.10 -13.85
CA LYS C 76 3.51 -51.03 -14.83
C LYS C 76 4.00 -49.72 -14.23
N ILE C 77 4.23 -48.75 -15.12
CA ILE C 77 4.82 -47.46 -14.76
C ILE C 77 4.03 -46.38 -15.46
N ILE C 78 3.89 -45.23 -14.80
CA ILE C 78 3.37 -44.02 -15.42
C ILE C 78 4.45 -42.94 -15.35
N PHE C 79 4.68 -42.27 -16.47
CA PHE C 79 5.75 -41.30 -16.62
C PHE C 79 5.16 -39.99 -17.09
N ILE C 80 5.27 -38.95 -16.26
CA ILE C 80 4.84 -37.61 -16.62
C ILE C 80 6.09 -36.79 -16.93
N ASP C 81 6.13 -36.21 -18.13
CA ASP C 81 7.33 -35.60 -18.68
C ASP C 81 7.06 -34.11 -18.86
N THR C 82 7.71 -33.28 -18.05
CA THR C 82 7.63 -31.84 -18.20
C THR C 82 8.83 -31.25 -18.92
N GLU C 83 9.87 -32.07 -19.17
CA GLU C 83 11.11 -31.59 -19.73
C GLU C 83 11.35 -32.00 -21.17
N ASN C 84 10.48 -32.84 -21.75
CA ASN C 84 10.63 -33.31 -23.13
C ASN C 84 11.89 -34.15 -23.29
N THR C 85 12.16 -35.01 -22.31
CA THR C 85 13.40 -35.79 -22.27
C THR C 85 13.20 -37.30 -22.35
N PHE C 86 11.97 -37.80 -22.26
CA PHE C 86 11.75 -39.24 -22.33
C PHE C 86 12.11 -39.77 -23.72
N ARG C 87 12.89 -40.86 -23.73
CA ARG C 87 13.41 -41.44 -24.96
C ARG C 87 13.29 -42.96 -24.90
N PRO C 88 12.29 -43.54 -25.56
CA PRO C 88 12.15 -45.01 -25.59
C PRO C 88 13.39 -45.77 -26.02
N ASP C 89 14.24 -45.19 -26.87
CA ASP C 89 15.42 -45.92 -27.32
C ASP C 89 16.35 -46.26 -26.15
N ARG C 90 16.41 -45.37 -25.15
CA ARG C 90 17.14 -45.73 -23.93
C ARG C 90 16.54 -46.99 -23.30
N LEU C 91 15.20 -47.10 -23.31
CA LEU C 91 14.57 -48.29 -22.74
C LEU C 91 14.90 -49.52 -23.58
N ARG C 92 15.03 -49.36 -24.90
CA ARG C 92 15.43 -50.48 -25.75
C ARG C 92 16.82 -50.97 -25.40
N ASP C 93 17.77 -50.03 -25.23
CA ASP C 93 19.12 -50.40 -24.85
C ASP C 93 19.15 -51.08 -23.48
N ILE C 94 18.39 -50.56 -22.52
CA ILE C 94 18.40 -51.15 -21.18
C ILE C 94 17.76 -52.53 -21.21
N ALA C 95 16.68 -52.70 -21.99
CA ALA C 95 16.07 -54.01 -22.15
C ALA C 95 17.06 -54.98 -22.77
N ASP C 96 17.83 -54.52 -23.76
CA ASP C 96 18.88 -55.36 -24.34
C ASP C 96 19.85 -55.81 -23.25
N ARG C 97 20.28 -54.87 -22.40
CA ARG C 97 21.17 -55.22 -21.30
C ARG C 97 20.55 -56.30 -20.42
N PHE C 98 19.29 -56.13 -20.04
CA PHE C 98 18.61 -57.08 -19.16
C PHE C 98 17.95 -58.22 -19.92
N ASN C 99 18.17 -58.31 -21.23
CA ASN C 99 17.73 -59.45 -22.04
C ASN C 99 16.21 -59.65 -21.96
N VAL C 100 15.47 -58.56 -22.17
CA VAL C 100 14.01 -58.61 -22.22
C VAL C 100 13.54 -57.90 -23.48
N ASP C 101 12.36 -58.29 -23.97
CA ASP C 101 11.87 -57.76 -25.23
C ASP C 101 11.53 -56.28 -25.12
N HIS C 102 11.83 -55.54 -26.19
CA HIS C 102 11.59 -54.10 -26.21
C HIS C 102 10.10 -53.78 -26.14
N ASP C 103 9.31 -54.36 -27.05
CA ASP C 103 7.90 -53.97 -27.19
C ASP C 103 7.11 -54.27 -25.93
N ALA C 104 7.41 -55.38 -25.26
CA ALA C 104 6.74 -55.67 -23.99
C ALA C 104 7.04 -54.61 -22.95
N VAL C 105 8.32 -54.22 -22.84
CA VAL C 105 8.70 -53.15 -21.92
C VAL C 105 7.95 -51.87 -22.24
N LEU C 106 7.91 -51.50 -23.52
CA LEU C 106 7.28 -50.25 -23.92
C LEU C 106 5.77 -50.27 -23.75
N ASP C 107 5.16 -51.46 -23.79
CA ASP C 107 3.71 -51.55 -23.63
C ASP C 107 3.27 -51.39 -22.18
N ASN C 108 4.17 -51.58 -21.21
CA ASN C 108 3.83 -51.51 -19.80
C ASN C 108 4.11 -50.14 -19.19
N VAL C 109 4.53 -49.16 -19.99
CA VAL C 109 4.74 -47.79 -19.52
C VAL C 109 3.73 -46.89 -20.19
N LEU C 110 2.93 -46.19 -19.38
CA LEU C 110 2.04 -45.13 -19.84
C LEU C 110 2.74 -43.80 -19.67
N TYR C 111 2.51 -42.88 -20.61
CA TYR C 111 3.32 -41.68 -20.74
C TYR C 111 2.43 -40.49 -21.05
N ALA C 112 2.73 -39.35 -20.42
CA ALA C 112 2.03 -38.11 -20.74
C ALA C 112 2.96 -36.91 -20.55
N ARG C 113 2.88 -35.96 -21.48
CA ARG C 113 3.52 -34.66 -21.32
C ARG C 113 2.59 -33.73 -20.54
N ALA C 114 3.18 -32.97 -19.61
CA ALA C 114 2.49 -31.89 -18.92
C ALA C 114 3.02 -30.54 -19.38
N TYR C 115 2.13 -29.62 -19.75
CA TYR C 115 2.55 -28.33 -20.26
C TYR C 115 2.26 -27.17 -19.30
N THR C 116 1.45 -27.37 -18.27
CA THR C 116 1.23 -26.38 -17.22
C THR C 116 1.06 -27.09 -15.89
N SER C 117 1.18 -26.34 -14.80
CA SER C 117 1.01 -26.93 -13.48
C SER C 117 -0.44 -27.39 -13.26
N GLU C 118 -1.41 -26.63 -13.78
CA GLU C 118 -2.79 -27.07 -13.72
C GLU C 118 -2.98 -28.34 -14.52
N HIS C 119 -2.38 -28.38 -15.72
CA HIS C 119 -2.42 -29.59 -16.53
C HIS C 119 -1.78 -30.75 -15.78
N GLN C 120 -0.62 -30.51 -15.14
CA GLN C 120 0.04 -31.54 -14.38
C GLN C 120 -0.86 -32.10 -13.28
N MET C 121 -1.58 -31.23 -12.57
CA MET C 121 -2.45 -31.71 -11.49
C MET C 121 -3.63 -32.50 -12.06
N GLU C 122 -4.20 -32.04 -13.19
CA GLU C 122 -5.25 -32.83 -13.82
C GLU C 122 -4.71 -34.21 -14.22
N LEU C 123 -3.52 -34.25 -14.82
CA LEU C 123 -2.92 -35.52 -15.19
C LEU C 123 -2.77 -36.41 -13.97
N LEU C 124 -2.38 -35.84 -12.83
CA LEU C 124 -2.22 -36.65 -11.63
C LEU C 124 -3.57 -37.16 -11.13
N ASP C 125 -4.64 -36.40 -11.37
CA ASP C 125 -5.97 -36.89 -11.05
C ASP C 125 -6.34 -38.08 -11.95
N TYR C 126 -5.95 -38.01 -13.22
CA TYR C 126 -6.17 -39.16 -14.11
C TYR C 126 -5.30 -40.34 -13.69
N VAL C 127 -4.09 -40.08 -13.18
CA VAL C 127 -3.24 -41.15 -12.67
C VAL C 127 -3.91 -41.83 -11.49
N ALA C 128 -4.46 -41.02 -10.57
CA ALA C 128 -5.16 -41.58 -9.42
C ALA C 128 -6.33 -42.43 -9.88
N ALA C 129 -7.11 -41.95 -10.85
CA ALA C 129 -8.24 -42.72 -11.36
C ALA C 129 -7.77 -44.03 -11.99
N LYS C 130 -6.65 -43.97 -12.72
CA LYS C 130 -6.11 -45.16 -13.37
C LYS C 130 -5.71 -46.20 -12.34
N PHE C 131 -4.94 -45.78 -11.32
CA PHE C 131 -4.61 -46.70 -10.24
C PHE C 131 -5.87 -47.25 -9.61
N HIS C 132 -6.90 -46.39 -9.45
CA HIS C 132 -8.12 -46.82 -8.79
C HIS C 132 -8.84 -47.89 -9.59
N GLU C 133 -8.68 -47.88 -10.92
CA GLU C 133 -9.35 -48.85 -11.78
C GLU C 133 -9.03 -50.28 -11.34
N GLU C 134 -7.78 -50.55 -11.01
CA GLU C 134 -7.40 -51.90 -10.58
C GLU C 134 -6.09 -51.82 -9.82
N ALA C 135 -6.13 -52.20 -8.54
CA ALA C 135 -4.93 -52.19 -7.70
C ALA C 135 -3.96 -53.29 -8.11
N GLY C 136 -2.69 -53.09 -7.78
CA GLY C 136 -1.67 -54.09 -8.03
C GLY C 136 -1.11 -54.10 -9.43
N ILE C 137 -1.71 -53.35 -10.36
CA ILE C 137 -1.21 -53.32 -11.73
C ILE C 137 0.01 -52.42 -11.85
N PHE C 138 -0.12 -51.18 -11.38
CA PHE C 138 0.95 -50.20 -11.43
C PHE C 138 1.75 -50.18 -10.14
N LYS C 139 3.07 -50.05 -10.27
CA LYS C 139 3.96 -50.03 -9.12
C LYS C 139 4.78 -48.75 -8.99
N LEU C 140 4.86 -47.94 -10.04
CA LEU C 140 5.78 -46.80 -10.07
C LEU C 140 5.17 -45.65 -10.84
N LEU C 141 5.25 -44.45 -10.27
CA LEU C 141 4.92 -43.21 -10.97
C LEU C 141 6.17 -42.34 -11.01
N ILE C 142 6.59 -41.94 -12.21
CA ILE C 142 7.73 -41.06 -12.39
C ILE C 142 7.24 -39.70 -12.87
N ILE C 143 7.76 -38.64 -12.25
CA ILE C 143 7.51 -37.27 -12.68
C ILE C 143 8.83 -36.56 -12.90
N ASP C 144 9.18 -36.34 -14.16
CA ASP C 144 10.41 -35.67 -14.58
C ASP C 144 10.01 -34.45 -15.38
N SER C 145 9.95 -33.29 -14.73
CA SER C 145 10.33 -33.05 -13.34
C SER C 145 9.16 -32.54 -12.50
N ILE C 146 9.39 -32.47 -11.19
CA ILE C 146 8.28 -32.36 -10.24
C ILE C 146 7.68 -30.96 -10.20
N MET C 147 8.50 -29.91 -10.35
CA MET C 147 7.96 -28.56 -10.16
C MET C 147 8.51 -27.53 -11.13
N ALA C 148 9.09 -27.94 -12.26
CA ALA C 148 9.50 -26.98 -13.28
C ALA C 148 8.32 -26.11 -13.73
N LEU C 149 7.14 -26.73 -13.89
CA LEU C 149 5.99 -25.97 -14.38
C LEU C 149 5.45 -25.00 -13.34
N PHE C 150 5.68 -25.26 -12.05
CA PHE C 150 5.26 -24.30 -11.04
C PHE C 150 6.17 -23.08 -11.03
N ARG C 151 7.47 -23.29 -11.29
CA ARG C 151 8.37 -22.16 -11.50
C ARG C 151 7.98 -21.38 -12.75
N VAL C 152 7.56 -22.09 -13.79
CA VAL C 152 7.22 -21.44 -15.05
C VAL C 152 5.96 -20.61 -14.93
N ASP C 153 4.89 -21.18 -14.36
CA ASP C 153 3.60 -20.50 -14.38
C ASP C 153 3.47 -19.36 -13.37
N PHE C 154 4.34 -19.28 -12.36
CA PHE C 154 4.25 -18.20 -11.36
C PHE C 154 5.65 -17.64 -11.11
N SER C 155 6.18 -16.89 -12.08
CA SER C 155 7.54 -16.38 -11.97
C SER C 155 7.61 -14.98 -11.37
N GLY C 156 6.57 -14.16 -11.54
CA GLY C 156 6.56 -12.84 -10.96
C GLY C 156 6.20 -12.81 -9.49
N ARG C 157 6.75 -11.82 -8.80
CA ARG C 157 6.53 -11.66 -7.37
C ARG C 157 5.07 -11.33 -7.09
N GLY C 158 4.61 -11.70 -5.89
CA GLY C 158 3.22 -11.49 -5.50
C GLY C 158 2.31 -12.68 -5.71
N GLU C 159 2.70 -13.61 -6.58
CA GLU C 159 1.91 -14.79 -6.89
C GLU C 159 2.41 -16.02 -6.15
N LEU C 160 3.45 -15.85 -5.33
CA LEU C 160 4.11 -16.97 -4.68
C LEU C 160 3.17 -17.73 -3.75
N ALA C 161 2.28 -17.02 -3.05
CA ALA C 161 1.30 -17.67 -2.18
C ALA C 161 0.50 -18.74 -2.94
N GLU C 162 -0.10 -18.36 -4.07
CA GLU C 162 -0.87 -19.33 -4.85
C GLU C 162 0.03 -20.45 -5.37
N ARG C 163 1.25 -20.12 -5.80
CA ARG C 163 2.19 -21.15 -6.23
C ARG C 163 2.41 -22.19 -5.14
N GLN C 164 2.76 -21.71 -3.94
CA GLN C 164 3.00 -22.60 -2.80
C GLN C 164 1.77 -23.45 -2.50
N GLN C 165 0.59 -22.83 -2.53
CA GLN C 165 -0.64 -23.56 -2.25
C GLN C 165 -0.84 -24.69 -3.26
N LYS C 166 -0.75 -24.38 -4.54
CA LYS C 166 -0.89 -25.40 -5.58
C LYS C 166 0.15 -26.49 -5.45
N LEU C 167 1.41 -26.11 -5.18
CA LEU C 167 2.47 -27.10 -5.00
C LEU C 167 2.18 -28.02 -3.83
N ALA C 168 1.84 -27.45 -2.68
CA ALA C 168 1.51 -28.25 -1.51
C ALA C 168 0.36 -29.20 -1.82
N GLN C 169 -0.66 -28.71 -2.54
CA GLN C 169 -1.81 -29.53 -2.87
C GLN C 169 -1.40 -30.71 -3.74
N MET C 170 -0.60 -30.43 -4.78
CA MET C 170 -0.12 -31.49 -5.65
C MET C 170 0.69 -32.51 -4.87
N LEU C 171 1.55 -32.05 -3.95
CA LEU C 171 2.44 -32.97 -3.27
C LEU C 171 1.69 -33.81 -2.24
N SER C 172 0.67 -33.22 -1.60
CA SER C 172 -0.20 -33.99 -0.72
C SER C 172 -0.98 -35.04 -1.49
N ARG C 173 -1.46 -34.68 -2.68
CA ARG C 173 -2.10 -35.67 -3.54
C ARG C 173 -1.13 -36.77 -3.93
N LEU C 174 0.12 -36.41 -4.22
CA LEU C 174 1.10 -37.43 -4.61
C LEU C 174 1.40 -38.37 -3.45
N GLN C 175 1.52 -37.82 -2.24
CA GLN C 175 1.67 -38.65 -1.04
C GLN C 175 0.50 -39.61 -0.90
N LYS C 176 -0.73 -39.09 -0.99
CA LYS C 176 -1.91 -39.94 -0.83
C LYS C 176 -1.94 -41.03 -1.90
N ILE C 177 -1.57 -40.67 -3.14
CA ILE C 177 -1.50 -41.67 -4.21
C ILE C 177 -0.50 -42.76 -3.86
N SER C 178 0.70 -42.36 -3.43
CA SER C 178 1.76 -43.32 -3.13
C SER C 178 1.35 -44.26 -2.01
N GLU C 179 0.68 -43.73 -0.99
CA GLU C 179 0.39 -44.55 0.19
C GLU C 179 -0.91 -45.34 0.07
N GLU C 180 -1.92 -44.78 -0.61
CA GLU C 180 -3.19 -45.48 -0.78
C GLU C 180 -3.07 -46.63 -1.76
N TYR C 181 -2.34 -46.44 -2.86
CA TYR C 181 -2.26 -47.42 -3.92
C TYR C 181 -0.96 -48.23 -3.89
N ASN C 182 -0.16 -48.05 -2.85
CA ASN C 182 1.12 -48.75 -2.66
C ASN C 182 1.96 -48.73 -3.93
N VAL C 183 2.32 -47.51 -4.34
CA VAL C 183 3.25 -47.33 -5.44
C VAL C 183 4.41 -46.48 -4.97
N ALA C 184 5.58 -46.70 -5.59
CA ALA C 184 6.70 -45.80 -5.43
C ALA C 184 6.51 -44.60 -6.34
N VAL C 185 6.77 -43.40 -5.82
CA VAL C 185 6.72 -42.20 -6.63
C VAL C 185 8.12 -41.64 -6.70
N PHE C 186 8.68 -41.59 -7.92
CA PHE C 186 10.01 -41.05 -8.16
C PHE C 186 9.88 -39.78 -8.99
N VAL C 187 10.50 -38.70 -8.52
CA VAL C 187 10.44 -37.41 -9.19
C VAL C 187 11.85 -36.85 -9.31
N THR C 188 12.08 -36.12 -10.40
CA THR C 188 13.31 -35.36 -10.56
C THR C 188 13.09 -33.88 -10.23
N ASN C 189 14.19 -33.19 -9.94
CA ASN C 189 14.13 -31.79 -9.58
C ASN C 189 15.41 -31.09 -9.99
N GLN C 190 15.33 -29.78 -10.14
CA GLN C 190 16.46 -28.92 -10.50
C GLN C 190 17.07 -28.28 -9.26
N MET C 191 18.23 -27.66 -9.45
CA MET C 191 18.94 -26.96 -8.39
C MET C 191 19.15 -25.50 -8.77
N THR C 192 19.39 -24.67 -7.76
CA THR C 192 19.63 -23.25 -7.96
C THR C 192 20.67 -22.72 -6.99
N HIS C 212 10.42 -25.56 2.16
CA HIS C 212 9.90 -26.51 3.14
C HIS C 212 8.92 -27.48 2.50
N ILE C 213 8.16 -27.01 1.51
CA ILE C 213 7.10 -27.82 0.92
C ILE C 213 7.69 -29.07 0.29
N LEU C 214 8.66 -28.90 -0.60
CA LEU C 214 9.24 -30.05 -1.27
C LEU C 214 10.11 -30.88 -0.33
N ALA C 215 10.80 -30.23 0.61
CA ALA C 215 11.57 -30.97 1.60
C ALA C 215 10.67 -31.90 2.41
N HIS C 216 9.52 -31.38 2.85
CA HIS C 216 8.60 -32.18 3.66
C HIS C 216 7.95 -33.28 2.83
N ALA C 217 7.53 -32.96 1.61
CA ALA C 217 6.76 -33.90 0.80
C ALA C 217 7.57 -35.14 0.43
N SER C 218 8.85 -34.96 0.14
CA SER C 218 9.69 -36.08 -0.26
C SER C 218 10.06 -36.91 0.96
N THR C 219 9.92 -38.23 0.84
CA THR C 219 10.35 -39.13 1.90
C THR C 219 11.84 -39.44 1.80
N THR C 220 12.37 -39.50 0.58
CA THR C 220 13.81 -39.69 0.37
C THR C 220 14.30 -38.66 -0.63
N ARG C 221 15.42 -38.02 -0.33
CA ARG C 221 16.01 -37.03 -1.22
C ARG C 221 17.45 -37.44 -1.57
N ILE C 222 17.75 -37.46 -2.87
CA ILE C 222 19.03 -37.93 -3.39
C ILE C 222 19.68 -36.81 -4.18
N SER C 223 20.91 -36.47 -3.83
CA SER C 223 21.74 -35.56 -4.61
C SER C 223 22.63 -36.40 -5.53
N LEU C 224 22.63 -36.07 -6.82
CA LEU C 224 23.45 -36.76 -7.80
C LEU C 224 24.55 -35.82 -8.27
N ARG C 225 25.78 -36.34 -8.35
CA ARG C 225 26.89 -35.52 -8.82
C ARG C 225 27.87 -36.39 -9.58
N LYS C 226 28.77 -35.74 -10.32
CA LYS C 226 29.75 -36.45 -11.11
C LYS C 226 30.95 -36.90 -10.28
N GLY C 227 31.42 -38.12 -10.54
CA GLY C 227 32.60 -38.65 -9.91
C GLY C 227 33.78 -38.62 -10.87
N ARG C 228 34.80 -39.41 -10.55
CA ARG C 228 35.96 -39.50 -11.45
C ARG C 228 35.56 -40.22 -12.74
N GLY C 229 36.02 -39.68 -13.86
CA GLY C 229 35.70 -40.29 -15.14
C GLY C 229 34.21 -40.34 -15.41
N GLU C 230 33.70 -41.55 -15.63
CA GLU C 230 32.30 -41.77 -15.98
C GLU C 230 31.44 -42.21 -14.80
N LEU C 231 31.98 -42.22 -13.59
CA LEU C 231 31.16 -42.68 -12.48
C LEU C 231 30.30 -41.55 -11.96
N ARG C 232 29.20 -41.90 -11.30
CA ARG C 232 28.31 -40.94 -10.70
C ARG C 232 28.19 -41.26 -9.21
N ILE C 233 27.75 -40.27 -8.43
CA ILE C 233 27.65 -40.41 -6.98
C ILE C 233 26.25 -39.99 -6.55
N ALA C 234 25.62 -40.83 -5.73
CA ALA C 234 24.34 -40.54 -5.10
C ALA C 234 24.54 -40.34 -3.61
N LYS C 235 23.89 -39.32 -3.06
CA LYS C 235 24.08 -38.97 -1.65
C LYS C 235 22.72 -38.67 -1.03
N ILE C 236 22.60 -38.93 0.27
CA ILE C 236 21.41 -38.52 1.02
C ILE C 236 21.52 -37.03 1.31
N TYR C 237 20.52 -36.27 0.88
CA TYR C 237 20.57 -34.82 1.03
C TYR C 237 20.46 -34.44 2.50
N ASP C 238 21.21 -33.40 2.91
CA ASP C 238 21.15 -32.85 4.26
C ASP C 238 21.59 -33.86 5.31
N SER C 239 22.27 -34.93 4.89
CA SER C 239 22.79 -35.92 5.80
C SER C 239 24.26 -35.65 6.11
N PRO C 240 24.78 -36.18 7.22
CA PRO C 240 26.18 -35.92 7.58
C PRO C 240 27.14 -36.40 6.49
N GLU C 241 28.32 -35.79 6.50
CA GLU C 241 29.37 -36.11 5.52
C GLU C 241 30.03 -37.39 5.99
N MET C 242 29.47 -38.51 5.56
CA MET C 242 29.95 -39.83 5.97
C MET C 242 29.84 -40.78 4.79
N PRO C 243 30.66 -41.83 4.75
CA PRO C 243 30.69 -42.66 3.53
C PRO C 243 29.43 -43.46 3.31
N GLU C 244 28.83 -43.99 4.39
CA GLU C 244 27.64 -44.82 4.27
C GLU C 244 26.50 -44.10 3.57
N ASN C 245 26.41 -42.78 3.73
CA ASN C 245 25.38 -41.97 3.09
C ASN C 245 25.69 -41.61 1.64
N GLU C 246 26.68 -42.26 1.03
CA GLU C 246 27.03 -42.04 -0.36
C GLU C 246 27.18 -43.38 -1.06
N ALA C 247 26.94 -43.38 -2.37
CA ALA C 247 27.12 -44.57 -3.18
C ALA C 247 27.62 -44.19 -4.56
N THR C 248 28.53 -45.01 -5.08
CA THR C 248 29.08 -44.84 -6.42
C THR C 248 28.38 -45.81 -7.37
N PHE C 249 28.01 -45.31 -8.55
CA PHE C 249 27.39 -46.14 -9.57
C PHE C 249 27.90 -45.68 -10.93
N ALA C 250 27.66 -46.49 -11.96
CA ALA C 250 28.13 -46.18 -13.29
C ALA C 250 26.97 -46.08 -14.26
N ILE C 251 27.23 -45.39 -15.38
CA ILE C 251 26.25 -45.16 -16.43
C ILE C 251 26.79 -45.76 -17.71
N THR C 252 25.97 -46.56 -18.39
CA THR C 252 26.34 -47.18 -19.66
C THR C 252 25.16 -47.05 -20.61
N ALA C 253 25.35 -47.48 -21.85
CA ALA C 253 24.23 -47.55 -22.78
C ALA C 253 23.12 -48.44 -22.23
N GLY C 254 23.46 -49.41 -21.40
CA GLY C 254 22.50 -50.26 -20.75
C GLY C 254 21.87 -49.67 -19.51
N GLY C 255 22.17 -48.42 -19.20
CA GLY C 255 21.55 -47.73 -18.08
C GLY C 255 22.44 -47.65 -16.87
N ILE C 256 21.79 -47.50 -15.71
CA ILE C 256 22.47 -47.44 -14.43
C ILE C 256 22.99 -48.84 -14.06
N GLY C 257 24.19 -48.90 -13.53
CA GLY C 257 24.76 -50.17 -13.14
C GLY C 257 25.90 -49.99 -12.17
N ASP C 258 26.63 -51.08 -11.95
CA ASP C 258 27.79 -51.06 -11.05
C ASP C 258 29.04 -50.62 -11.79
N PRO D 4 -7.18 -42.34 -20.48
CA PRO D 4 -7.59 -41.01 -20.95
C PRO D 4 -6.44 -40.00 -20.95
N GLY D 5 -6.02 -39.56 -22.13
CA GLY D 5 -4.94 -38.60 -22.24
C GLY D 5 -3.54 -39.17 -22.19
N PHE D 6 -3.39 -40.49 -22.05
CA PHE D 6 -2.10 -41.13 -21.94
C PHE D 6 -1.83 -42.00 -23.16
N LEU D 7 -0.57 -42.06 -23.59
CA LEU D 7 -0.13 -43.03 -24.57
C LEU D 7 0.82 -44.03 -23.91
N THR D 8 0.89 -45.23 -24.50
CA THR D 8 1.95 -46.17 -24.15
C THR D 8 3.29 -45.66 -24.69
N ALA D 9 4.38 -46.11 -24.06
CA ALA D 9 5.70 -45.79 -24.56
C ALA D 9 5.92 -46.30 -25.98
N PHE D 10 5.23 -47.40 -26.34
CA PHE D 10 5.34 -47.93 -27.69
C PHE D 10 4.72 -46.96 -28.70
N GLU D 11 3.49 -46.53 -28.43
CA GLU D 11 2.84 -45.54 -29.29
C GLU D 11 3.65 -44.26 -29.38
N TYR D 12 4.20 -43.79 -28.26
CA TYR D 12 5.02 -42.59 -28.32
C TYR D 12 6.27 -42.79 -29.16
N SER D 13 6.88 -43.98 -29.07
CA SER D 13 8.01 -44.28 -29.94
C SER D 13 7.62 -44.22 -31.41
N GLU D 14 6.49 -44.86 -31.75
CA GLU D 14 5.96 -44.79 -33.10
C GLU D 14 5.73 -43.36 -33.55
N LYS D 15 5.29 -42.51 -32.63
CA LYS D 15 5.06 -41.11 -32.95
C LYS D 15 6.36 -40.38 -33.21
N ARG D 16 7.38 -40.64 -32.39
CA ARG D 16 8.66 -39.97 -32.54
C ARG D 16 9.44 -40.48 -33.75
N LYS D 17 9.10 -41.67 -34.24
CA LYS D 17 9.78 -42.17 -35.43
C LYS D 17 9.53 -41.30 -36.66
N MET D 18 8.47 -40.50 -36.64
CA MET D 18 8.17 -39.59 -37.74
C MET D 18 8.87 -38.24 -37.58
N VAL D 19 9.65 -38.07 -36.51
CA VAL D 19 10.36 -36.81 -36.30
C VAL D 19 11.43 -36.64 -37.36
N PHE D 20 11.55 -35.42 -37.88
CA PHE D 20 12.51 -35.09 -38.93
C PHE D 20 13.29 -33.84 -38.54
N HIS D 21 14.35 -33.58 -39.31
CA HIS D 21 15.16 -32.38 -39.14
C HIS D 21 15.22 -31.63 -40.46
N ILE D 22 15.20 -30.30 -40.38
CA ILE D 22 15.34 -29.43 -41.54
C ILE D 22 16.70 -28.78 -41.48
N THR D 23 17.53 -29.04 -42.50
CA THR D 23 18.88 -28.50 -42.53
C THR D 23 18.87 -26.98 -42.51
N THR D 24 19.82 -26.40 -41.77
CA THR D 24 20.02 -24.95 -41.75
C THR D 24 20.80 -24.45 -42.96
N GLY D 25 21.38 -25.35 -43.75
CA GLY D 25 22.29 -24.98 -44.81
C GLY D 25 23.76 -25.05 -44.40
N SER D 26 24.03 -25.15 -43.11
CA SER D 26 25.39 -25.25 -42.59
C SER D 26 25.57 -26.60 -41.93
N GLN D 27 26.64 -27.30 -42.31
CA GLN D 27 26.93 -28.62 -41.75
C GLN D 27 27.17 -28.53 -40.25
N GLU D 28 28.05 -27.61 -39.84
CA GLU D 28 28.37 -27.46 -38.42
C GLU D 28 27.14 -27.08 -37.61
N PHE D 29 26.31 -26.18 -38.14
CA PHE D 29 25.07 -25.81 -37.46
C PHE D 29 24.16 -27.03 -37.29
N ASP D 30 24.03 -27.84 -38.35
CA ASP D 30 23.22 -29.04 -38.25
C ASP D 30 23.74 -29.98 -37.17
N LYS D 31 25.06 -30.21 -37.17
CA LYS D 31 25.65 -31.04 -36.13
C LYS D 31 25.33 -30.48 -34.75
N LEU D 32 25.44 -29.16 -34.60
CA LEU D 32 25.08 -28.51 -33.35
C LEU D 32 23.65 -28.85 -32.96
N LEU D 33 22.76 -28.97 -33.95
CA LEU D 33 21.35 -29.22 -33.71
C LEU D 33 20.99 -30.69 -33.78
N GLY D 34 21.96 -31.57 -34.05
CA GLY D 34 21.65 -32.97 -34.21
C GLY D 34 21.00 -33.31 -35.52
N GLY D 35 21.25 -32.53 -36.57
CA GLY D 35 20.71 -32.80 -37.88
C GLY D 35 20.05 -31.58 -38.50
N GLY D 36 19.58 -30.67 -37.65
CA GLY D 36 18.93 -29.47 -38.10
C GLY D 36 17.77 -29.12 -37.19
N ILE D 37 16.85 -28.30 -37.71
CA ILE D 37 15.68 -27.89 -36.95
C ILE D 37 14.75 -29.09 -36.79
N GLU D 38 14.44 -29.43 -35.55
CA GLU D 38 13.77 -30.68 -35.24
C GLU D 38 12.26 -30.48 -35.16
N SER D 39 11.52 -31.45 -35.66
CA SER D 39 10.06 -31.40 -35.60
C SER D 39 9.58 -31.83 -34.22
N MET D 40 8.29 -31.59 -33.96
CA MET D 40 7.71 -31.83 -32.64
C MET D 40 8.42 -31.03 -31.57
N ALA D 41 8.89 -29.83 -31.92
CA ALA D 41 9.64 -29.02 -30.96
C ALA D 41 9.68 -27.57 -31.42
N ILE D 42 9.91 -26.69 -30.45
CA ILE D 42 10.15 -25.27 -30.68
C ILE D 42 11.63 -24.97 -30.54
N THR D 43 12.18 -24.33 -31.57
CA THR D 43 13.53 -23.80 -31.57
C THR D 43 13.45 -22.29 -31.61
N GLU D 44 14.11 -21.64 -30.67
CA GLU D 44 14.09 -20.20 -30.49
C GLU D 44 15.48 -19.68 -30.83
N ALA D 45 15.55 -18.63 -31.63
CA ALA D 45 16.80 -17.97 -31.96
C ALA D 45 16.74 -16.53 -31.50
N PHE D 46 17.74 -16.11 -30.72
CA PHE D 46 17.79 -14.74 -30.23
C PHE D 46 19.19 -14.20 -30.38
N GLY D 47 19.28 -12.88 -30.44
CA GLY D 47 20.56 -12.21 -30.66
C GLY D 47 20.32 -10.76 -30.97
N GLU D 48 21.43 -10.06 -31.23
CA GLU D 48 21.35 -8.65 -31.59
C GLU D 48 21.05 -8.52 -33.08
N PHE D 49 21.11 -7.30 -33.60
CA PHE D 49 20.83 -7.07 -35.00
C PHE D 49 22.00 -7.53 -35.87
N ARG D 50 21.67 -8.07 -37.04
CA ARG D 50 22.67 -8.58 -37.99
C ARG D 50 23.46 -9.76 -37.41
N THR D 51 22.79 -10.60 -36.61
CA THR D 51 23.40 -11.83 -36.14
C THR D 51 22.99 -13.05 -36.95
N GLY D 52 21.90 -12.97 -37.70
CA GLY D 52 21.54 -14.06 -38.59
C GLY D 52 20.12 -14.57 -38.43
N LYS D 53 19.35 -13.96 -37.52
CA LYS D 53 17.99 -14.44 -37.28
C LYS D 53 17.16 -14.41 -38.55
N THR D 54 17.15 -13.28 -39.25
CA THR D 54 16.34 -13.15 -40.46
C THR D 54 16.91 -14.02 -41.58
N GLN D 55 18.24 -14.04 -41.73
CA GLN D 55 18.86 -14.90 -42.72
C GLN D 55 18.53 -16.36 -42.46
N LEU D 56 18.51 -16.76 -41.19
CA LEU D 56 18.18 -18.13 -40.84
C LEU D 56 16.72 -18.44 -41.15
N SER D 57 15.83 -17.51 -40.82
CA SER D 57 14.41 -17.70 -41.14
C SER D 57 14.21 -17.90 -42.63
N HIS D 58 14.81 -17.04 -43.46
CA HIS D 58 14.62 -17.16 -44.91
C HIS D 58 15.28 -18.43 -45.45
N THR D 59 16.45 -18.78 -44.92
CA THR D 59 17.09 -19.99 -45.37
C THR D 59 16.22 -21.20 -45.06
N LEU D 60 15.65 -21.25 -43.85
CA LEU D 60 14.77 -22.38 -43.54
C LEU D 60 13.51 -22.33 -44.40
N CYS D 61 13.07 -21.12 -44.78
CA CYS D 61 11.93 -20.96 -45.69
C CYS D 61 12.19 -21.64 -47.03
N VAL D 62 13.46 -21.77 -47.39
CA VAL D 62 13.83 -22.41 -48.65
C VAL D 62 14.16 -23.88 -48.44
N THR D 63 14.98 -24.19 -47.43
CA THR D 63 15.45 -25.54 -47.20
C THR D 63 14.33 -26.49 -46.79
N ALA D 64 13.28 -25.98 -46.13
CA ALA D 64 12.17 -26.84 -45.75
C ALA D 64 11.45 -27.43 -46.96
N GLN D 65 11.60 -26.83 -48.14
CA GLN D 65 10.96 -27.35 -49.34
C GLN D 65 11.82 -28.36 -50.07
N LEU D 66 13.05 -28.58 -49.62
CA LEU D 66 13.98 -29.44 -50.33
C LEU D 66 14.02 -30.82 -49.72
N PRO D 67 14.09 -31.87 -50.54
CA PRO D 67 14.38 -33.20 -50.00
C PRO D 67 15.69 -33.19 -49.23
N GLY D 68 15.70 -33.91 -48.11
CA GLY D 68 16.86 -33.89 -47.24
C GLY D 68 17.22 -35.24 -46.64
N ALA D 69 18.11 -35.23 -45.66
CA ALA D 69 18.57 -36.47 -45.03
C ALA D 69 17.43 -37.16 -44.31
N GLY D 70 17.61 -38.47 -44.09
CA GLY D 70 16.62 -39.24 -43.37
C GLY D 70 15.29 -39.39 -44.07
N GLY D 71 15.26 -39.25 -45.39
CA GLY D 71 14.02 -39.38 -46.13
C GLY D 71 13.11 -38.19 -46.05
N TYR D 72 13.59 -37.04 -45.61
CA TYR D 72 12.76 -35.84 -45.55
C TYR D 72 12.37 -35.43 -46.96
N PRO D 73 11.08 -35.36 -47.29
CA PRO D 73 10.67 -35.07 -48.66
C PRO D 73 10.53 -33.59 -48.97
N GLY D 74 10.59 -32.72 -47.98
CA GLY D 74 10.28 -31.32 -48.16
C GLY D 74 8.79 -31.03 -48.04
N GLY D 75 8.49 -29.76 -47.82
CA GLY D 75 7.11 -29.36 -47.64
C GLY D 75 6.97 -27.86 -47.61
N LYS D 76 5.80 -27.40 -47.18
CA LYS D 76 5.46 -25.99 -47.16
C LYS D 76 5.78 -25.37 -45.81
N ILE D 77 5.71 -24.04 -45.76
CA ILE D 77 6.12 -23.27 -44.59
C ILE D 77 5.06 -22.20 -44.33
N ILE D 78 4.83 -21.90 -43.06
CA ILE D 78 4.01 -20.77 -42.65
C ILE D 78 4.90 -19.79 -41.89
N PHE D 79 4.80 -18.51 -42.25
CA PHE D 79 5.65 -17.46 -41.71
C PHE D 79 4.76 -16.36 -41.14
N ILE D 80 4.84 -16.15 -39.83
CA ILE D 80 4.14 -15.08 -39.16
C ILE D 80 5.16 -14.00 -38.82
N ASP D 81 4.89 -12.78 -39.27
CA ASP D 81 5.86 -11.70 -39.28
C ASP D 81 5.33 -10.57 -38.40
N THR D 82 5.94 -10.38 -37.24
CA THR D 82 5.60 -9.28 -36.36
C THR D 82 6.53 -8.08 -36.53
N GLU D 83 7.62 -8.23 -37.29
CA GLU D 83 8.64 -7.20 -37.38
C GLU D 83 8.67 -6.49 -38.73
N ASN D 84 7.89 -6.96 -39.72
CA ASN D 84 7.87 -6.38 -41.06
C ASN D 84 9.24 -6.53 -41.75
N THR D 85 9.82 -7.73 -41.64
CA THR D 85 11.16 -8.00 -42.15
C THR D 85 11.21 -9.05 -43.25
N PHE D 86 10.13 -9.78 -43.49
CA PHE D 86 10.14 -10.83 -44.51
C PHE D 86 10.29 -10.21 -45.90
N ARG D 87 11.23 -10.74 -46.68
CA ARG D 87 11.55 -10.23 -48.02
C ARG D 87 11.70 -11.40 -48.97
N PRO D 88 10.68 -11.67 -49.80
CA PRO D 88 10.78 -12.75 -50.80
C PRO D 88 12.05 -12.71 -51.65
N ASP D 89 12.63 -11.52 -51.87
CA ASP D 89 13.81 -11.46 -52.73
C ASP D 89 14.95 -12.26 -52.12
N ARG D 90 15.05 -12.27 -50.79
CA ARG D 90 16.05 -13.12 -50.17
C ARG D 90 15.78 -14.57 -50.56
N LEU D 91 14.50 -14.97 -50.60
CA LEU D 91 14.23 -16.36 -50.98
C LEU D 91 14.64 -16.59 -52.42
N ARG D 92 14.56 -15.55 -53.26
CA ARG D 92 15.00 -15.68 -54.64
C ARG D 92 16.49 -16.01 -54.71
N ASP D 93 17.29 -15.22 -53.99
CA ASP D 93 18.73 -15.45 -53.97
C ASP D 93 19.07 -16.81 -53.36
N ILE D 94 18.36 -17.20 -52.29
CA ILE D 94 18.67 -18.48 -51.64
C ILE D 94 18.30 -19.63 -52.58
N ALA D 95 17.14 -19.55 -53.24
CA ALA D 95 16.78 -20.57 -54.21
C ALA D 95 17.80 -20.64 -55.33
N ASP D 96 18.27 -19.48 -55.81
CA ASP D 96 19.33 -19.49 -56.82
C ASP D 96 20.54 -20.27 -56.31
N ARG D 97 20.95 -20.00 -55.07
CA ARG D 97 22.07 -20.74 -54.48
C ARG D 97 21.82 -22.24 -54.52
N PHE D 98 20.62 -22.66 -54.12
CA PHE D 98 20.26 -24.08 -54.07
C PHE D 98 19.70 -24.61 -55.39
N ASN D 99 19.70 -23.80 -56.45
CA ASN D 99 19.33 -24.25 -57.79
C ASN D 99 17.91 -24.82 -57.82
N VAL D 100 16.96 -24.04 -57.30
CA VAL D 100 15.54 -24.38 -57.34
C VAL D 100 14.77 -23.17 -57.84
N ASP D 101 13.61 -23.44 -58.45
CA ASP D 101 12.85 -22.39 -59.11
C ASP D 101 12.29 -21.38 -58.10
N HIS D 102 12.28 -20.11 -58.51
CA HIS D 102 11.80 -19.03 -57.65
C HIS D 102 10.30 -19.18 -57.34
N ASP D 103 9.49 -19.28 -58.38
CA ASP D 103 8.03 -19.31 -58.20
C ASP D 103 7.57 -20.50 -57.39
N ALA D 104 8.22 -21.65 -57.53
CA ALA D 104 7.86 -22.80 -56.71
C ALA D 104 8.12 -22.53 -55.23
N VAL D 105 9.29 -21.94 -54.92
CA VAL D 105 9.60 -21.59 -53.54
C VAL D 105 8.56 -20.61 -53.00
N LEU D 106 8.24 -19.58 -53.80
CA LEU D 106 7.33 -18.54 -53.33
C LEU D 106 5.89 -19.04 -53.19
N ASP D 107 5.50 -20.04 -53.98
CA ASP D 107 4.15 -20.56 -53.88
C ASP D 107 3.96 -21.50 -52.69
N ASN D 108 5.04 -22.06 -52.16
CA ASN D 108 4.97 -23.03 -51.09
C ASN D 108 5.13 -22.40 -49.70
N VAL D 109 5.21 -21.07 -49.63
CA VAL D 109 5.31 -20.37 -48.35
C VAL D 109 4.05 -19.52 -48.19
N LEU D 110 3.33 -19.75 -47.09
CA LEU D 110 2.21 -18.91 -46.69
C LEU D 110 2.69 -17.91 -45.65
N TYR D 111 2.15 -16.69 -45.71
CA TYR D 111 2.71 -15.55 -45.00
C TYR D 111 1.59 -14.72 -44.40
N ALA D 112 1.81 -14.24 -43.18
CA ALA D 112 0.86 -13.33 -42.53
C ALA D 112 1.59 -12.41 -41.56
N ARG D 113 1.23 -11.14 -41.60
CA ARG D 113 1.66 -10.20 -40.58
C ARG D 113 0.75 -10.28 -39.36
N ALA D 114 1.34 -10.21 -38.17
CA ALA D 114 0.60 -10.06 -36.92
C ALA D 114 0.87 -8.68 -36.34
N TYR D 115 -0.20 -7.96 -36.02
CA TYR D 115 -0.08 -6.61 -35.49
C TYR D 115 -0.37 -6.50 -34.00
N THR D 116 -1.00 -7.51 -33.40
CA THR D 116 -1.25 -7.57 -31.97
C THR D 116 -1.06 -9.01 -31.50
N SER D 117 -0.91 -9.17 -30.19
CA SER D 117 -0.75 -10.51 -29.64
C SER D 117 -2.01 -11.34 -29.80
N GLU D 118 -3.19 -10.72 -29.60
CA GLU D 118 -4.44 -11.40 -29.88
C GLU D 118 -4.52 -11.83 -31.34
N HIS D 119 -4.12 -10.94 -32.26
CA HIS D 119 -4.09 -11.30 -33.67
C HIS D 119 -3.13 -12.47 -33.91
N GLN D 120 -1.95 -12.42 -33.30
CA GLN D 120 -0.99 -13.51 -33.44
C GLN D 120 -1.58 -14.84 -32.99
N MET D 121 -2.33 -14.83 -31.88
CA MET D 121 -2.93 -16.08 -31.41
C MET D 121 -4.03 -16.56 -32.34
N GLU D 122 -4.84 -15.63 -32.85
CA GLU D 122 -5.85 -16.02 -33.84
C GLU D 122 -5.17 -16.64 -35.07
N LEU D 123 -4.10 -16.01 -35.55
CA LEU D 123 -3.36 -16.54 -36.69
C LEU D 123 -2.86 -17.95 -36.39
N LEU D 124 -2.36 -18.18 -35.17
CA LEU D 124 -1.86 -19.50 -34.82
C LEU D 124 -2.99 -20.52 -34.76
N ASP D 125 -4.20 -20.09 -34.39
CA ASP D 125 -5.34 -21.01 -34.45
C ASP D 125 -5.69 -21.37 -35.90
N TYR D 126 -5.63 -20.38 -36.80
CA TYR D 126 -5.80 -20.70 -38.21
C TYR D 126 -4.71 -21.66 -38.69
N VAL D 127 -3.47 -21.45 -38.24
CA VAL D 127 -2.37 -22.30 -38.65
C VAL D 127 -2.61 -23.74 -38.19
N ALA D 128 -3.02 -23.89 -36.92
CA ALA D 128 -3.35 -25.21 -36.40
C ALA D 128 -4.42 -25.90 -37.25
N ALA D 129 -5.47 -25.15 -37.61
CA ALA D 129 -6.51 -25.73 -38.44
C ALA D 129 -5.99 -26.15 -39.80
N LYS D 130 -5.16 -25.31 -40.41
CA LYS D 130 -4.63 -25.61 -41.73
C LYS D 130 -3.74 -26.84 -41.68
N PHE D 131 -2.82 -26.89 -40.71
CA PHE D 131 -2.00 -28.08 -40.54
C PHE D 131 -2.85 -29.33 -40.34
N HIS D 132 -3.98 -29.21 -39.65
CA HIS D 132 -4.80 -30.40 -39.45
C HIS D 132 -5.45 -30.83 -40.75
N GLU D 133 -5.84 -29.86 -41.59
CA GLU D 133 -6.55 -30.08 -42.84
C GLU D 133 -5.95 -31.22 -43.65
N GLU D 134 -4.63 -31.28 -43.73
CA GLU D 134 -3.96 -32.41 -44.38
C GLU D 134 -2.52 -32.42 -43.90
N ALA D 135 -2.20 -33.41 -43.06
CA ALA D 135 -0.86 -33.56 -42.51
C ALA D 135 0.15 -33.93 -43.58
N GLY D 136 1.41 -33.64 -43.30
CA GLY D 136 2.52 -33.91 -44.18
C GLY D 136 2.77 -32.89 -45.27
N ILE D 137 1.86 -31.94 -45.46
CA ILE D 137 2.11 -30.90 -46.45
C ILE D 137 3.04 -29.84 -45.88
N PHE D 138 2.71 -29.30 -44.72
CA PHE D 138 3.52 -28.30 -44.05
C PHE D 138 4.48 -28.95 -43.06
N LYS D 139 5.72 -28.47 -43.04
CA LYS D 139 6.73 -29.03 -42.16
C LYS D 139 7.31 -28.02 -41.15
N LEU D 140 7.12 -26.73 -41.38
CA LEU D 140 7.77 -25.69 -40.58
C LEU D 140 6.84 -24.51 -40.38
N LEU D 141 6.75 -24.03 -39.14
CA LEU D 141 6.07 -22.79 -38.81
C LEU D 141 7.09 -21.83 -38.22
N ILE D 142 7.25 -20.67 -38.85
CA ILE D 142 8.17 -19.64 -38.40
C ILE D 142 7.37 -18.47 -37.80
N ILE D 143 7.81 -17.99 -36.65
CA ILE D 143 7.26 -16.80 -36.01
C ILE D 143 8.39 -15.83 -35.71
N ASP D 144 8.46 -14.75 -36.47
CA ASP D 144 9.48 -13.71 -36.33
C ASP D 144 8.74 -12.40 -36.07
N SER D 145 8.60 -12.02 -34.80
CA SER D 145 9.16 -12.68 -33.63
C SER D 145 8.11 -13.17 -32.65
N ILE D 146 8.56 -13.90 -31.61
CA ILE D 146 7.65 -14.71 -30.82
C ILE D 146 6.84 -13.87 -29.85
N MET D 147 7.42 -12.82 -29.27
CA MET D 147 6.70 -12.10 -28.22
C MET D 147 6.93 -10.59 -28.25
N ALA D 148 7.36 -10.03 -29.39
CA ALA D 148 7.42 -8.58 -29.50
C ALA D 148 6.05 -7.96 -29.25
N LEU D 149 4.99 -8.58 -29.76
CA LEU D 149 3.66 -8.03 -29.60
C LEU D 149 3.15 -8.14 -28.17
N PHE D 150 3.66 -9.09 -27.40
CA PHE D 150 3.26 -9.19 -25.99
C PHE D 150 3.93 -8.09 -25.18
N ARG D 151 5.18 -7.75 -25.52
CA ARG D 151 5.81 -6.58 -24.94
C ARG D 151 5.07 -5.31 -25.33
N VAL D 152 4.58 -5.26 -26.58
CA VAL D 152 3.86 -4.08 -27.06
C VAL D 152 2.54 -3.90 -26.33
N ASP D 153 1.74 -4.97 -26.22
CA ASP D 153 0.38 -4.81 -25.72
C ASP D 153 0.31 -4.66 -24.21
N PHE D 154 1.38 -4.99 -23.47
CA PHE D 154 1.36 -4.85 -22.02
C PHE D 154 2.71 -4.26 -21.56
N SER D 155 2.91 -2.96 -21.81
CA SER D 155 4.21 -2.38 -21.52
C SER D 155 4.28 -1.79 -20.12
N GLY D 156 3.15 -1.30 -19.60
CA GLY D 156 3.12 -0.76 -18.26
C GLY D 156 3.10 -1.85 -17.21
N ARG D 157 3.58 -1.52 -16.01
CA ARG D 157 3.61 -2.53 -14.97
C ARG D 157 2.23 -2.71 -14.36
N GLY D 158 2.03 -3.88 -13.77
CA GLY D 158 0.79 -4.24 -13.11
C GLY D 158 -0.08 -5.16 -13.95
N GLU D 159 0.15 -5.18 -15.27
CA GLU D 159 -0.60 -6.01 -16.21
C GLU D 159 0.17 -7.28 -16.54
N LEU D 160 1.25 -7.56 -15.79
CA LEU D 160 2.14 -8.66 -16.13
C LEU D 160 1.47 -10.01 -15.99
N ALA D 161 0.55 -10.15 -15.03
CA ALA D 161 -0.16 -11.42 -14.85
C ALA D 161 -0.82 -11.86 -16.15
N GLU D 162 -1.62 -10.97 -16.75
CA GLU D 162 -2.29 -11.29 -18.00
C GLU D 162 -1.30 -11.53 -19.13
N ARG D 163 -0.21 -10.74 -19.17
CA ARG D 163 0.80 -10.95 -20.19
C ARG D 163 1.37 -12.36 -20.11
N GLN D 164 1.79 -12.77 -18.90
CA GLN D 164 2.36 -14.09 -18.70
C GLN D 164 1.35 -15.17 -19.02
N GLN D 165 0.08 -14.97 -18.64
CA GLN D 165 -0.95 -15.97 -18.92
C GLN D 165 -1.14 -16.14 -20.43
N LYS D 166 -1.29 -15.04 -21.15
CA LYS D 166 -1.44 -15.09 -22.60
C LYS D 166 -0.22 -15.72 -23.26
N LEU D 167 0.98 -15.37 -22.79
CA LEU D 167 2.21 -15.91 -23.37
C LEU D 167 2.28 -17.42 -23.14
N ALA D 168 2.00 -17.87 -21.92
CA ALA D 168 1.98 -19.29 -21.63
C ALA D 168 0.95 -20.01 -22.49
N GLN D 169 -0.23 -19.42 -22.65
CA GLN D 169 -1.27 -20.04 -23.48
C GLN D 169 -0.80 -20.19 -24.92
N MET D 170 -0.24 -19.12 -25.48
CA MET D 170 0.27 -19.17 -26.85
C MET D 170 1.35 -20.23 -26.99
N LEU D 171 2.28 -20.30 -26.03
CA LEU D 171 3.41 -21.21 -26.17
C LEU D 171 2.98 -22.65 -25.99
N SER D 172 2.00 -22.89 -25.11
CA SER D 172 1.45 -24.23 -24.97
C SER D 172 0.70 -24.66 -26.23
N ARG D 173 -0.01 -23.71 -26.85
CA ARG D 173 -0.65 -24.00 -28.13
C ARG D 173 0.38 -24.30 -29.20
N LEU D 174 1.51 -23.59 -29.18
CA LEU D 174 2.57 -23.84 -30.15
C LEU D 174 3.19 -25.22 -29.94
N GLN D 175 3.43 -25.59 -28.68
CA GLN D 175 3.89 -26.95 -28.38
C GLN D 175 2.92 -27.99 -28.91
N LYS D 176 1.62 -27.82 -28.61
CA LYS D 176 0.62 -28.77 -29.07
C LYS D 176 0.61 -28.85 -30.59
N ILE D 177 0.71 -27.71 -31.27
CA ILE D 177 0.74 -27.71 -32.73
C ILE D 177 1.94 -28.49 -33.23
N SER D 178 3.11 -28.23 -32.66
CA SER D 178 4.34 -28.88 -33.12
C SER D 178 4.28 -30.39 -32.92
N GLU D 179 3.74 -30.84 -31.78
CA GLU D 179 3.80 -32.26 -31.47
C GLU D 179 2.63 -33.06 -32.05
N GLU D 180 1.46 -32.43 -32.15
CA GLU D 180 0.29 -33.11 -32.70
C GLU D 180 0.39 -33.24 -34.21
N TYR D 181 0.91 -32.21 -34.89
CA TYR D 181 0.92 -32.18 -36.35
C TYR D 181 2.30 -32.47 -36.92
N ASN D 182 3.26 -32.83 -36.08
CA ASN D 182 4.62 -33.20 -36.49
C ASN D 182 5.21 -32.13 -37.41
N VAL D 183 5.33 -30.93 -36.86
CA VAL D 183 5.98 -29.81 -37.55
C VAL D 183 7.05 -29.23 -36.64
N ALA D 184 8.11 -28.71 -37.26
CA ALA D 184 9.08 -27.91 -36.55
C ALA D 184 8.56 -26.49 -36.39
N VAL D 185 8.72 -25.93 -35.19
CA VAL D 185 8.35 -24.54 -34.95
C VAL D 185 9.64 -23.76 -34.66
N PHE D 186 9.93 -22.78 -35.51
CA PHE D 186 11.08 -21.90 -35.34
C PHE D 186 10.58 -20.49 -35.07
N VAL D 187 11.12 -19.88 -34.01
CA VAL D 187 10.71 -18.54 -33.59
C VAL D 187 11.95 -17.72 -33.31
N THR D 188 11.85 -16.41 -33.55
CA THR D 188 12.91 -15.49 -33.18
C THR D 188 12.51 -14.69 -31.93
N ASN D 189 13.51 -14.15 -31.24
CA ASN D 189 13.27 -13.45 -29.99
C ASN D 189 14.34 -12.37 -29.78
N GLN D 190 13.96 -11.35 -29.00
CA GLN D 190 14.86 -10.25 -28.67
C GLN D 190 15.56 -10.51 -27.33
N MET D 191 16.52 -9.64 -27.02
CA MET D 191 17.27 -9.68 -25.77
C MET D 191 17.12 -8.37 -25.01
N THR D 192 17.42 -8.42 -23.72
CA THR D 192 17.32 -7.24 -22.87
C THR D 192 18.43 -7.21 -21.83
N PRO D 208 17.93 -13.04 -22.80
CA PRO D 208 16.71 -13.17 -23.60
C PRO D 208 15.45 -12.88 -22.79
N ILE D 209 14.48 -12.21 -23.41
CA ILE D 209 13.25 -11.85 -22.73
C ILE D 209 12.36 -13.07 -22.60
N GLY D 210 11.40 -12.99 -21.67
CA GLY D 210 10.45 -14.08 -21.46
C GLY D 210 10.63 -14.78 -20.13
N GLY D 211 11.88 -15.04 -19.76
CA GLY D 211 12.16 -15.67 -18.48
C GLY D 211 11.98 -17.17 -18.48
N HIS D 212 11.38 -17.70 -17.42
CA HIS D 212 11.19 -19.14 -17.29
C HIS D 212 10.21 -19.68 -18.32
N ILE D 213 9.16 -18.91 -18.63
CA ILE D 213 8.09 -19.40 -19.49
C ILE D 213 8.64 -19.77 -20.87
N LEU D 214 9.34 -18.82 -21.50
CA LEU D 214 9.85 -19.08 -22.84
C LEU D 214 11.00 -20.08 -22.82
N ALA D 215 11.83 -20.05 -21.77
CA ALA D 215 12.90 -21.04 -21.66
C ALA D 215 12.32 -22.46 -21.62
N HIS D 216 11.25 -22.66 -20.85
CA HIS D 216 10.67 -24.00 -20.76
C HIS D 216 9.96 -24.37 -22.05
N ALA D 217 9.24 -23.42 -22.66
CA ALA D 217 8.44 -23.73 -23.83
C ALA D 217 9.32 -24.15 -25.00
N SER D 218 10.46 -23.48 -25.16
CA SER D 218 11.35 -23.79 -26.27
C SER D 218 12.11 -25.07 -25.94
N THR D 219 12.16 -26.00 -26.91
CA THR D 219 12.95 -27.20 -26.71
C THR D 219 14.41 -26.98 -27.03
N THR D 220 14.71 -26.09 -27.99
CA THR D 220 16.09 -25.75 -28.32
C THR D 220 16.21 -24.23 -28.40
N ARG D 221 17.25 -23.68 -27.77
CA ARG D 221 17.46 -22.24 -27.78
C ARG D 221 18.86 -21.93 -28.31
N ILE D 222 18.93 -21.00 -29.27
CA ILE D 222 20.14 -20.70 -30.01
C ILE D 222 20.41 -19.20 -29.86
N SER D 223 21.58 -18.87 -29.35
CA SER D 223 22.06 -17.49 -29.33
C SER D 223 22.89 -17.26 -30.58
N LEU D 224 22.57 -16.21 -31.33
CA LEU D 224 23.29 -15.85 -32.54
C LEU D 224 24.04 -14.55 -32.27
N ARG D 225 25.32 -14.53 -32.66
CA ARG D 225 26.13 -13.34 -32.47
C ARG D 225 27.12 -13.21 -33.63
N LYS D 226 27.70 -12.01 -33.75
CA LYS D 226 28.64 -11.75 -34.83
C LYS D 226 30.01 -12.34 -34.52
N GLY D 227 30.64 -12.92 -35.53
CA GLY D 227 31.98 -13.44 -35.40
C GLY D 227 32.99 -12.54 -36.07
N ARG D 228 34.10 -13.13 -36.51
CA ARG D 228 35.10 -12.36 -37.24
C ARG D 228 34.56 -11.99 -38.62
N GLY D 229 34.79 -10.75 -39.01
CA GLY D 229 34.33 -10.29 -40.32
C GLY D 229 32.87 -10.55 -40.57
N GLU D 230 32.56 -11.39 -41.55
CA GLU D 230 31.19 -11.72 -41.92
C GLU D 230 30.70 -13.02 -41.31
N LEU D 231 31.47 -13.63 -40.41
CA LEU D 231 31.04 -14.89 -39.82
C LEU D 231 30.06 -14.63 -38.66
N ARG D 232 29.24 -15.65 -38.39
CA ARG D 232 28.28 -15.65 -37.30
C ARG D 232 28.52 -16.86 -36.42
N ILE D 233 27.99 -16.78 -35.19
CA ILE D 233 28.18 -17.79 -34.17
C ILE D 233 26.83 -18.20 -33.61
N ALA D 234 26.56 -19.50 -33.59
CA ALA D 234 25.38 -20.08 -32.97
C ALA D 234 25.80 -20.83 -31.71
N LYS D 235 25.04 -20.67 -30.63
CA LYS D 235 25.37 -21.31 -29.36
C LYS D 235 24.11 -21.85 -28.72
N ILE D 236 24.26 -22.91 -27.92
CA ILE D 236 23.15 -23.42 -27.12
C ILE D 236 23.01 -22.55 -25.87
N TYR D 237 21.84 -21.95 -25.68
CA TYR D 237 21.68 -21.00 -24.59
C TYR D 237 21.74 -21.72 -23.24
N ASP D 238 22.36 -21.06 -22.26
CA ASP D 238 22.45 -21.54 -20.88
C ASP D 238 23.25 -22.84 -20.79
N SER D 239 24.04 -23.14 -21.81
CA SER D 239 24.91 -24.30 -21.86
C SER D 239 26.31 -23.92 -21.43
N PRO D 240 27.13 -24.90 -21.02
CA PRO D 240 28.49 -24.60 -20.60
C PRO D 240 29.29 -23.92 -21.72
N GLU D 241 30.30 -23.15 -21.31
CA GLU D 241 31.12 -22.41 -22.26
C GLU D 241 32.11 -23.40 -22.84
N MET D 242 31.70 -24.06 -23.93
CA MET D 242 32.52 -25.08 -24.55
C MET D 242 32.33 -25.02 -26.06
N PRO D 243 33.34 -25.42 -26.84
CA PRO D 243 33.23 -25.24 -28.29
C PRO D 243 32.16 -26.11 -28.91
N GLU D 244 31.98 -27.35 -28.41
CA GLU D 244 31.01 -28.25 -29.01
C GLU D 244 29.61 -27.65 -28.98
N ASN D 245 29.30 -26.85 -27.96
CA ASN D 245 28.02 -26.19 -27.85
C ASN D 245 27.96 -24.91 -28.70
N GLU D 246 28.93 -24.72 -29.58
CA GLU D 246 28.99 -23.56 -30.46
C GLU D 246 29.29 -24.02 -31.88
N ALA D 247 28.86 -23.20 -32.84
CA ALA D 247 29.11 -23.48 -34.25
C ALA D 247 29.33 -22.18 -34.99
N THR D 248 30.26 -22.21 -35.95
CA THR D 248 30.52 -21.07 -36.81
C THR D 248 29.79 -21.28 -38.13
N PHE D 249 29.14 -20.23 -38.63
CA PHE D 249 28.51 -20.27 -39.93
C PHE D 249 28.67 -18.92 -40.62
N ALA D 250 28.37 -18.88 -41.91
CA ALA D 250 28.49 -17.66 -42.70
C ALA D 250 27.15 -17.26 -43.29
N ILE D 251 27.05 -15.97 -43.61
CA ILE D 251 25.87 -15.40 -44.25
C ILE D 251 26.27 -14.91 -45.64
N THR D 252 25.50 -15.31 -46.64
CA THR D 252 25.74 -14.91 -48.02
C THR D 252 24.41 -14.52 -48.64
N ALA D 253 24.45 -14.04 -49.88
CA ALA D 253 23.21 -13.79 -50.60
C ALA D 253 22.36 -15.05 -50.72
N GLY D 254 23.00 -16.21 -50.70
CA GLY D 254 22.33 -17.49 -50.72
C GLY D 254 21.85 -17.97 -49.37
N GLY D 255 21.99 -17.15 -48.33
CA GLY D 255 21.48 -17.48 -47.02
C GLY D 255 22.56 -17.98 -46.08
N ILE D 256 22.11 -18.76 -45.09
CA ILE D 256 23.01 -19.38 -44.14
C ILE D 256 23.82 -20.48 -44.82
N GLY D 257 25.12 -20.53 -44.53
CA GLY D 257 25.96 -21.55 -45.10
C GLY D 257 27.18 -21.81 -44.24
N ASP D 258 28.07 -22.63 -44.76
CA ASP D 258 29.30 -22.96 -44.06
C ASP D 258 30.32 -21.82 -44.17
N GLY E 5 -6.56 -15.20 -44.21
CA GLY E 5 -5.71 -14.16 -43.66
C GLY E 5 -4.25 -14.28 -44.09
N PHE E 6 -3.97 -15.30 -44.90
CA PHE E 6 -2.61 -15.58 -45.36
C PHE E 6 -2.48 -15.32 -46.85
N LEU E 7 -1.30 -14.87 -47.25
CA LEU E 7 -0.92 -14.80 -48.66
C LEU E 7 0.23 -15.76 -48.92
N THR E 8 0.33 -16.23 -50.16
CA THR E 8 1.54 -16.89 -50.59
C THR E 8 2.69 -15.88 -50.65
N ALA E 9 3.92 -16.39 -50.56
CA ALA E 9 5.08 -15.51 -50.69
C ALA E 9 5.08 -14.83 -52.05
N PHE E 10 4.52 -15.49 -53.07
CA PHE E 10 4.45 -14.90 -54.40
C PHE E 10 3.51 -13.70 -54.40
N GLU E 11 2.30 -13.88 -53.86
CA GLU E 11 1.36 -12.76 -53.75
C GLU E 11 1.96 -11.61 -52.95
N TYR E 12 2.65 -11.91 -51.84
CA TYR E 12 3.26 -10.84 -51.07
C TYR E 12 4.37 -10.15 -51.86
N SER E 13 5.15 -10.91 -52.62
CA SER E 13 6.16 -10.29 -53.48
C SER E 13 5.52 -9.34 -54.49
N GLU E 14 4.44 -9.80 -55.14
CA GLU E 14 3.70 -8.95 -56.06
C GLU E 14 3.19 -7.69 -55.37
N LYS E 15 2.74 -7.82 -54.12
CA LYS E 15 2.26 -6.67 -53.37
C LYS E 15 3.39 -5.70 -53.07
N ARG E 16 4.56 -6.22 -52.69
CA ARG E 16 5.68 -5.36 -52.35
C ARG E 16 6.32 -4.72 -53.58
N LYS E 17 6.13 -5.32 -54.76
CA LYS E 17 6.66 -4.71 -55.97
C LYS E 17 6.04 -3.33 -56.22
N MET E 18 4.88 -3.06 -55.62
CA MET E 18 4.20 -1.79 -55.74
C MET E 18 4.65 -0.76 -54.72
N VAL E 19 5.62 -1.10 -53.87
CA VAL E 19 6.13 -0.15 -52.89
C VAL E 19 6.87 0.97 -53.60
N PHE E 20 6.70 2.19 -53.11
CA PHE E 20 7.31 3.38 -53.68
C PHE E 20 7.97 4.19 -52.58
N HIS E 21 8.74 5.20 -52.99
CA HIS E 21 9.38 6.13 -52.06
C HIS E 21 9.02 7.55 -52.47
N ILE E 22 8.83 8.41 -51.47
CA ILE E 22 8.55 9.82 -51.68
C ILE E 22 9.76 10.62 -51.25
N THR E 23 10.35 11.37 -52.18
CA THR E 23 11.54 12.14 -51.89
C THR E 23 11.28 13.16 -50.78
N THR E 24 12.26 13.32 -49.88
CA THR E 24 12.19 14.33 -48.84
C THR E 24 12.53 15.73 -49.33
N GLY E 25 13.04 15.86 -50.55
CA GLY E 25 13.62 17.10 -51.03
C GLY E 25 15.12 17.20 -50.85
N SER E 26 15.72 16.28 -50.09
CA SER E 26 17.16 16.25 -49.86
C SER E 26 17.71 14.94 -50.39
N GLN E 27 18.73 15.03 -51.23
CA GLN E 27 19.33 13.83 -51.81
C GLN E 27 19.96 12.96 -50.73
N GLU E 28 20.71 13.57 -49.81
CA GLU E 28 21.36 12.80 -48.76
C GLU E 28 20.34 12.16 -47.82
N PHE E 29 19.31 12.91 -47.43
CA PHE E 29 18.23 12.34 -46.64
C PHE E 29 17.58 11.16 -47.37
N ASP E 30 17.35 11.31 -48.68
CA ASP E 30 16.76 10.23 -49.45
C ASP E 30 17.64 8.99 -49.43
N LYS E 31 18.95 9.18 -49.64
CA LYS E 31 19.87 8.05 -49.53
C LYS E 31 19.78 7.40 -48.15
N LEU E 32 19.72 8.23 -47.11
CA LEU E 32 19.56 7.72 -45.75
C LEU E 32 18.31 6.85 -45.62
N LEU E 33 17.25 7.20 -46.34
CA LEU E 33 15.99 6.49 -46.24
C LEU E 33 15.84 5.41 -47.31
N GLY E 34 16.84 5.21 -48.16
CA GLY E 34 16.71 4.25 -49.24
C GLY E 34 15.85 4.71 -50.38
N GLY E 35 15.70 6.01 -50.57
CA GLY E 35 14.92 6.57 -51.67
C GLY E 35 13.98 7.65 -51.20
N GLY E 36 13.60 7.62 -49.93
CA GLY E 36 12.69 8.57 -49.34
C GLY E 36 11.74 7.89 -48.40
N ILE E 37 10.63 8.58 -48.10
CA ILE E 37 9.61 8.03 -47.21
C ILE E 37 8.94 6.84 -47.90
N GLU E 38 8.98 5.69 -47.25
CA GLU E 38 8.60 4.44 -47.88
C GLU E 38 7.14 4.14 -47.61
N SER E 39 6.45 3.61 -48.64
CA SER E 39 5.07 3.19 -48.46
C SER E 39 5.01 1.83 -47.79
N MET E 40 3.81 1.46 -47.35
CA MET E 40 3.59 0.25 -46.56
C MET E 40 4.44 0.28 -45.28
N ALA E 41 4.63 1.46 -44.71
CA ALA E 41 5.47 1.60 -43.53
C ALA E 41 5.17 2.92 -42.84
N ILE E 42 5.50 2.95 -41.55
CA ILE E 42 5.48 4.17 -40.74
C ILE E 42 6.91 4.67 -40.54
N THR E 43 7.11 5.95 -40.83
CA THR E 43 8.35 6.66 -40.57
C THR E 43 8.06 7.74 -39.52
N GLU E 44 8.83 7.73 -38.45
CA GLU E 44 8.67 8.61 -37.31
C GLU E 44 9.85 9.57 -37.28
N ALA E 45 9.57 10.85 -37.11
CA ALA E 45 10.62 11.87 -36.98
C ALA E 45 10.45 12.56 -35.64
N PHE E 46 11.52 12.61 -34.86
CA PHE E 46 11.47 13.25 -33.55
C PHE E 46 12.71 14.10 -33.36
N GLY E 47 12.58 15.12 -32.52
CA GLY E 47 13.68 16.02 -32.25
C GLY E 47 13.19 17.21 -31.44
N GLU E 48 14.12 18.11 -31.19
CA GLU E 48 13.81 19.32 -30.44
C GLU E 48 13.17 20.37 -31.36
N PHE E 49 12.92 21.55 -30.79
CA PHE E 49 12.25 22.61 -31.53
C PHE E 49 13.16 23.14 -32.64
N ARG E 50 12.56 23.42 -33.80
CA ARG E 50 13.27 23.97 -34.95
C ARG E 50 14.36 23.01 -35.45
N THR E 51 14.05 21.71 -35.46
CA THR E 51 14.94 20.72 -36.04
C THR E 51 14.53 20.27 -37.45
N GLY E 52 13.30 20.57 -37.87
CA GLY E 52 12.91 20.27 -39.23
C GLY E 52 11.64 19.47 -39.39
N LYS E 53 11.05 19.04 -38.27
CA LYS E 53 9.85 18.20 -38.33
C LYS E 53 8.75 18.87 -39.15
N THR E 54 8.44 20.12 -38.85
CA THR E 54 7.35 20.80 -39.55
C THR E 54 7.74 21.10 -41.00
N GLN E 55 8.99 21.49 -41.22
CA GLN E 55 9.46 21.73 -42.58
C GLN E 55 9.42 20.45 -43.40
N LEU E 56 9.77 19.33 -42.78
CA LEU E 56 9.72 18.04 -43.48
C LEU E 56 8.29 17.65 -43.79
N SER E 57 7.39 17.82 -42.82
CA SER E 57 5.98 17.54 -43.05
C SER E 57 5.44 18.32 -44.24
N HIS E 58 5.72 19.62 -44.28
CA HIS E 58 5.19 20.45 -45.37
C HIS E 58 5.87 20.09 -46.70
N THR E 59 7.19 19.85 -46.67
CA THR E 59 7.86 19.47 -47.90
C THR E 59 7.25 18.19 -48.46
N LEU E 60 7.01 17.19 -47.59
CA LEU E 60 6.39 15.97 -48.09
C LEU E 60 4.98 16.24 -48.59
N CYS E 61 4.28 17.20 -47.96
CA CYS E 61 2.96 17.61 -48.41
C CYS E 61 2.98 18.10 -49.84
N VAL E 62 4.12 18.64 -50.27
CA VAL E 62 4.24 19.12 -51.65
C VAL E 62 4.81 18.05 -52.57
N THR E 63 5.88 17.38 -52.13
CA THR E 63 6.59 16.43 -52.97
C THR E 63 5.75 15.18 -53.27
N ALA E 64 4.81 14.82 -52.38
CA ALA E 64 3.96 13.67 -52.67
C ALA E 64 3.07 13.88 -53.89
N GLN E 65 2.90 15.13 -54.34
CA GLN E 65 2.07 15.42 -55.49
C GLN E 65 2.85 15.43 -56.79
N LEU E 66 4.18 15.30 -56.72
CA LEU E 66 5.04 15.45 -57.89
C LEU E 66 5.47 14.07 -58.42
N PRO E 67 5.46 13.89 -59.73
CA PRO E 67 6.07 12.69 -60.32
C PRO E 67 7.53 12.56 -59.90
N GLY E 68 7.94 11.32 -59.64
CA GLY E 68 9.26 11.07 -59.10
C GLY E 68 9.91 9.79 -59.59
N ALA E 69 10.99 9.40 -58.93
CA ALA E 69 11.77 8.23 -59.34
C ALA E 69 10.96 6.95 -59.20
N GLY E 70 11.39 5.92 -59.93
CA GLY E 70 10.74 4.62 -59.87
C GLY E 70 9.31 4.61 -60.36
N GLY E 71 8.94 5.54 -61.24
CA GLY E 71 7.59 5.55 -61.75
C GLY E 71 6.55 6.08 -60.80
N TYR E 72 6.96 6.77 -59.74
CA TYR E 72 6.02 7.34 -58.79
C TYR E 72 5.18 8.41 -59.47
N PRO E 73 3.84 8.29 -59.49
CA PRO E 73 3.02 9.24 -60.24
C PRO E 73 2.56 10.46 -59.45
N GLY E 74 2.80 10.52 -58.15
CA GLY E 74 2.21 11.56 -57.34
C GLY E 74 0.79 11.26 -56.91
N GLY E 75 0.36 11.94 -55.86
CA GLY E 75 -0.98 11.72 -55.34
C GLY E 75 -1.33 12.70 -54.24
N LYS E 76 -2.38 12.38 -53.50
CA LYS E 76 -2.90 13.26 -52.46
C LYS E 76 -2.37 12.89 -51.08
N ILE E 77 -2.60 13.79 -50.13
CA ILE E 77 -2.03 13.72 -48.79
C ILE E 77 -3.14 14.00 -47.79
N ILE E 78 -3.11 13.32 -46.65
CA ILE E 78 -3.97 13.63 -45.52
C ILE E 78 -3.10 14.07 -44.35
N PHE E 79 -3.47 15.18 -43.72
CA PHE E 79 -2.68 15.80 -42.66
C PHE E 79 -3.56 15.98 -41.43
N ILE E 80 -3.23 15.28 -40.35
CA ILE E 80 -3.90 15.44 -39.07
C ILE E 80 -2.97 16.23 -38.16
N ASP E 81 -3.49 17.34 -37.62
CA ASP E 81 -2.68 18.34 -36.93
C ASP E 81 -3.14 18.42 -35.48
N THR E 82 -2.30 17.96 -34.57
CA THR E 82 -2.57 18.07 -33.14
C THR E 82 -1.85 19.24 -32.49
N GLU E 83 -0.94 19.91 -33.21
CA GLU E 83 -0.09 20.95 -32.64
C GLU E 83 -0.46 22.36 -33.09
N ASN E 84 -1.40 22.51 -34.02
CA ASN E 84 -1.79 23.82 -34.56
C ASN E 84 -0.63 24.49 -35.30
N THR E 85 0.09 23.69 -36.09
CA THR E 85 1.30 24.15 -36.77
C THR E 85 1.20 24.14 -38.29
N PHE E 86 0.16 23.52 -38.85
CA PHE E 86 0.03 23.47 -40.31
C PHE E 86 -0.23 24.87 -40.85
N ARG E 87 0.54 25.25 -41.86
CA ARG E 87 0.45 26.57 -42.47
C ARG E 87 0.49 26.42 -43.98
N PRO E 88 -0.65 26.56 -44.66
CA PRO E 88 -0.66 26.49 -46.13
C PRO E 88 0.34 27.40 -46.80
N ASP E 89 0.68 28.54 -46.20
CA ASP E 89 1.59 29.48 -46.84
C ASP E 89 2.97 28.86 -47.04
N ARG E 90 3.42 28.01 -46.11
CA ARG E 90 4.64 27.26 -46.36
C ARG E 90 4.50 26.43 -47.62
N LEU E 91 3.33 25.80 -47.82
CA LEU E 91 3.13 25.01 -49.02
C LEU E 91 3.15 25.89 -50.24
N ARG E 92 2.70 27.13 -50.11
CA ARG E 92 2.74 28.09 -51.21
C ARG E 92 4.17 28.39 -51.61
N ASP E 93 5.02 28.63 -50.61
CA ASP E 93 6.44 28.89 -50.88
C ASP E 93 7.13 27.68 -51.51
N ILE E 94 6.82 26.47 -51.01
CA ILE E 94 7.46 25.29 -51.56
C ILE E 94 6.98 25.03 -52.98
N ALA E 95 5.69 25.23 -53.24
CA ALA E 95 5.18 25.12 -54.60
C ALA E 95 5.88 26.11 -55.52
N ASP E 96 6.07 27.35 -55.06
CA ASP E 96 6.82 28.33 -55.84
C ASP E 96 8.20 27.79 -56.17
N ARG E 97 8.90 27.26 -55.17
CA ARG E 97 10.23 26.69 -55.40
C ARG E 97 10.19 25.63 -56.48
N PHE E 98 9.22 24.72 -56.41
CA PHE E 98 9.11 23.62 -57.37
C PHE E 98 8.30 23.98 -58.62
N ASN E 99 7.89 25.25 -58.77
CA ASN E 99 7.24 25.72 -59.99
C ASN E 99 5.96 24.94 -60.29
N VAL E 100 5.07 24.87 -59.30
CA VAL E 100 3.77 24.21 -59.46
C VAL E 100 2.70 25.12 -58.88
N ASP E 101 1.47 24.96 -59.40
CA ASP E 101 0.38 25.84 -59.03
C ASP E 101 0.01 25.69 -57.56
N HIS E 102 -0.34 26.83 -56.93
CA HIS E 102 -0.73 26.84 -55.53
C HIS E 102 -2.04 26.09 -55.30
N ASP E 103 -3.09 26.47 -56.05
CA ASP E 103 -4.42 25.94 -55.81
C ASP E 103 -4.51 24.45 -56.05
N ALA E 104 -3.75 23.92 -57.02
CA ALA E 104 -3.72 22.48 -57.21
C ALA E 104 -3.12 21.77 -56.01
N VAL E 105 -2.00 22.30 -55.49
CA VAL E 105 -1.40 21.72 -54.29
C VAL E 105 -2.40 21.75 -53.14
N LEU E 106 -3.07 22.89 -52.95
CA LEU E 106 -3.98 23.03 -51.81
C LEU E 106 -5.22 22.16 -51.97
N ASP E 107 -5.60 21.85 -53.20
CA ASP E 107 -6.77 21.01 -53.44
C ASP E 107 -6.48 19.53 -53.20
N ASN E 108 -5.21 19.12 -53.25
CA ASN E 108 -4.84 17.72 -53.13
C ASN E 108 -4.44 17.33 -51.70
N VAL E 109 -4.59 18.23 -50.74
CA VAL E 109 -4.30 17.94 -49.33
C VAL E 109 -5.59 18.06 -48.54
N LEU E 110 -5.98 16.97 -47.88
CA LEU E 110 -7.09 16.96 -46.93
C LEU E 110 -6.52 17.14 -45.54
N TYR E 111 -7.21 17.94 -44.72
CA TYR E 111 -6.64 18.41 -43.47
C TYR E 111 -7.68 18.31 -42.36
N ALA E 112 -7.23 17.89 -41.17
CA ALA E 112 -8.10 17.87 -40.00
C ALA E 112 -7.28 18.09 -38.74
N ARG E 113 -7.81 18.88 -37.82
CA ARG E 113 -7.26 18.99 -36.48
C ARG E 113 -7.80 17.88 -35.59
N ALA E 114 -6.95 17.34 -34.73
CA ALA E 114 -7.37 16.44 -33.67
C ALA E 114 -7.17 17.12 -32.33
N TYR E 115 -8.22 17.11 -31.50
CA TYR E 115 -8.17 17.76 -30.19
C TYR E 115 -8.11 16.79 -29.02
N THR E 116 -8.40 15.50 -29.25
CA THR E 116 -8.30 14.47 -28.23
C THR E 116 -7.82 13.19 -28.90
N SER E 117 -7.33 12.25 -28.09
CA SER E 117 -6.88 10.98 -28.64
C SER E 117 -8.04 10.19 -29.23
N GLU E 118 -9.21 10.22 -28.58
CA GLU E 118 -10.39 9.58 -29.15
C GLU E 118 -10.78 10.23 -30.46
N HIS E 119 -10.71 11.56 -30.53
CA HIS E 119 -10.95 12.26 -31.79
C HIS E 119 -9.93 11.86 -32.84
N GLN E 120 -8.67 11.75 -32.46
CA GLN E 120 -7.63 11.34 -33.40
C GLN E 120 -7.92 9.96 -33.96
N MET E 121 -8.35 9.03 -33.12
CA MET E 121 -8.65 7.68 -33.60
C MET E 121 -9.87 7.67 -34.50
N GLU E 122 -10.92 8.44 -34.15
CA GLU E 122 -12.06 8.55 -35.05
C GLU E 122 -11.63 9.12 -36.39
N LEU E 123 -10.76 10.14 -36.38
CA LEU E 123 -10.27 10.72 -37.63
C LEU E 123 -9.52 9.67 -38.44
N LEU E 124 -8.75 8.81 -37.76
CA LEU E 124 -8.02 7.78 -38.49
C LEU E 124 -8.96 6.74 -39.06
N ASP E 125 -10.09 6.48 -38.39
CA ASP E 125 -11.10 5.61 -38.97
C ASP E 125 -11.72 6.22 -40.21
N TYR E 126 -11.96 7.54 -40.20
CA TYR E 126 -12.43 8.21 -41.40
C TYR E 126 -11.37 8.15 -42.50
N VAL E 127 -10.10 8.26 -42.12
CA VAL E 127 -9.03 8.18 -43.10
C VAL E 127 -9.02 6.81 -43.76
N ALA E 128 -9.13 5.75 -42.95
CA ALA E 128 -9.23 4.39 -43.47
C ALA E 128 -10.39 4.26 -44.45
N ALA E 129 -11.54 4.86 -44.11
CA ALA E 129 -12.69 4.82 -45.00
C ALA E 129 -12.39 5.54 -46.30
N LYS E 130 -11.75 6.70 -46.22
CA LYS E 130 -11.46 7.49 -47.42
C LYS E 130 -10.50 6.73 -48.33
N PHE E 131 -9.38 6.24 -47.77
CA PHE E 131 -8.46 5.40 -48.53
C PHE E 131 -9.19 4.24 -49.19
N HIS E 132 -10.16 3.63 -48.48
CA HIS E 132 -10.84 2.46 -49.06
C HIS E 132 -11.76 2.88 -50.20
N GLU E 133 -12.34 4.08 -50.12
CA GLU E 133 -13.25 4.57 -51.16
C GLU E 133 -12.70 4.36 -52.56
N GLU E 134 -11.42 4.66 -52.77
CA GLU E 134 -10.76 4.36 -54.04
C GLU E 134 -9.26 4.29 -53.79
N ALA E 135 -8.70 3.09 -53.83
CA ALA E 135 -7.27 2.91 -53.59
C ALA E 135 -6.45 3.55 -54.70
N GLY E 136 -5.19 3.84 -54.37
CA GLY E 136 -4.26 4.44 -55.31
C GLY E 136 -4.37 5.94 -55.46
N ILE E 137 -5.38 6.57 -54.87
CA ILE E 137 -5.50 8.02 -54.96
C ILE E 137 -4.57 8.70 -53.96
N PHE E 138 -4.63 8.28 -52.69
CA PHE E 138 -3.80 8.85 -51.65
C PHE E 138 -2.53 8.04 -51.47
N LYS E 139 -1.40 8.74 -51.30
CA LYS E 139 -0.12 8.08 -51.14
C LYS E 139 0.56 8.35 -49.79
N LEU E 140 0.13 9.37 -49.06
CA LEU E 140 0.83 9.80 -47.86
C LEU E 140 -0.17 10.22 -46.79
N LEU E 141 0.02 9.73 -45.57
CA LEU E 141 -0.69 10.20 -44.39
C LEU E 141 0.32 10.79 -43.41
N ILE E 142 0.12 12.05 -43.03
CA ILE E 142 0.98 12.74 -42.08
C ILE E 142 0.21 12.95 -40.78
N ILE E 143 0.84 12.61 -39.66
CA ILE E 143 0.32 12.89 -38.32
C ILE E 143 1.35 13.69 -37.53
N ASP E 144 1.07 14.97 -37.33
CA ASP E 144 1.94 15.91 -36.61
C ASP E 144 1.11 16.47 -35.46
N SER E 145 1.20 15.85 -34.28
CA SER E 145 2.09 14.76 -33.92
C SER E 145 1.34 13.52 -33.46
N ILE E 146 2.09 12.43 -33.25
CA ILE E 146 1.49 11.10 -33.17
C ILE E 146 0.83 10.86 -31.81
N MET E 147 1.42 11.35 -30.72
CA MET E 147 0.87 11.00 -29.41
C MET E 147 0.91 12.15 -28.40
N ALA E 148 1.00 13.40 -28.86
CA ALA E 148 0.82 14.52 -27.94
C ALA E 148 -0.51 14.43 -27.20
N LEU E 149 -1.58 14.09 -27.92
CA LEU E 149 -2.90 14.04 -27.30
C LEU E 149 -3.03 12.88 -26.33
N PHE E 150 -2.25 11.81 -26.50
CA PHE E 150 -2.27 10.74 -25.52
C PHE E 150 -1.53 11.14 -24.24
N ARG E 151 -0.43 11.89 -24.38
CA ARG E 151 0.18 12.52 -23.22
C ARG E 151 -0.81 13.43 -22.51
N VAL E 152 -1.59 14.19 -23.26
CA VAL E 152 -2.52 15.15 -22.67
C VAL E 152 -3.65 14.42 -21.93
N ASP E 153 -4.29 13.46 -22.60
CA ASP E 153 -5.50 12.84 -22.07
C ASP E 153 -5.21 11.84 -20.96
N PHE E 154 -3.96 11.41 -20.80
CA PHE E 154 -3.58 10.46 -19.75
C PHE E 154 -2.25 10.93 -19.15
N SER E 155 -2.29 12.04 -18.42
CA SER E 155 -1.08 12.61 -17.85
C SER E 155 -0.81 12.10 -16.43
N GLY E 156 -1.85 11.81 -15.67
CA GLY E 156 -1.67 11.22 -14.35
C GLY E 156 -1.50 9.71 -14.43
N ARG E 157 -0.63 9.20 -13.56
CA ARG E 157 -0.41 7.77 -13.50
C ARG E 157 -1.59 7.07 -12.83
N GLY E 158 -1.73 5.78 -13.11
CA GLY E 158 -2.92 5.03 -12.78
C GLY E 158 -3.84 4.82 -13.96
N GLU E 159 -3.82 5.74 -14.92
CA GLU E 159 -4.47 5.58 -16.21
C GLU E 159 -3.47 5.19 -17.29
N LEU E 160 -2.24 4.87 -16.90
CA LEU E 160 -1.20 4.54 -17.88
C LEU E 160 -1.56 3.28 -18.67
N ALA E 161 -2.17 2.30 -18.01
CA ALA E 161 -2.60 1.08 -18.69
C ALA E 161 -3.50 1.41 -19.89
N GLU E 162 -4.52 2.24 -19.65
CA GLU E 162 -5.44 2.61 -20.73
C GLU E 162 -4.74 3.43 -21.80
N ARG E 163 -3.81 4.30 -21.39
CA ARG E 163 -3.04 5.06 -22.38
C ARG E 163 -2.26 4.12 -23.29
N GLN E 164 -1.54 3.15 -22.71
CA GLN E 164 -0.76 2.22 -23.51
C GLN E 164 -1.66 1.39 -24.42
N GLN E 165 -2.82 0.97 -23.92
CA GLN E 165 -3.73 0.16 -24.72
C GLN E 165 -4.27 0.95 -25.91
N LYS E 166 -4.73 2.18 -25.66
CA LYS E 166 -5.23 3.03 -26.75
C LYS E 166 -4.12 3.33 -27.75
N LEU E 167 -2.91 3.61 -27.27
CA LEU E 167 -1.79 3.90 -28.16
C LEU E 167 -1.47 2.70 -29.04
N ALA E 168 -1.37 1.51 -28.44
CA ALA E 168 -1.11 0.32 -29.22
C ALA E 168 -2.20 0.09 -30.26
N GLN E 169 -3.47 0.28 -29.87
CA GLN E 169 -4.57 0.09 -30.81
C GLN E 169 -4.47 1.04 -31.99
N MET E 170 -4.19 2.33 -31.70
CA MET E 170 -4.05 3.31 -32.77
C MET E 170 -2.89 2.96 -33.68
N LEU E 171 -1.77 2.50 -33.11
CA LEU E 171 -0.59 2.26 -33.93
C LEU E 171 -0.75 1.00 -34.76
N SER E 172 -1.45 -0.01 -34.23
CA SER E 172 -1.76 -1.19 -35.03
C SER E 172 -2.72 -0.84 -36.17
N ARG E 173 -3.69 0.03 -35.90
CA ARG E 173 -4.55 0.52 -36.97
C ARG E 173 -3.74 1.26 -38.03
N LEU E 174 -2.78 2.09 -37.60
CA LEU E 174 -1.94 2.81 -38.56
C LEU E 174 -1.13 1.85 -39.42
N GLN E 175 -0.51 0.86 -38.78
CA GLN E 175 0.21 -0.17 -39.52
C GLN E 175 -0.66 -0.85 -40.56
N LYS E 176 -1.86 -1.30 -40.14
CA LYS E 176 -2.76 -1.98 -41.06
C LYS E 176 -3.18 -1.07 -42.20
N ILE E 177 -3.40 0.21 -41.92
CA ILE E 177 -3.74 1.17 -42.97
C ILE E 177 -2.60 1.30 -43.96
N SER E 178 -1.37 1.46 -43.45
CA SER E 178 -0.22 1.65 -44.33
C SER E 178 0.02 0.44 -45.20
N GLU E 179 -0.14 -0.77 -44.66
CA GLU E 179 0.20 -1.97 -45.40
C GLU E 179 -0.93 -2.46 -46.30
N GLU E 180 -2.19 -2.24 -45.89
CA GLU E 180 -3.33 -2.68 -46.69
C GLU E 180 -3.55 -1.78 -47.91
N TYR E 181 -3.39 -0.47 -47.75
CA TYR E 181 -3.69 0.48 -48.81
C TYR E 181 -2.45 1.04 -49.48
N ASN E 182 -1.27 0.52 -49.15
CA ASN E 182 -0.01 0.92 -49.77
C ASN E 182 0.16 2.44 -49.75
N VAL E 183 0.17 2.99 -48.54
CA VAL E 183 0.47 4.41 -48.35
C VAL E 183 1.65 4.52 -47.39
N ALA E 184 2.44 5.57 -47.56
CA ALA E 184 3.45 5.92 -46.58
C ALA E 184 2.81 6.70 -45.44
N VAL E 185 3.16 6.35 -44.21
CA VAL E 185 2.69 7.08 -43.03
C VAL E 185 3.88 7.76 -42.40
N PHE E 186 3.82 9.09 -42.32
CA PHE E 186 4.86 9.90 -41.69
C PHE E 186 4.27 10.58 -40.47
N VAL E 187 4.92 10.41 -39.32
CA VAL E 187 4.44 10.99 -38.07
C VAL E 187 5.59 11.69 -37.36
N THR E 188 5.26 12.75 -36.64
CA THR E 188 6.23 13.45 -35.81
C THR E 188 6.01 13.09 -34.34
N ASN E 189 7.07 13.27 -33.55
CA ASN E 189 7.03 12.88 -32.14
C ASN E 189 7.93 13.79 -31.33
N GLN E 190 7.61 13.91 -30.04
CA GLN E 190 8.39 14.71 -29.11
C GLN E 190 9.43 13.85 -28.37
N MET E 191 10.32 14.51 -27.66
CA MET E 191 11.34 13.87 -26.86
C MET E 191 11.21 14.27 -25.40
N THR E 192 11.81 13.48 -24.52
CA THR E 192 11.77 13.74 -23.09
C THR E 192 13.10 13.39 -22.43
N PRO E 208 13.14 9.47 -27.13
CA PRO E 208 11.78 9.53 -27.70
C PRO E 208 10.75 8.83 -26.82
N ILE E 209 9.55 9.41 -26.74
CA ILE E 209 8.46 8.87 -25.93
C ILE E 209 7.77 7.74 -26.67
N GLY E 210 6.91 7.01 -25.98
CA GLY E 210 6.17 5.92 -26.59
C GLY E 210 6.55 4.57 -26.02
N GLY E 211 7.83 4.38 -25.74
CA GLY E 211 8.31 3.13 -25.20
C GLY E 211 8.40 2.03 -26.23
N HIS E 212 8.09 0.80 -25.82
CA HIS E 212 8.14 -0.34 -26.74
C HIS E 212 7.10 -0.21 -27.83
N ILE E 213 5.91 0.32 -27.49
CA ILE E 213 4.80 0.37 -28.43
C ILE E 213 5.18 1.16 -29.67
N LEU E 214 5.62 2.41 -29.48
CA LEU E 214 5.95 3.25 -30.62
C LEU E 214 7.22 2.80 -31.32
N ALA E 215 8.19 2.27 -30.57
CA ALA E 215 9.40 1.74 -31.20
C ALA E 215 9.05 0.61 -32.17
N HIS E 216 8.17 -0.31 -31.75
CA HIS E 216 7.80 -1.43 -32.59
C HIS E 216 6.93 -0.98 -33.76
N ALA E 217 6.00 -0.06 -33.51
CA ALA E 217 5.03 0.33 -34.53
C ALA E 217 5.71 1.03 -35.71
N SER E 218 6.73 1.84 -35.44
CA SER E 218 7.40 2.57 -36.50
C SER E 218 8.37 1.66 -37.23
N THR E 219 8.32 1.68 -38.56
CA THR E 219 9.26 0.91 -39.36
C THR E 219 10.58 1.63 -39.53
N THR E 220 10.56 2.96 -39.53
CA THR E 220 11.78 3.77 -39.61
C THR E 220 11.69 4.89 -38.59
N ARG E 221 12.77 5.11 -37.84
CA ARG E 221 12.81 6.15 -36.82
C ARG E 221 13.97 7.09 -37.09
N ILE E 222 13.70 8.39 -37.09
CA ILE E 222 14.64 9.43 -37.46
C ILE E 222 14.76 10.41 -36.30
N SER E 223 15.99 10.61 -35.83
CA SER E 223 16.31 11.67 -34.89
C SER E 223 16.80 12.88 -35.68
N LEU E 224 16.22 14.04 -35.41
CA LEU E 224 16.62 15.29 -36.04
C LEU E 224 17.33 16.17 -35.03
N ARG E 225 18.46 16.74 -35.42
CA ARG E 225 19.22 17.64 -34.55
C ARG E 225 19.85 18.74 -35.40
N LYS E 226 20.30 19.80 -34.72
CA LYS E 226 20.89 20.93 -35.41
C LYS E 226 22.34 20.64 -35.79
N GLY E 227 22.70 21.03 -37.01
CA GLY E 227 24.06 20.94 -37.49
C GLY E 227 24.79 22.27 -37.42
N ARG E 228 25.86 22.37 -38.21
CA ARG E 228 26.61 23.61 -38.25
C ARG E 228 25.79 24.70 -38.95
N GLY E 229 25.86 25.91 -38.39
CA GLY E 229 25.11 27.03 -38.96
C GLY E 229 23.64 26.72 -39.02
N GLU E 230 23.06 26.78 -40.21
CA GLU E 230 21.63 26.59 -40.41
C GLU E 230 21.29 25.18 -40.88
N LEU E 231 22.27 24.27 -40.88
CA LEU E 231 22.04 22.92 -41.35
C LEU E 231 21.42 22.05 -40.25
N ARG E 232 20.77 20.97 -40.68
CA ARG E 232 20.21 19.97 -39.79
C ARG E 232 20.78 18.61 -40.14
N ILE E 233 20.67 17.68 -39.19
CA ILE E 233 21.18 16.33 -39.33
C ILE E 233 20.07 15.35 -38.96
N ALA E 234 19.83 14.39 -39.84
CA ALA E 234 18.90 13.28 -39.63
C ALA E 234 19.69 12.00 -39.41
N LYS E 235 19.27 11.21 -38.42
CA LYS E 235 19.99 9.99 -38.08
C LYS E 235 19.00 8.86 -37.82
N ILE E 236 19.44 7.64 -38.10
CA ILE E 236 18.66 6.45 -37.77
C ILE E 236 18.76 6.23 -36.27
N TYR E 237 17.62 6.21 -35.58
CA TYR E 237 17.62 6.10 -34.14
C TYR E 237 18.15 4.74 -33.71
N ASP E 238 18.90 4.73 -32.60
CA ASP E 238 19.43 3.52 -31.98
C ASP E 238 20.41 2.80 -32.89
N SER E 239 20.94 3.48 -33.89
CA SER E 239 21.93 2.93 -34.81
C SER E 239 23.33 3.30 -34.39
N PRO E 240 24.34 2.54 -34.81
CA PRO E 240 25.73 2.85 -34.45
C PRO E 240 26.17 4.22 -34.95
N GLU E 241 27.19 4.76 -34.29
CA GLU E 241 27.73 6.08 -34.62
C GLU E 241 28.58 5.93 -35.87
N MET E 242 27.94 6.05 -37.02
CA MET E 242 28.61 5.90 -38.31
C MET E 242 27.99 6.87 -39.31
N PRO E 243 28.75 7.32 -40.31
CA PRO E 243 28.25 8.39 -41.18
C PRO E 243 27.08 7.95 -42.04
N GLU E 244 27.08 6.70 -42.53
CA GLU E 244 26.02 6.26 -43.42
C GLU E 244 24.66 6.32 -42.75
N ASN E 245 24.61 6.17 -41.42
CA ASN E 245 23.36 6.28 -40.69
C ASN E 245 22.96 7.72 -40.42
N GLU E 246 23.65 8.69 -41.02
CA GLU E 246 23.37 10.10 -40.84
C GLU E 246 23.32 10.79 -42.19
N ALA E 247 22.58 11.90 -42.24
CA ALA E 247 22.48 12.71 -43.45
C ALA E 247 22.36 14.17 -43.06
N THR E 248 23.00 15.04 -43.84
CA THR E 248 22.92 16.48 -43.64
C THR E 248 21.92 17.07 -44.63
N PHE E 249 21.08 17.98 -44.15
CA PHE E 249 20.15 18.69 -45.02
C PHE E 249 20.01 20.13 -44.54
N ALA E 250 19.39 20.96 -45.37
CA ALA E 250 19.20 22.38 -45.09
C ALA E 250 17.73 22.72 -45.10
N ILE E 251 17.39 23.80 -44.40
CA ILE E 251 16.03 24.32 -44.31
C ILE E 251 16.02 25.72 -44.92
N THR E 252 15.08 25.96 -45.82
CA THR E 252 14.94 27.26 -46.46
C THR E 252 13.45 27.61 -46.53
N ALA E 253 13.16 28.83 -47.00
CA ALA E 253 11.76 29.19 -47.25
C ALA E 253 11.11 28.23 -48.24
N GLY E 254 11.90 27.60 -49.10
CA GLY E 254 11.43 26.59 -50.03
C GLY E 254 11.32 25.20 -49.45
N GLY E 255 11.57 25.05 -48.16
CA GLY E 255 11.41 23.78 -47.49
C GLY E 255 12.72 23.06 -47.25
N ILE E 256 12.62 21.74 -47.08
CA ILE E 256 13.78 20.90 -46.90
C ILE E 256 14.55 20.80 -48.22
N GLY E 257 15.87 20.84 -48.13
CA GLY E 257 16.69 20.72 -49.32
C GLY E 257 18.08 20.25 -49.00
N ASP E 258 18.92 20.23 -50.02
CA ASP E 258 20.32 19.84 -49.84
C ASP E 258 21.12 21.00 -49.27
N ALA E 259 22.28 20.66 -48.70
CA ALA E 259 23.16 21.66 -48.10
C ALA E 259 23.84 22.50 -49.17
N PRO F 4 -16.16 13.68 -44.67
CA PRO F 4 -16.73 13.62 -43.32
C PRO F 4 -15.76 14.12 -42.25
N GLY F 5 -15.89 15.39 -41.88
CA GLY F 5 -15.06 16.00 -40.87
C GLY F 5 -13.73 16.55 -41.37
N PHE F 6 -13.45 16.44 -42.67
CA PHE F 6 -12.19 16.90 -43.24
C PHE F 6 -12.42 18.09 -44.15
N LEU F 7 -11.45 18.99 -44.19
CA LEU F 7 -11.42 20.06 -45.17
C LEU F 7 -10.22 19.89 -46.09
N THR F 8 -10.34 20.40 -47.31
CA THR F 8 -9.18 20.58 -48.17
C THR F 8 -8.25 21.66 -47.61
N ALA F 9 -6.98 21.58 -48.00
CA ALA F 9 -6.03 22.61 -47.60
C ALA F 9 -6.45 23.99 -48.12
N PHE F 10 -7.17 24.02 -49.24
CA PHE F 10 -7.66 25.28 -49.78
C PHE F 10 -8.70 25.90 -48.86
N GLU F 11 -9.69 25.10 -48.44
CA GLU F 11 -10.68 25.58 -47.50
C GLU F 11 -10.04 26.07 -46.20
N TYR F 12 -9.04 25.34 -45.70
CA TYR F 12 -8.36 25.78 -44.48
C TYR F 12 -7.60 27.09 -44.72
N SER F 13 -6.99 27.25 -45.90
CA SER F 13 -6.33 28.51 -46.21
C SER F 13 -7.34 29.66 -46.20
N GLU F 14 -8.50 29.44 -46.84
CA GLU F 14 -9.56 30.45 -46.83
C GLU F 14 -10.00 30.77 -45.40
N LYS F 15 -10.06 29.76 -44.54
CA LYS F 15 -10.43 30.00 -43.15
C LYS F 15 -9.38 30.81 -42.41
N ARG F 16 -8.10 30.51 -42.66
CA ARG F 16 -7.02 31.21 -41.97
C ARG F 16 -6.83 32.63 -42.50
N LYS F 17 -7.29 32.91 -43.73
CA LYS F 17 -7.18 34.27 -44.25
C LYS F 17 -7.95 35.27 -43.39
N MET F 18 -8.92 34.80 -42.60
CA MET F 18 -9.68 35.66 -41.70
C MET F 18 -9.02 35.82 -40.34
N VAL F 19 -7.85 35.21 -40.12
CA VAL F 19 -7.14 35.37 -38.86
C VAL F 19 -6.68 36.80 -38.72
N PHE F 20 -6.76 37.34 -37.50
CA PHE F 20 -6.39 38.71 -37.22
C PHE F 20 -5.48 38.76 -35.99
N HIS F 21 -4.92 39.94 -35.77
CA HIS F 21 -4.08 40.22 -34.61
C HIS F 21 -4.61 41.45 -33.88
N ILE F 22 -4.53 41.42 -32.56
CA ILE F 22 -4.94 42.55 -31.72
C ILE F 22 -3.68 43.14 -31.12
N THR F 23 -3.42 44.42 -31.42
CA THR F 23 -2.22 45.08 -30.93
C THR F 23 -2.17 45.08 -29.41
N THR F 24 -0.97 44.85 -28.87
CA THR F 24 -0.75 44.94 -27.43
C THR F 24 -0.59 46.36 -26.92
N GLY F 25 -0.49 47.34 -27.82
CA GLY F 25 -0.11 48.69 -27.44
C GLY F 25 1.38 48.98 -27.56
N SER F 26 2.20 47.95 -27.76
CA SER F 26 3.65 48.10 -27.91
C SER F 26 4.06 47.60 -29.29
N GLN F 27 4.79 48.43 -30.02
CA GLN F 27 5.22 48.06 -31.37
C GLN F 27 6.18 46.87 -31.32
N GLU F 28 7.13 46.89 -30.39
CA GLU F 28 8.11 45.80 -30.31
C GLU F 28 7.44 44.50 -29.89
N PHE F 29 6.54 44.56 -28.90
CA PHE F 29 5.77 43.37 -28.52
C PHE F 29 4.98 42.83 -29.71
N ASP F 30 4.36 43.72 -30.48
CA ASP F 30 3.59 43.28 -31.64
C ASP F 30 4.49 42.58 -32.65
N LYS F 31 5.65 43.16 -32.93
CA LYS F 31 6.60 42.50 -33.82
C LYS F 31 6.97 41.12 -33.28
N LEU F 32 7.23 41.03 -31.97
CA LEU F 32 7.52 39.75 -31.34
C LEU F 32 6.40 38.74 -31.58
N LEU F 33 5.16 39.20 -31.61
CA LEU F 33 4.01 38.32 -31.76
C LEU F 33 3.56 38.17 -33.21
N GLY F 34 4.24 38.81 -34.15
CA GLY F 34 3.81 38.77 -35.53
C GLY F 34 2.60 39.62 -35.84
N GLY F 35 2.35 40.66 -35.04
CA GLY F 35 1.25 41.56 -35.27
C GLY F 35 0.44 41.84 -34.02
N GLY F 36 0.47 40.91 -33.07
CA GLY F 36 -0.28 41.05 -31.84
C GLY F 36 -0.88 39.73 -31.42
N ILE F 37 -1.87 39.81 -30.55
CA ILE F 37 -2.57 38.61 -30.07
C ILE F 37 -3.34 38.00 -31.22
N GLU F 38 -3.07 36.73 -31.51
CA GLU F 38 -3.54 36.10 -32.73
C GLU F 38 -4.85 35.36 -32.48
N SER F 39 -5.75 35.43 -33.46
CA SER F 39 -7.01 34.71 -33.37
C SER F 39 -6.79 33.25 -33.76
N MET F 40 -7.80 32.43 -33.48
CA MET F 40 -7.71 30.98 -33.67
C MET F 40 -6.54 30.39 -32.87
N ALA F 41 -6.27 30.96 -31.69
CA ALA F 41 -5.15 30.52 -30.88
C ALA F 41 -5.32 31.01 -29.45
N ILE F 42 -4.64 30.30 -28.55
CA ILE F 42 -4.49 30.70 -27.15
C ILE F 42 -3.09 31.26 -26.92
N THR F 43 -3.04 32.45 -26.33
CA THR F 43 -1.81 33.09 -25.89
C THR F 43 -1.85 33.16 -24.36
N GLU F 44 -0.79 32.65 -23.74
CA GLU F 44 -0.67 32.56 -22.30
C GLU F 44 0.43 33.51 -21.86
N ALA F 45 0.16 34.30 -20.83
CA ALA F 45 1.15 35.20 -20.27
C ALA F 45 1.37 34.84 -18.80
N PHE F 46 2.62 34.61 -18.43
CA PHE F 46 2.94 34.26 -17.05
C PHE F 46 4.16 35.03 -16.59
N GLY F 47 4.25 35.22 -15.28
CA GLY F 47 5.36 35.96 -14.71
C GLY F 47 5.12 36.22 -13.24
N GLU F 48 6.07 36.94 -12.65
CA GLU F 48 6.00 37.30 -11.24
C GLU F 48 5.10 38.52 -11.05
N PHE F 49 5.03 38.99 -9.80
CA PHE F 49 4.16 40.11 -9.47
C PHE F 49 4.68 41.40 -10.10
N ARG F 50 3.76 42.22 -10.60
CA ARG F 50 4.06 43.50 -11.22
C ARG F 50 4.94 43.32 -12.46
N THR F 51 4.65 42.31 -13.27
CA THR F 51 5.33 42.14 -14.55
C THR F 51 4.50 42.60 -15.75
N GLY F 52 3.20 42.82 -15.58
CA GLY F 52 2.42 43.37 -16.68
C GLY F 52 1.18 42.60 -17.07
N LYS F 53 0.94 41.46 -16.43
CA LYS F 53 -0.20 40.61 -16.80
C LYS F 53 -1.52 41.38 -16.75
N THR F 54 -1.77 42.08 -15.63
CA THR F 54 -3.05 42.79 -15.52
C THR F 54 -3.09 43.99 -16.45
N GLN F 55 -1.96 44.69 -16.59
CA GLN F 55 -1.89 45.81 -17.51
C GLN F 55 -2.10 45.35 -18.94
N LEU F 56 -1.54 44.19 -19.29
CA LEU F 56 -1.72 43.65 -20.64
C LEU F 56 -3.17 43.26 -20.88
N SER F 57 -3.79 42.57 -19.90
CA SER F 57 -5.20 42.23 -20.01
C SER F 57 -6.06 43.45 -20.27
N HIS F 58 -5.88 44.50 -19.47
CA HIS F 58 -6.71 45.70 -19.64
C HIS F 58 -6.40 46.42 -20.95
N THR F 59 -5.12 46.50 -21.31
CA THR F 59 -4.79 47.15 -22.57
C THR F 59 -5.46 46.42 -23.73
N LEU F 60 -5.42 45.08 -23.72
CA LEU F 60 -6.08 44.35 -24.78
C LEU F 60 -7.59 44.56 -24.72
N CYS F 61 -8.14 44.74 -23.51
CA CYS F 61 -9.57 45.04 -23.33
C CYS F 61 -9.95 46.32 -24.05
N VAL F 62 -8.99 47.23 -24.21
CA VAL F 62 -9.28 48.49 -24.90
C VAL F 62 -8.94 48.39 -26.39
N THR F 63 -7.75 47.85 -26.71
CA THR F 63 -7.29 47.82 -28.08
C THR F 63 -8.12 46.89 -28.97
N ALA F 64 -8.74 45.86 -28.39
CA ALA F 64 -9.60 44.97 -29.18
C ALA F 64 -10.82 45.69 -29.73
N GLN F 65 -11.16 46.86 -29.20
CA GLN F 65 -12.32 47.60 -29.68
C GLN F 65 -11.97 48.59 -30.78
N LEU F 66 -10.69 48.74 -31.09
CA LEU F 66 -10.24 49.76 -32.03
C LEU F 66 -9.94 49.16 -33.40
N PRO F 67 -10.36 49.83 -34.47
CA PRO F 67 -9.90 49.44 -35.81
C PRO F 67 -8.38 49.43 -35.87
N GLY F 68 -7.84 48.44 -36.57
CA GLY F 68 -6.40 48.27 -36.58
C GLY F 68 -5.82 47.78 -37.90
N ALA F 69 -4.57 47.35 -37.87
CA ALA F 69 -3.87 46.93 -39.06
C ALA F 69 -4.52 45.69 -39.66
N GLY F 70 -4.25 45.47 -40.95
CA GLY F 70 -4.78 44.31 -41.63
C GLY F 70 -6.29 44.27 -41.73
N GLY F 71 -6.94 45.43 -41.70
CA GLY F 71 -8.39 45.47 -41.81
C GLY F 71 -9.16 45.05 -40.58
N TYR F 72 -8.51 45.01 -39.42
CA TYR F 72 -9.20 44.67 -38.19
C TYR F 72 -10.25 45.71 -37.84
N PRO F 73 -11.53 45.34 -37.71
CA PRO F 73 -12.58 46.33 -37.47
C PRO F 73 -12.88 46.64 -36.02
N GLY F 74 -12.29 45.90 -35.08
CA GLY F 74 -12.68 46.02 -33.69
C GLY F 74 -13.91 45.19 -33.35
N GLY F 75 -14.07 44.91 -32.06
CA GLY F 75 -15.17 44.11 -31.59
C GLY F 75 -15.22 44.07 -30.08
N LYS F 76 -15.99 43.11 -29.57
CA LYS F 76 -16.22 42.98 -28.14
C LYS F 76 -15.28 41.97 -27.50
N ILE F 77 -15.25 41.99 -26.17
CA ILE F 77 -14.31 41.23 -25.35
C ILE F 77 -15.10 40.56 -24.23
N ILE F 78 -14.72 39.33 -23.87
CA ILE F 78 -15.22 38.66 -22.68
C ILE F 78 -14.07 38.45 -21.72
N PHE F 79 -14.29 38.80 -20.45
CA PHE F 79 -13.25 38.79 -19.43
C PHE F 79 -13.76 37.96 -18.25
N ILE F 80 -13.10 36.83 -18.01
CA ILE F 80 -13.39 35.99 -16.84
C ILE F 80 -12.27 36.21 -15.84
N ASP F 81 -12.64 36.59 -14.62
CA ASP F 81 -11.70 37.08 -13.63
C ASP F 81 -11.71 36.13 -12.44
N THR F 82 -10.62 35.38 -12.27
CA THR F 82 -10.45 34.51 -11.11
C THR F 82 -9.58 35.13 -10.02
N GLU F 83 -8.95 36.28 -10.29
CA GLU F 83 -7.99 36.87 -9.36
C GLU F 83 -8.52 38.11 -8.66
N ASN F 84 -9.70 38.62 -9.02
CA ASN F 84 -10.28 39.84 -8.45
C ASN F 84 -9.42 41.06 -8.75
N THR F 85 -8.93 41.15 -10.00
CA THR F 85 -8.00 42.19 -10.41
C THR F 85 -8.54 43.14 -11.46
N PHE F 86 -9.67 42.82 -12.09
CA PHE F 86 -10.22 43.68 -13.13
C PHE F 86 -10.68 45.02 -12.54
N ARG F 87 -10.23 46.11 -13.16
CA ARG F 87 -10.53 47.47 -12.68
C ARG F 87 -10.91 48.34 -13.88
N PRO F 88 -12.20 48.64 -14.06
CA PRO F 88 -12.62 49.53 -15.16
C PRO F 88 -11.87 50.86 -15.22
N ASP F 89 -11.41 51.40 -14.09
CA ASP F 89 -10.75 52.70 -14.12
C ASP F 89 -9.47 52.65 -14.95
N ARG F 90 -8.78 51.51 -14.93
CA ARG F 90 -7.66 51.34 -15.84
C ARG F 90 -8.13 51.48 -17.28
N LEU F 91 -9.30 50.92 -17.60
CA LEU F 91 -9.81 51.05 -18.96
C LEU F 91 -10.13 52.49 -19.28
N ARG F 92 -10.57 53.27 -18.27
CA ARG F 92 -10.83 54.69 -18.48
C ARG F 92 -9.55 55.44 -18.83
N ASP F 93 -8.48 55.16 -18.10
CA ASP F 93 -7.20 55.79 -18.38
C ASP F 93 -6.66 55.40 -19.75
N ILE F 94 -6.80 54.12 -20.12
CA ILE F 94 -6.29 53.69 -21.42
C ILE F 94 -7.13 54.29 -22.55
N ALA F 95 -8.45 54.36 -22.36
CA ALA F 95 -9.31 55.03 -23.34
C ALA F 95 -8.90 56.49 -23.49
N ASP F 96 -8.62 57.16 -22.37
CA ASP F 96 -8.15 58.54 -22.45
C ASP F 96 -6.90 58.62 -23.31
N ARG F 97 -5.93 57.72 -23.07
CA ARG F 97 -4.72 57.70 -23.86
C ARG F 97 -5.03 57.57 -25.35
N PHE F 98 -5.93 56.64 -25.71
CA PHE F 98 -6.28 56.38 -27.09
C PHE F 98 -7.40 57.27 -27.61
N ASN F 99 -7.86 58.26 -26.82
CA ASN F 99 -8.83 59.25 -27.26
C ASN F 99 -10.14 58.61 -27.74
N VAL F 100 -10.71 57.76 -26.89
CA VAL F 100 -11.99 57.12 -27.16
C VAL F 100 -12.86 57.24 -25.91
N ASP F 101 -14.19 57.21 -26.13
CA ASP F 101 -15.13 57.42 -25.04
C ASP F 101 -15.05 56.30 -24.02
N HIS F 102 -15.18 56.67 -22.73
CA HIS F 102 -15.14 55.70 -21.65
C HIS F 102 -16.31 54.73 -21.71
N ASP F 103 -17.53 55.26 -21.76
CA ASP F 103 -18.72 54.42 -21.66
C ASP F 103 -18.84 53.45 -22.83
N ALA F 104 -18.41 53.86 -24.02
CA ALA F 104 -18.41 52.93 -25.15
C ALA F 104 -17.45 51.77 -24.92
N VAL F 105 -16.25 52.07 -24.43
CA VAL F 105 -15.29 51.02 -24.10
C VAL F 105 -15.89 50.07 -23.06
N LEU F 106 -16.50 50.63 -22.02
CA LEU F 106 -17.02 49.81 -20.93
C LEU F 106 -18.23 48.99 -21.36
N ASP F 107 -18.99 49.46 -22.35
CA ASP F 107 -20.16 48.73 -22.81
C ASP F 107 -19.82 47.54 -23.70
N ASN F 108 -18.62 47.52 -24.30
CA ASN F 108 -18.23 46.48 -25.22
C ASN F 108 -17.44 45.36 -24.55
N VAL F 109 -17.33 45.38 -23.23
CA VAL F 109 -16.64 44.33 -22.49
C VAL F 109 -17.66 43.65 -21.58
N LEU F 110 -17.84 42.34 -21.76
CA LEU F 110 -18.64 41.52 -20.86
C LEU F 110 -17.72 40.87 -19.85
N TYR F 111 -18.17 40.81 -18.60
CA TYR F 111 -17.30 40.48 -17.48
C TYR F 111 -17.99 39.50 -16.56
N ALA F 112 -17.23 38.52 -16.06
CA ALA F 112 -17.75 37.60 -15.06
C ALA F 112 -16.63 37.12 -14.16
N ARG F 113 -16.92 37.03 -12.86
CA ARG F 113 -16.03 36.37 -11.92
C ARG F 113 -16.28 34.87 -11.91
N ALA F 114 -15.20 34.09 -11.79
CA ALA F 114 -15.28 32.66 -11.54
C ALA F 114 -14.76 32.37 -10.14
N TYR F 115 -15.53 31.62 -9.36
CA TYR F 115 -15.16 31.29 -7.99
C TYR F 115 -14.73 29.84 -7.81
N THR F 116 -15.01 28.96 -8.77
CA THR F 116 -14.59 27.57 -8.74
C THR F 116 -14.27 27.14 -10.16
N SER F 117 -13.54 26.02 -10.28
CA SER F 117 -13.20 25.52 -11.61
C SER F 117 -14.45 25.07 -12.36
N GLU F 118 -15.39 24.44 -11.66
CA GLU F 118 -16.66 24.09 -12.28
C GLU F 118 -17.41 25.33 -12.75
N HIS F 119 -17.41 26.38 -11.92
CA HIS F 119 -18.00 27.65 -12.33
C HIS F 119 -17.29 28.21 -13.55
N GLN F 120 -15.96 28.16 -13.56
CA GLN F 120 -15.20 28.66 -14.71
C GLN F 120 -15.59 27.92 -15.99
N MET F 121 -15.74 26.59 -15.90
CA MET F 121 -16.11 25.83 -17.09
C MET F 121 -17.53 26.13 -17.53
N GLU F 122 -18.46 26.28 -16.58
CA GLU F 122 -19.81 26.70 -16.96
C GLU F 122 -19.77 28.06 -17.65
N LEU F 123 -18.99 29.00 -17.12
CA LEU F 123 -18.87 30.32 -17.74
C LEU F 123 -18.33 30.18 -19.16
N LEU F 124 -17.36 29.28 -19.35
CA LEU F 124 -16.79 29.10 -20.69
C LEU F 124 -17.80 28.48 -21.63
N ASP F 125 -18.70 27.63 -21.11
CA ASP F 125 -19.78 27.11 -21.95
C ASP F 125 -20.74 28.22 -22.36
N TYR F 126 -21.04 29.14 -21.44
CA TYR F 126 -21.85 30.30 -21.83
C TYR F 126 -21.12 31.16 -22.85
N VAL F 127 -19.79 31.29 -22.70
CA VAL F 127 -19.00 32.07 -23.64
C VAL F 127 -19.07 31.43 -25.03
N ALA F 128 -18.90 30.11 -25.08
CA ALA F 128 -19.02 29.37 -26.34
C ALA F 128 -20.38 29.62 -26.98
N ALA F 129 -21.45 29.60 -26.18
CA ALA F 129 -22.78 29.86 -26.72
C ALA F 129 -22.87 31.28 -27.27
N LYS F 130 -22.33 32.25 -26.55
CA LYS F 130 -22.42 33.64 -26.98
C LYS F 130 -21.66 33.83 -28.29
N PHE F 131 -20.40 33.38 -28.33
CA PHE F 131 -19.62 33.42 -29.57
C PHE F 131 -20.38 32.76 -30.72
N HIS F 132 -21.07 31.64 -30.45
CA HIS F 132 -21.75 30.94 -31.52
C HIS F 132 -22.97 31.73 -32.00
N GLU F 133 -23.63 32.47 -31.10
CA GLU F 133 -24.81 33.23 -31.48
C GLU F 133 -24.58 34.04 -32.75
N GLU F 134 -23.42 34.70 -32.86
CA GLU F 134 -23.05 35.38 -34.11
C GLU F 134 -21.54 35.55 -34.15
N ALA F 135 -20.88 34.79 -35.02
CA ALA F 135 -19.44 34.88 -35.11
C ALA F 135 -19.03 36.25 -35.65
N GLY F 136 -17.78 36.62 -35.37
CA GLY F 136 -17.25 37.90 -35.81
C GLY F 136 -17.61 39.09 -34.95
N ILE F 137 -18.50 38.92 -33.98
CA ILE F 137 -18.84 40.04 -33.09
C ILE F 137 -17.76 40.20 -32.03
N PHE F 138 -17.44 39.11 -31.35
CA PHE F 138 -16.43 39.08 -30.29
C PHE F 138 -15.10 38.69 -30.90
N LYS F 139 -14.03 39.36 -30.47
CA LYS F 139 -12.70 39.09 -30.99
C LYS F 139 -11.72 38.58 -29.95
N LEU F 140 -12.02 38.74 -28.65
CA LEU F 140 -11.06 38.44 -27.60
C LEU F 140 -11.78 37.83 -26.41
N LEU F 141 -11.24 36.72 -25.91
CA LEU F 141 -11.66 36.13 -24.65
C LEU F 141 -10.48 36.17 -23.70
N ILE F 142 -10.63 36.79 -22.54
CA ILE F 142 -9.58 36.86 -21.53
C ILE F 142 -9.96 36.01 -20.34
N ILE F 143 -9.03 35.18 -19.88
CA ILE F 143 -9.17 34.41 -18.65
C ILE F 143 -7.99 34.73 -17.74
N ASP F 144 -8.25 35.50 -16.69
CA ASP F 144 -7.24 35.92 -15.72
C ASP F 144 -7.71 35.42 -14.35
N SER F 145 -7.27 34.23 -13.95
CA SER F 145 -6.28 33.40 -14.61
C SER F 145 -6.83 32.02 -14.97
N ILE F 146 -6.04 31.24 -15.70
CA ILE F 146 -6.57 30.09 -16.42
C ILE F 146 -6.80 28.91 -15.48
N MET F 147 -5.93 28.69 -14.50
CA MET F 147 -6.08 27.49 -13.68
C MET F 147 -5.77 27.71 -12.21
N ALA F 148 -5.84 28.95 -11.71
CA ALA F 148 -5.77 29.17 -10.28
C ALA F 148 -6.83 28.36 -9.55
N LEU F 149 -8.06 28.34 -10.08
CA LEU F 149 -9.14 27.64 -9.42
C LEU F 149 -8.97 26.13 -9.48
N PHE F 150 -8.24 25.62 -10.48
CA PHE F 150 -7.95 24.19 -10.51
C PHE F 150 -6.89 23.83 -9.46
N ARG F 151 -5.90 24.71 -9.27
CA ARG F 151 -4.99 24.57 -8.14
C ARG F 151 -5.75 24.57 -6.83
N VAL F 152 -6.75 25.44 -6.70
CA VAL F 152 -7.49 25.56 -5.45
C VAL F 152 -8.32 24.31 -5.20
N ASP F 153 -9.10 23.88 -6.20
CA ASP F 153 -10.07 22.81 -6.01
C ASP F 153 -9.43 21.43 -5.96
N PHE F 154 -8.16 21.30 -6.39
CA PHE F 154 -7.46 20.02 -6.35
C PHE F 154 -6.03 20.26 -5.86
N SER F 155 -5.91 20.61 -4.57
CA SER F 155 -4.61 20.92 -3.99
C SER F 155 -3.93 19.71 -3.38
N GLY F 156 -4.71 18.78 -2.83
CA GLY F 156 -4.15 17.54 -2.32
C GLY F 156 -3.94 16.50 -3.41
N ARG F 157 -2.85 15.75 -3.29
CA ARG F 157 -2.57 14.69 -4.26
C ARG F 157 -3.50 13.51 -4.03
N GLY F 158 -3.66 12.71 -5.09
CA GLY F 158 -4.67 11.69 -5.18
C GLY F 158 -5.87 12.09 -6.01
N GLU F 159 -6.19 13.38 -6.04
CA GLU F 159 -7.16 13.94 -6.96
C GLU F 159 -6.50 14.60 -8.17
N LEU F 160 -5.18 14.42 -8.31
CA LEU F 160 -4.46 15.07 -9.41
C LEU F 160 -4.95 14.58 -10.77
N ALA F 161 -5.28 13.29 -10.86
CA ALA F 161 -5.82 12.75 -12.11
C ALA F 161 -7.04 13.52 -12.57
N GLU F 162 -7.99 13.73 -11.67
CA GLU F 162 -9.21 14.48 -12.03
C GLU F 162 -8.88 15.92 -12.37
N ARG F 163 -7.93 16.53 -11.67
CA ARG F 163 -7.51 17.89 -12.00
C ARG F 163 -6.99 17.95 -13.43
N GLN F 164 -6.08 17.04 -13.78
CA GLN F 164 -5.52 17.02 -15.13
C GLN F 164 -6.59 16.77 -16.18
N GLN F 165 -7.54 15.87 -15.88
CA GLN F 165 -8.59 15.58 -16.85
C GLN F 165 -9.48 16.80 -17.08
N LYS F 166 -9.91 17.45 -16.00
CA LYS F 166 -10.73 18.65 -16.14
C LYS F 166 -9.96 19.76 -16.85
N LEU F 167 -8.68 19.92 -16.53
CA LEU F 167 -7.86 20.95 -17.17
C LEU F 167 -7.74 20.69 -18.67
N ALA F 168 -7.42 19.45 -19.04
CA ALA F 168 -7.32 19.10 -20.46
C ALA F 168 -8.64 19.34 -21.17
N GLN F 169 -9.76 18.96 -20.54
CA GLN F 169 -11.07 19.16 -21.16
C GLN F 169 -11.34 20.64 -21.39
N MET F 170 -11.07 21.46 -20.37
CA MET F 170 -11.27 22.91 -20.50
C MET F 170 -10.38 23.48 -21.61
N LEU F 171 -9.13 23.03 -21.69
CA LEU F 171 -8.21 23.63 -22.64
C LEU F 171 -8.52 23.20 -24.06
N SER F 172 -8.99 21.96 -24.24
CA SER F 172 -9.44 21.53 -25.56
C SER F 172 -10.69 22.28 -25.97
N ARG F 173 -11.60 22.52 -25.03
CA ARG F 173 -12.75 23.37 -25.33
C ARG F 173 -12.32 24.78 -25.73
N LEU F 174 -11.33 25.33 -25.02
CA LEU F 174 -10.83 26.66 -25.36
C LEU F 174 -10.23 26.69 -26.76
N GLN F 175 -9.41 25.69 -27.09
CA GLN F 175 -8.86 25.57 -28.44
C GLN F 175 -9.96 25.55 -29.49
N LYS F 176 -10.96 24.68 -29.28
CA LYS F 176 -12.05 24.56 -30.25
C LYS F 176 -12.82 25.87 -30.37
N ILE F 177 -13.01 26.59 -29.25
CA ILE F 177 -13.69 27.87 -29.29
C ILE F 177 -12.89 28.87 -30.12
N SER F 178 -11.57 28.94 -29.87
CA SER F 178 -10.74 29.91 -30.57
C SER F 178 -10.69 29.63 -32.06
N GLU F 179 -10.63 28.36 -32.46
CA GLU F 179 -10.43 28.03 -33.87
C GLU F 179 -11.74 27.96 -34.64
N GLU F 180 -12.83 27.56 -33.99
CA GLU F 180 -14.12 27.48 -34.67
C GLU F 180 -14.73 28.85 -34.91
N TYR F 181 -14.61 29.77 -33.94
CA TYR F 181 -15.26 31.07 -34.01
C TYR F 181 -14.29 32.20 -34.31
N ASN F 182 -13.04 31.89 -34.63
CA ASN F 182 -12.01 32.87 -35.00
C ASN F 182 -11.95 34.01 -33.98
N VAL F 183 -11.64 33.64 -32.74
CA VAL F 183 -11.39 34.61 -31.69
C VAL F 183 -10.01 34.36 -31.11
N ALA F 184 -9.36 35.42 -30.65
CA ALA F 184 -8.14 35.29 -29.87
C ALA F 184 -8.48 34.98 -28.42
N VAL F 185 -7.77 34.02 -27.83
CA VAL F 185 -7.95 33.68 -26.42
C VAL F 185 -6.66 34.07 -25.70
N PHE F 186 -6.77 34.97 -24.73
CA PHE F 186 -5.66 35.42 -23.91
C PHE F 186 -5.90 35.00 -22.48
N VAL F 187 -4.93 34.31 -21.89
CA VAL F 187 -5.05 33.82 -20.51
C VAL F 187 -3.79 34.16 -19.75
N THR F 188 -3.94 34.42 -18.46
CA THR F 188 -2.80 34.62 -17.58
C THR F 188 -2.57 33.39 -16.73
N ASN F 189 -1.32 33.25 -16.26
CA ASN F 189 -0.95 32.07 -15.51
C ASN F 189 0.12 32.42 -14.48
N GLN F 190 0.17 31.62 -13.41
CA GLN F 190 1.15 31.77 -12.35
C GLN F 190 2.36 30.87 -12.59
N MET F 191 3.41 31.08 -11.79
CA MET F 191 4.62 30.28 -11.85
C MET F 191 4.88 29.62 -10.50
N THR F 192 5.70 28.58 -10.52
CA THR F 192 6.04 27.85 -9.30
C THR F 192 7.51 27.42 -9.31
N PRO F 208 6.51 27.87 -15.05
CA PRO F 208 5.06 27.94 -15.23
C PRO F 208 4.36 26.62 -14.92
N ILE F 209 3.17 26.70 -14.33
CA ILE F 209 2.40 25.52 -13.96
C ILE F 209 1.65 24.99 -15.18
N GLY F 210 1.09 23.78 -15.06
CA GLY F 210 0.31 23.20 -16.13
C GLY F 210 0.92 21.93 -16.68
N GLY F 211 2.24 21.89 -16.81
CA GLY F 211 2.91 20.73 -17.34
C GLY F 211 2.73 20.56 -18.84
N HIS F 212 2.62 19.32 -19.29
CA HIS F 212 2.43 19.05 -20.71
C HIS F 212 1.10 19.59 -21.20
N ILE F 213 0.06 19.49 -20.38
CA ILE F 213 -1.30 19.85 -20.81
C ILE F 213 -1.35 21.30 -21.26
N LEU F 214 -0.93 22.22 -20.38
CA LEU F 214 -1.01 23.63 -20.72
C LEU F 214 0.02 24.03 -21.78
N ALA F 215 1.20 23.40 -21.76
CA ALA F 215 2.18 23.66 -22.81
C ALA F 215 1.62 23.34 -24.18
N HIS F 216 0.95 22.19 -24.31
CA HIS F 216 0.40 21.79 -25.60
C HIS F 216 -0.79 22.65 -25.97
N ALA F 217 -1.65 22.96 -24.99
CA ALA F 217 -2.90 23.67 -25.27
C ALA F 217 -2.64 25.09 -25.76
N SER F 218 -1.64 25.76 -25.21
CA SER F 218 -1.35 27.13 -25.59
C SER F 218 -0.58 27.16 -26.91
N THR F 219 -1.04 28.02 -27.83
CA THR F 219 -0.33 28.19 -29.09
C THR F 219 0.84 29.15 -28.96
N THR F 220 0.74 30.14 -28.06
CA THR F 220 1.83 31.07 -27.79
C THR F 220 1.99 31.25 -26.29
N ARG F 221 3.23 31.20 -25.81
CA ARG F 221 3.53 31.35 -24.39
C ARG F 221 4.52 32.49 -24.20
N ILE F 222 4.20 33.41 -23.28
CA ILE F 222 4.96 34.62 -23.04
C ILE F 222 5.38 34.66 -21.57
N SER F 223 6.68 34.79 -21.34
CA SER F 223 7.20 35.07 -20.00
C SER F 223 7.40 36.58 -19.85
N LEU F 224 6.87 37.13 -18.77
CA LEU F 224 7.02 38.54 -18.45
C LEU F 224 7.94 38.69 -17.25
N ARG F 225 8.90 39.61 -17.33
CA ARG F 225 9.82 39.86 -16.24
C ARG F 225 10.15 41.34 -16.20
N LYS F 226 10.72 41.78 -15.08
CA LYS F 226 11.03 43.19 -14.92
C LYS F 226 12.35 43.53 -15.62
N GLY F 227 12.36 44.67 -16.31
CA GLY F 227 13.54 45.18 -16.94
C GLY F 227 14.20 46.27 -16.14
N ARG F 228 15.01 47.08 -16.82
CA ARG F 228 15.68 48.19 -16.15
C ARG F 228 14.66 49.27 -15.79
N GLY F 229 14.82 49.84 -14.60
CA GLY F 229 13.91 50.88 -14.14
C GLY F 229 12.48 50.37 -14.12
N GLU F 230 11.60 51.07 -14.85
CA GLU F 230 10.19 50.73 -14.88
C GLU F 230 9.81 49.92 -16.11
N LEU F 231 10.80 49.46 -16.88
CA LEU F 231 10.51 48.71 -18.09
C LEU F 231 10.27 47.25 -17.77
N ARG F 232 9.59 46.57 -18.69
CA ARG F 232 9.34 45.14 -18.62
C ARG F 232 9.87 44.47 -19.88
N ILE F 233 10.06 43.16 -19.79
CA ILE F 233 10.59 42.35 -20.88
C ILE F 233 9.68 41.15 -21.08
N ALA F 234 9.25 40.94 -22.32
CA ALA F 234 8.49 39.78 -22.74
C ALA F 234 9.36 38.87 -23.58
N LYS F 235 9.25 37.57 -23.32
CA LYS F 235 10.09 36.59 -24.01
C LYS F 235 9.23 35.38 -24.40
N ILE F 236 9.61 34.74 -25.50
CA ILE F 236 8.99 33.49 -25.92
C ILE F 236 9.50 32.37 -25.04
N TYR F 237 8.58 31.68 -24.36
CA TYR F 237 8.97 30.64 -23.42
C TYR F 237 9.61 29.47 -24.15
N ASP F 238 10.62 28.87 -23.52
CA ASP F 238 11.30 27.68 -24.03
C ASP F 238 12.00 27.92 -25.36
N SER F 239 12.25 29.19 -25.71
CA SER F 239 12.95 29.55 -26.93
C SER F 239 14.42 29.78 -26.66
N PRO F 240 15.28 29.67 -27.68
CA PRO F 240 16.71 29.89 -27.48
C PRO F 240 17.01 31.30 -26.97
N GLU F 241 18.17 31.43 -26.35
CA GLU F 241 18.62 32.70 -25.78
C GLU F 241 19.14 33.57 -26.92
N MET F 242 18.24 34.33 -27.52
CA MET F 242 18.56 35.19 -28.65
C MET F 242 17.74 36.46 -28.56
N PRO F 243 18.25 37.58 -29.09
CA PRO F 243 17.56 38.86 -28.86
C PRO F 243 16.21 38.94 -29.55
N GLU F 244 16.08 38.38 -30.75
CA GLU F 244 14.84 38.48 -31.51
C GLU F 244 13.66 37.88 -30.76
N ASN F 245 13.90 36.87 -29.90
CA ASN F 245 12.85 36.26 -29.11
C ASN F 245 12.48 37.07 -27.86
N GLU F 246 12.97 38.30 -27.72
CA GLU F 246 12.66 39.14 -26.56
C GLU F 246 12.24 40.53 -27.02
N ALA F 247 11.47 41.20 -26.18
CA ALA F 247 11.04 42.56 -26.46
C ALA F 247 10.93 43.36 -25.18
N THR F 248 11.31 44.64 -25.24
CA THR F 248 11.20 45.57 -24.14
C THR F 248 9.95 46.43 -24.33
N PHE F 249 9.20 46.64 -23.25
CA PHE F 249 8.06 47.53 -23.29
C PHE F 249 7.95 48.29 -21.97
N ALA F 250 7.08 49.31 -21.96
CA ALA F 250 6.89 50.15 -20.80
C ALA F 250 5.44 50.10 -20.34
N ILE F 251 5.22 50.41 -19.07
CA ILE F 251 3.90 50.44 -18.46
C ILE F 251 3.62 51.86 -17.99
N THR F 252 2.45 52.38 -18.35
CA THR F 252 2.00 53.71 -17.95
C THR F 252 0.53 53.63 -17.57
N ALA F 253 -0.01 54.76 -17.10
CA ALA F 253 -1.44 54.85 -16.85
C ALA F 253 -2.26 54.58 -18.10
N GLY F 254 -1.68 54.82 -19.28
CA GLY F 254 -2.34 54.50 -20.53
C GLY F 254 -2.19 53.07 -21.00
N GLY F 255 -1.59 52.21 -20.20
CA GLY F 255 -1.49 50.81 -20.54
C GLY F 255 -0.13 50.42 -21.08
N ILE F 256 -0.12 49.31 -21.81
CA ILE F 256 1.10 48.82 -22.44
C ILE F 256 1.50 49.73 -23.59
N PRO G 4 -26.37 35.66 -19.42
CA PRO G 4 -26.69 35.00 -18.14
C PRO G 4 -25.47 34.85 -17.24
N GLY G 5 -25.25 35.81 -16.35
CA GLY G 5 -24.11 35.78 -15.46
C GLY G 5 -23.06 36.83 -15.73
N PHE G 6 -23.23 37.68 -16.74
CA PHE G 6 -22.25 38.68 -17.10
C PHE G 6 -22.76 40.08 -16.80
N LEU G 7 -21.84 40.97 -16.42
CA LEU G 7 -22.12 42.40 -16.32
C LEU G 7 -21.30 43.16 -17.35
N THR G 8 -21.81 44.32 -17.77
CA THR G 8 -20.96 45.24 -18.50
C THR G 8 -19.87 45.82 -17.60
N ALA G 9 -18.76 46.25 -18.22
CA ALA G 9 -17.70 46.92 -17.47
C ALA G 9 -18.17 48.21 -16.81
N PHE G 10 -19.15 48.88 -17.41
CA PHE G 10 -19.69 50.12 -16.83
C PHE G 10 -20.43 49.86 -15.53
N GLU G 11 -21.34 48.90 -15.54
CA GLU G 11 -22.05 48.53 -14.32
C GLU G 11 -21.08 48.11 -13.22
N TYR G 12 -20.05 47.34 -13.56
CA TYR G 12 -19.07 46.94 -12.55
C TYR G 12 -18.30 48.15 -12.04
N SER G 13 -17.97 49.09 -12.91
CA SER G 13 -17.32 50.32 -12.46
C SER G 13 -18.19 51.08 -11.47
N GLU G 14 -19.47 51.22 -11.80
CA GLU G 14 -20.42 51.87 -10.89
C GLU G 14 -20.49 51.16 -9.56
N LYS G 15 -20.45 49.82 -9.58
CA LYS G 15 -20.50 49.07 -8.33
C LYS G 15 -19.24 49.28 -7.51
N ARG G 16 -18.07 49.29 -8.17
CA ARG G 16 -16.81 49.44 -7.45
C ARG G 16 -16.58 50.87 -6.97
N LYS G 17 -17.24 51.86 -7.57
CA LYS G 17 -17.09 53.23 -7.09
C LYS G 17 -17.56 53.37 -5.64
N MET G 18 -18.35 52.42 -5.16
CA MET G 18 -18.84 52.40 -3.79
C MET G 18 -17.86 51.73 -2.82
N VAL G 19 -16.70 51.28 -3.32
CA VAL G 19 -15.69 50.68 -2.45
C VAL G 19 -15.11 51.73 -1.52
N PHE G 20 -14.87 51.34 -0.27
CA PHE G 20 -14.36 52.23 0.75
C PHE G 20 -13.18 51.57 1.48
N HIS G 21 -12.48 52.38 2.28
CA HIS G 21 -11.39 51.91 3.12
C HIS G 21 -11.65 52.32 4.56
N ILE G 22 -11.28 51.44 5.49
CA ILE G 22 -11.39 51.71 6.92
C ILE G 22 -9.99 51.85 7.49
N THR G 23 -9.71 53.02 8.08
CA THR G 23 -8.39 53.29 8.63
C THR G 23 -8.03 52.28 9.70
N THR G 24 -6.77 51.84 9.71
CA THR G 24 -6.26 50.95 10.75
C THR G 24 -5.91 51.66 12.05
N GLY G 25 -5.92 53.00 12.08
CA GLY G 25 -5.38 53.74 13.20
C GLY G 25 -3.94 54.15 13.04
N SER G 26 -3.23 53.62 12.06
CA SER G 26 -1.84 53.95 11.78
C SER G 26 -1.75 54.57 10.39
N GLN G 27 -1.13 55.74 10.31
CA GLN G 27 -1.01 56.42 9.01
C GLN G 27 -0.16 55.60 8.05
N GLU G 28 0.98 55.08 8.52
CA GLU G 28 1.86 54.31 7.66
C GLU G 28 1.20 53.02 7.19
N PHE G 29 0.53 52.31 8.10
CA PHE G 29 -0.23 51.13 7.71
C PHE G 29 -1.29 51.47 6.66
N ASP G 30 -2.00 52.59 6.85
CA ASP G 30 -3.01 52.99 5.87
C ASP G 30 -2.39 53.25 4.51
N LYS G 31 -1.27 53.97 4.48
CA LYS G 31 -0.57 54.18 3.22
C LYS G 31 -0.20 52.86 2.58
N LEU G 32 0.32 51.92 3.40
CA LEU G 32 0.66 50.59 2.91
C LEU G 32 -0.53 49.91 2.26
N LEU G 33 -1.73 50.13 2.79
CA LEU G 33 -2.93 49.47 2.29
C LEU G 33 -3.68 50.29 1.24
N GLY G 34 -3.17 51.47 0.88
CA GLY G 34 -3.88 52.31 -0.06
C GLY G 34 -5.10 53.00 0.53
N GLY G 35 -5.13 53.20 1.84
CA GLY G 35 -6.21 53.88 2.49
C GLY G 35 -6.72 53.13 3.71
N GLY G 36 -6.52 51.83 3.72
CA GLY G 36 -6.96 50.99 4.82
C GLY G 36 -7.51 49.69 4.32
N ILE G 37 -8.29 49.03 5.19
CA ILE G 37 -8.92 47.76 4.87
C ILE G 37 -9.99 47.99 3.81
N GLU G 38 -9.87 47.28 2.68
CA GLU G 38 -10.66 47.58 1.50
C GLU G 38 -11.92 46.72 1.48
N SER G 39 -13.02 47.31 1.04
CA SER G 39 -14.27 46.58 0.90
C SER G 39 -14.27 45.79 -0.41
N MET G 40 -15.24 44.89 -0.52
CA MET G 40 -15.32 43.94 -1.63
C MET G 40 -14.04 43.09 -1.72
N ALA G 41 -13.47 42.78 -0.56
CA ALA G 41 -12.22 42.03 -0.53
C ALA G 41 -12.01 41.43 0.85
N ILE G 42 -11.19 40.38 0.88
CA ILE G 42 -10.69 39.77 2.09
C ILE G 42 -9.24 40.19 2.35
N THR G 43 -8.99 40.67 3.56
CA THR G 43 -7.66 40.98 4.03
C THR G 43 -7.32 40.03 5.17
N GLU G 44 -6.19 39.35 5.04
CA GLU G 44 -5.74 38.32 5.98
C GLU G 44 -4.51 38.86 6.70
N ALA G 45 -4.49 38.73 8.01
CA ALA G 45 -3.33 39.12 8.80
C ALA G 45 -2.81 37.91 9.57
N PHE G 46 -1.52 37.64 9.42
CA PHE G 46 -0.90 36.50 10.09
C PHE G 46 0.43 36.92 10.69
N GLY G 47 0.84 36.21 11.73
CA GLY G 47 2.09 36.52 12.40
C GLY G 47 2.22 35.71 13.67
N GLU G 48 3.32 35.98 14.37
CA GLU G 48 3.61 35.32 15.64
C GLU G 48 2.83 35.97 16.78
N PHE G 49 3.08 35.49 18.00
CA PHE G 49 2.36 35.98 19.17
C PHE G 49 2.78 37.42 19.48
N ARG G 50 1.79 38.24 19.85
CA ARG G 50 2.00 39.64 20.21
C ARG G 50 2.58 40.43 19.03
N THR G 51 2.06 40.17 17.83
CA THR G 51 2.44 40.98 16.67
C THR G 51 1.40 42.02 16.28
N GLY G 52 0.17 41.91 16.78
CA GLY G 52 -0.80 42.96 16.51
C GLY G 52 -2.13 42.51 15.94
N LYS G 53 -2.27 41.21 15.65
CA LYS G 53 -3.50 40.71 15.04
C LYS G 53 -4.73 41.08 15.86
N THR G 54 -4.70 40.81 17.17
CA THR G 54 -5.86 41.10 18.00
C THR G 54 -6.04 42.60 18.18
N GLN G 55 -4.94 43.32 18.33
CA GLN G 55 -5.02 44.77 18.45
C GLN G 55 -5.57 45.38 17.18
N LEU G 56 -5.17 44.84 16.02
CA LEU G 56 -5.69 45.35 14.75
C LEU G 56 -7.17 45.04 14.62
N SER G 57 -7.58 43.81 14.97
CA SER G 57 -8.99 43.46 14.95
C SER G 57 -9.83 44.42 15.79
N HIS G 58 -9.39 44.68 17.03
CA HIS G 58 -10.18 45.56 17.89
C HIS G 58 -10.16 47.01 17.39
N THR G 59 -9.00 47.48 16.93
CA THR G 59 -8.95 48.83 16.41
C THR G 59 -9.91 48.98 15.24
N LEU G 60 -9.93 47.98 14.33
CA LEU G 60 -10.87 48.08 13.22
C LEU G 60 -12.30 48.00 13.70
N CYS G 61 -12.54 47.26 14.80
CA CYS G 61 -13.86 47.19 15.42
C CYS G 61 -14.34 48.57 15.84
N VAL G 62 -13.41 49.45 16.15
CA VAL G 62 -13.79 50.81 16.56
C VAL G 62 -13.80 51.76 15.37
N THR G 63 -12.76 51.71 14.53
CA THR G 63 -12.60 52.65 13.43
C THR G 63 -13.67 52.46 12.35
N ALA G 64 -14.21 51.24 12.21
CA ALA G 64 -15.27 51.03 11.22
C ALA G 64 -16.54 51.80 11.52
N GLN G 65 -16.70 52.30 12.75
CA GLN G 65 -17.91 53.05 13.08
C GLN G 65 -17.78 54.55 12.85
N LEU G 66 -16.59 55.03 12.50
CA LEU G 66 -16.35 56.45 12.39
C LEU G 66 -16.39 56.92 10.94
N PRO G 67 -17.03 58.05 10.65
CA PRO G 67 -16.89 58.65 9.32
C PRO G 67 -15.42 58.90 8.98
N GLY G 68 -15.07 58.65 7.73
CA GLY G 68 -13.68 58.74 7.32
C GLY G 68 -13.47 59.24 5.91
N ALA G 69 -12.24 59.08 5.42
CA ALA G 69 -11.87 59.58 4.11
C ALA G 69 -12.65 58.87 3.00
N GLY G 70 -12.71 59.51 1.85
CA GLY G 70 -13.39 58.94 0.70
C GLY G 70 -14.88 58.74 0.89
N GLY G 71 -15.51 59.53 1.76
CA GLY G 71 -16.93 59.42 1.98
C GLY G 71 -17.39 58.24 2.80
N TYR G 72 -16.50 57.59 3.52
CA TYR G 72 -16.89 56.46 4.37
C TYR G 72 -17.81 56.94 5.49
N PRO G 73 -19.04 56.41 5.60
CA PRO G 73 -19.98 56.93 6.60
C PRO G 73 -19.91 56.23 7.95
N GLY G 74 -19.15 55.15 8.09
CA GLY G 74 -19.20 54.34 9.28
C GLY G 74 -20.35 53.35 9.28
N GLY G 75 -20.21 52.32 10.11
CA GLY G 75 -21.24 51.30 10.18
C GLY G 75 -20.94 50.31 11.29
N LYS G 76 -21.64 49.17 11.23
CA LYS G 76 -21.55 48.14 12.25
C LYS G 76 -20.58 47.04 11.82
N ILE G 77 -20.24 46.19 12.78
CA ILE G 77 -19.20 45.17 12.63
C ILE G 77 -19.74 43.85 13.18
N ILE G 78 -19.39 42.75 12.52
CA ILE G 78 -19.66 41.41 13.04
C ILE G 78 -18.33 40.73 13.31
N PHE G 79 -18.19 40.12 14.48
CA PHE G 79 -16.95 39.54 14.95
C PHE G 79 -17.21 38.09 15.34
N ILE G 80 -16.61 37.15 14.60
CA ILE G 80 -16.67 35.74 14.93
C ILE G 80 -15.32 35.36 15.53
N ASP G 81 -15.37 34.78 16.73
CA ASP G 81 -14.17 34.58 17.56
C ASP G 81 -13.98 33.09 17.78
N THR G 82 -12.93 32.54 17.17
CA THR G 82 -12.57 31.14 17.37
C THR G 82 -11.45 30.95 18.38
N GLU G 83 -10.82 32.04 18.84
CA GLU G 83 -9.66 31.95 19.71
C GLU G 83 -9.93 32.35 21.16
N ASN G 84 -11.13 32.84 21.46
CA ASN G 84 -11.50 33.30 22.81
C ASN G 84 -10.65 34.49 23.23
N THR G 85 -10.45 35.43 22.31
CA THR G 85 -9.56 36.57 22.53
C THR G 85 -10.27 37.91 22.52
N PHE G 86 -11.52 37.97 22.07
CA PHE G 86 -12.23 39.24 22.00
C PHE G 86 -12.49 39.79 23.40
N ARG G 87 -12.15 41.06 23.59
CA ARG G 87 -12.28 41.73 24.89
C ARG G 87 -12.87 43.12 24.65
N PRO G 88 -14.15 43.31 24.98
CA PRO G 88 -14.76 44.64 24.86
C PRO G 88 -13.98 45.76 25.54
N ASP G 89 -13.25 45.47 26.62
CA ASP G 89 -12.55 46.55 27.32
C ASP G 89 -11.50 47.18 26.44
N ARG G 90 -10.85 46.40 25.57
CA ARG G 90 -9.98 47.02 24.57
C ARG G 90 -10.76 48.02 23.72
N LEU G 91 -12.00 47.66 23.35
CA LEU G 91 -12.79 48.59 22.56
C LEU G 91 -13.12 49.83 23.38
N ARG G 92 -13.28 49.68 24.69
CA ARG G 92 -13.53 50.85 25.55
C ARG G 92 -12.33 51.78 25.55
N ASP G 93 -11.13 51.23 25.66
CA ASP G 93 -9.91 52.04 25.63
C ASP G 93 -9.73 52.72 24.27
N ILE G 94 -10.01 52.01 23.19
CA ILE G 94 -9.84 52.60 21.87
C ILE G 94 -10.89 53.69 21.64
N ALA G 95 -12.12 53.44 22.08
CA ALA G 95 -13.15 54.48 22.01
C ALA G 95 -12.73 55.72 22.79
N ASP G 96 -12.16 55.52 23.98
CA ASP G 96 -11.65 56.64 24.75
C ASP G 96 -10.64 57.42 23.93
N ARG G 97 -9.70 56.70 23.30
CA ARG G 97 -8.69 57.36 22.46
C ARG G 97 -9.37 58.21 21.38
N PHE G 98 -10.37 57.65 20.71
CA PHE G 98 -11.05 58.33 19.62
C PHE G 98 -12.22 59.21 20.08
N ASN G 99 -12.42 59.36 21.39
CA ASN G 99 -13.42 60.30 21.92
C ASN G 99 -14.83 59.98 21.41
N VAL G 100 -15.24 58.72 21.60
CA VAL G 100 -16.58 58.27 21.23
C VAL G 100 -17.16 57.48 22.39
N ASP G 101 -18.49 57.46 22.48
CA ASP G 101 -19.16 56.83 23.60
C ASP G 101 -18.93 55.32 23.62
N HIS G 102 -18.76 54.79 24.84
CA HIS G 102 -18.54 53.36 25.02
C HIS G 102 -19.75 52.53 24.60
N ASP G 103 -20.92 52.84 25.17
CA ASP G 103 -22.10 52.01 24.96
C ASP G 103 -22.56 52.01 23.51
N ALA G 104 -22.42 53.13 22.80
CA ALA G 104 -22.77 53.13 21.38
C ALA G 104 -21.85 52.22 20.59
N VAL G 105 -20.54 52.29 20.85
CA VAL G 105 -19.60 51.40 20.19
C VAL G 105 -19.96 49.94 20.46
N LEU G 106 -20.25 49.62 21.73
CA LEU G 106 -20.50 48.24 22.11
C LEU G 106 -21.83 47.74 21.56
N ASP G 107 -22.80 48.65 21.32
CA ASP G 107 -24.09 48.25 20.77
C ASP G 107 -24.03 48.01 19.26
N ASN G 108 -23.03 48.56 18.58
CA ASN G 108 -22.92 48.47 17.14
C ASN G 108 -22.03 47.32 16.67
N VAL G 109 -21.57 46.48 17.57
CA VAL G 109 -20.76 45.30 17.23
C VAL G 109 -21.55 44.06 17.63
N LEU G 110 -21.82 43.20 16.65
CA LEU G 110 -22.41 41.88 16.91
C LEU G 110 -21.30 40.84 16.98
N TYR G 111 -21.42 39.91 17.94
CA TYR G 111 -20.33 39.04 18.32
C TYR G 111 -20.85 37.61 18.47
N ALA G 112 -20.05 36.65 18.01
CA ALA G 112 -20.37 35.24 18.20
C ALA G 112 -19.08 34.42 18.30
N ARG G 113 -19.07 33.45 19.21
CA ARG G 113 -18.02 32.45 19.23
C ARG G 113 -18.34 31.30 18.27
N ALA G 114 -17.31 30.80 17.60
CA ALA G 114 -17.40 29.57 16.81
C ALA G 114 -16.57 28.47 17.47
N TYR G 115 -17.18 27.30 17.67
CA TYR G 115 -16.50 26.19 18.32
C TYR G 115 -16.13 25.05 17.37
N THR G 116 -16.69 25.03 16.16
CA THR G 116 -16.35 24.05 15.13
C THR G 116 -16.41 24.72 13.76
N SER G 117 -15.80 24.08 12.77
CA SER G 117 -15.82 24.63 11.42
C SER G 117 -17.24 24.64 10.86
N GLU G 118 -18.02 23.59 11.15
CA GLU G 118 -19.43 23.58 10.76
C GLU G 118 -20.18 24.71 11.43
N HIS G 119 -19.90 24.94 12.72
CA HIS G 119 -20.49 26.07 13.43
C HIS G 119 -20.08 27.39 12.78
N GLN G 120 -18.80 27.51 12.41
CA GLN G 120 -18.32 28.72 11.76
C GLN G 120 -19.08 28.99 10.47
N MET G 121 -19.31 27.95 9.67
CA MET G 121 -20.03 28.14 8.41
C MET G 121 -21.49 28.49 8.66
N GLU G 122 -22.13 27.84 9.63
CA GLU G 122 -23.49 28.23 9.98
C GLU G 122 -23.55 29.69 10.42
N LEU G 123 -22.57 30.13 11.22
CA LEU G 123 -22.52 31.52 11.65
C LEU G 123 -22.39 32.44 10.44
N LEU G 124 -21.59 32.03 9.46
CA LEU G 124 -21.42 32.89 8.27
C LEU G 124 -22.71 32.94 7.46
N ASP G 125 -23.49 31.86 7.48
CA ASP G 125 -24.81 31.90 6.84
C ASP G 125 -25.75 32.86 7.56
N TYR G 126 -25.69 32.87 8.90
CA TYR G 126 -26.48 33.85 9.64
C TYR G 126 -25.99 35.27 9.34
N VAL G 127 -24.68 35.44 9.17
CA VAL G 127 -24.13 36.75 8.85
C VAL G 127 -24.68 37.21 7.50
N ALA G 128 -24.66 36.31 6.51
CA ALA G 128 -25.23 36.62 5.21
C ALA G 128 -26.69 37.04 5.33
N ALA G 129 -27.45 36.33 6.17
CA ALA G 129 -28.85 36.69 6.38
C ALA G 129 -28.98 38.08 7.00
N LYS G 130 -28.13 38.38 7.98
CA LYS G 130 -28.22 39.66 8.66
C LYS G 130 -27.88 40.79 7.70
N PHE G 131 -26.77 40.67 6.98
CA PHE G 131 -26.43 41.63 5.93
C PHE G 131 -27.59 41.83 4.97
N HIS G 132 -28.28 40.74 4.61
CA HIS G 132 -29.36 40.86 3.64
C HIS G 132 -30.55 41.60 4.24
N GLU G 133 -30.79 41.43 5.55
CA GLU G 133 -31.91 42.08 6.21
C GLU G 133 -32.01 43.56 5.86
N GLU G 134 -30.88 44.26 5.84
CA GLU G 134 -30.83 45.64 5.37
C GLU G 134 -29.39 45.96 4.96
N ALA G 135 -29.16 46.07 3.66
CA ALA G 135 -27.82 46.36 3.16
C ALA G 135 -27.38 47.76 3.57
N GLY G 136 -26.06 47.97 3.57
CA GLY G 136 -25.49 49.25 3.92
C GLY G 136 -25.35 49.53 5.39
N ILE G 137 -25.90 48.68 6.26
CA ILE G 137 -25.75 48.90 7.70
C ILE G 137 -24.39 48.42 8.17
N PHE G 138 -24.02 47.19 7.83
CA PHE G 138 -22.75 46.61 8.24
C PHE G 138 -21.69 46.83 7.17
N LYS G 139 -20.48 47.18 7.61
CA LYS G 139 -19.38 47.45 6.69
C LYS G 139 -18.19 46.50 6.84
N LEU G 140 -18.09 45.76 7.94
CA LEU G 140 -16.90 44.97 8.24
C LEU G 140 -17.29 43.66 8.89
N LEU G 141 -16.73 42.56 8.40
CA LEU G 141 -16.83 41.25 9.05
C LEU G 141 -15.44 40.80 9.45
N ILE G 142 -15.23 40.51 10.73
CA ILE G 142 -13.96 40.03 11.25
C ILE G 142 -14.10 38.57 11.65
N ILE G 143 -13.15 37.75 11.23
CA ILE G 143 -13.04 36.36 11.65
C ILE G 143 -11.65 36.11 12.23
N ASP G 144 -11.59 35.98 13.55
CA ASP G 144 -10.34 35.76 14.30
C ASP G 144 -10.51 34.45 15.06
N SER G 145 -10.08 33.34 14.46
CA SER G 145 -9.32 33.26 13.21
C SER G 145 -10.02 32.41 12.15
N ILE G 146 -9.47 32.41 10.95
CA ILE G 146 -10.21 31.96 9.77
C ILE G 146 -10.28 30.44 9.70
N MET G 147 -9.20 29.73 10.09
CA MET G 147 -9.21 28.29 9.89
C MET G 147 -8.56 27.50 11.03
N ALA G 148 -8.44 28.07 12.23
CA ALA G 148 -8.03 27.28 13.38
C ALA G 148 -8.94 26.07 13.57
N LEU G 149 -10.25 26.26 13.43
CA LEU G 149 -11.19 25.19 13.66
C LEU G 149 -11.11 24.12 12.57
N PHE G 150 -10.65 24.49 11.37
CA PHE G 150 -10.45 23.48 10.33
C PHE G 150 -9.22 22.63 10.63
N ARG G 151 -8.16 23.26 11.15
CA ARG G 151 -7.04 22.49 11.69
C ARG G 151 -7.50 21.53 12.78
N VAL G 152 -8.39 22.00 13.66
CA VAL G 152 -8.83 21.17 14.78
C VAL G 152 -9.66 19.98 14.29
N ASP G 153 -10.67 20.25 13.45
CA ASP G 153 -11.62 19.21 13.08
C ASP G 153 -11.07 18.22 12.08
N PHE G 154 -9.94 18.54 11.41
CA PHE G 154 -9.33 17.63 10.44
C PHE G 154 -7.81 17.68 10.65
N SER G 155 -7.36 17.11 11.76
CA SER G 155 -5.94 17.14 12.10
C SER G 155 -5.19 15.93 11.56
N GLY G 156 -5.84 14.77 11.51
CA GLY G 156 -5.24 13.60 10.92
C GLY G 156 -5.38 13.59 9.40
N ARG G 157 -4.34 13.11 8.73
CA ARG G 157 -4.38 13.02 7.28
C ARG G 157 -5.28 11.86 6.85
N GLY G 158 -5.76 11.95 5.61
CA GLY G 158 -6.81 11.09 5.11
C GLY G 158 -8.16 11.78 5.07
N GLU G 159 -8.39 12.73 5.97
CA GLU G 159 -9.54 13.62 5.93
C GLU G 159 -9.18 14.98 5.35
N LEU G 160 -7.96 15.12 4.81
CA LEU G 160 -7.51 16.40 4.28
C LEU G 160 -8.37 16.87 3.11
N ALA G 161 -8.81 15.94 2.26
CA ALA G 161 -9.68 16.30 1.14
C ALA G 161 -10.92 17.06 1.60
N GLU G 162 -11.62 16.52 2.61
CA GLU G 162 -12.81 17.19 3.11
C GLU G 162 -12.48 18.52 3.75
N ARG G 163 -11.35 18.60 4.46
CA ARG G 163 -10.93 19.88 5.04
C ARG G 163 -10.74 20.93 3.96
N GLN G 164 -10.00 20.58 2.90
CA GLN G 164 -9.75 21.52 1.81
C GLN G 164 -11.06 21.91 1.13
N GLN G 165 -11.96 20.95 0.94
CA GLN G 165 -13.24 21.25 0.28
C GLN G 165 -14.08 22.21 1.11
N LYS G 166 -14.20 21.93 2.42
CA LYS G 166 -14.95 22.81 3.31
C LYS G 166 -14.31 24.20 3.36
N LEU G 167 -12.98 24.25 3.42
CA LEU G 167 -12.29 25.54 3.47
C LEU G 167 -12.55 26.34 2.20
N ALA G 168 -12.41 25.71 1.03
CA ALA G 168 -12.68 26.40 -0.22
C ALA G 168 -14.12 26.90 -0.27
N GLN G 169 -15.07 26.05 0.16
CA GLN G 169 -16.47 26.44 0.15
C GLN G 169 -16.71 27.66 1.04
N MET G 170 -16.15 27.63 2.26
CA MET G 170 -16.28 28.75 3.18
C MET G 170 -15.68 30.01 2.59
N LEU G 171 -14.53 29.89 1.94
CA LEU G 171 -13.84 31.09 1.47
C LEU G 171 -14.54 31.66 0.25
N SER G 172 -15.12 30.81 -0.60
CA SER G 172 -15.93 31.29 -1.71
C SER G 172 -17.20 31.97 -1.21
N ARG G 173 -17.81 31.42 -0.17
CA ARG G 173 -18.95 32.09 0.46
C ARG G 173 -18.54 33.45 1.02
N LEU G 174 -17.37 33.52 1.66
CA LEU G 174 -16.90 34.79 2.20
C LEU G 174 -16.69 35.81 1.08
N GLN G 175 -16.05 35.38 0.00
CA GLN G 175 -15.86 36.24 -1.17
C GLN G 175 -17.20 36.76 -1.68
N LYS G 176 -18.17 35.86 -1.87
CA LYS G 176 -19.48 36.27 -2.38
C LYS G 176 -20.17 37.24 -1.42
N ILE G 177 -20.02 37.02 -0.12
CA ILE G 177 -20.60 37.94 0.86
C ILE G 177 -19.97 39.32 0.74
N SER G 178 -18.63 39.35 0.65
CA SER G 178 -17.92 40.62 0.58
C SER G 178 -18.28 41.39 -0.68
N GLU G 179 -18.44 40.69 -1.80
CA GLU G 179 -18.65 41.35 -3.08
C GLU G 179 -20.11 41.67 -3.36
N GLU G 180 -21.04 40.87 -2.84
CA GLU G 180 -22.46 41.15 -3.06
C GLU G 180 -22.95 42.31 -2.22
N TYR G 181 -22.50 42.41 -0.97
CA TYR G 181 -23.01 43.41 -0.03
C TYR G 181 -22.00 44.54 0.20
N ASN G 182 -20.89 44.55 -0.54
CA ASN G 182 -19.87 45.61 -0.45
C ASN G 182 -19.45 45.84 1.00
N VAL G 183 -18.92 44.78 1.61
CA VAL G 183 -18.33 44.86 2.94
C VAL G 183 -16.88 44.38 2.87
N ALA G 184 -16.05 44.95 3.73
CA ALA G 184 -14.70 44.44 3.94
C ALA G 184 -14.71 43.23 4.87
N VAL G 185 -13.95 42.20 4.50
CA VAL G 185 -13.79 41.02 5.33
C VAL G 185 -12.35 40.97 5.79
N PHE G 186 -12.14 41.01 7.11
CA PHE G 186 -10.83 40.92 7.72
C PHE G 186 -10.75 39.65 8.53
N VAL G 187 -9.73 38.84 8.27
CA VAL G 187 -9.54 37.56 8.96
C VAL G 187 -8.11 37.46 9.45
N THR G 188 -7.94 36.77 10.57
CA THR G 188 -6.61 36.47 11.08
C THR G 188 -6.27 35.01 10.80
N ASN G 189 -4.97 34.72 10.77
CA ASN G 189 -4.50 33.38 10.41
C ASN G 189 -3.21 33.07 11.15
N GLN G 190 -2.96 31.77 11.34
CA GLN G 190 -1.75 31.30 11.99
C GLN G 190 -0.68 30.98 10.95
N MET G 191 0.53 30.73 11.43
CA MET G 191 1.65 30.35 10.59
C MET G 191 2.21 29.00 11.02
N THR G 192 2.95 28.38 10.11
CA THR G 192 3.54 27.06 10.38
C THR G 192 4.93 26.97 9.76
N PRO G 208 2.24 30.82 6.25
CA PRO G 208 0.82 30.75 6.62
C PRO G 208 0.15 29.45 6.15
N ILE G 209 -0.79 28.96 6.95
CA ILE G 209 -1.50 27.72 6.69
C ILE G 209 -2.56 27.92 5.62
N GLY G 210 -3.17 26.83 5.17
CA GLY G 210 -4.19 26.87 4.14
C GLY G 210 -3.68 26.53 2.76
N GLY G 211 -2.57 27.13 2.34
CA GLY G 211 -1.96 26.79 1.08
C GLY G 211 -2.49 27.59 -0.09
N HIS G 212 -2.71 26.93 -1.23
CA HIS G 212 -3.17 27.64 -2.42
C HIS G 212 -4.57 28.21 -2.21
N ILE G 213 -5.43 27.48 -1.50
CA ILE G 213 -6.83 27.89 -1.36
C ILE G 213 -6.92 29.25 -0.69
N LEU G 214 -6.30 29.39 0.48
CA LEU G 214 -6.37 30.65 1.22
C LEU G 214 -5.55 31.74 0.53
N ALA G 215 -4.42 31.38 -0.09
CA ALA G 215 -3.65 32.38 -0.82
C ALA G 215 -4.48 33.01 -1.94
N HIS G 216 -5.22 32.18 -2.68
CA HIS G 216 -6.04 32.70 -3.77
C HIS G 216 -7.25 33.46 -3.24
N ALA G 217 -7.87 32.94 -2.18
CA ALA G 217 -9.12 33.53 -1.70
C ALA G 217 -8.90 34.93 -1.14
N SER G 218 -7.78 35.16 -0.48
CA SER G 218 -7.50 36.46 0.12
C SER G 218 -7.03 37.44 -0.94
N THR G 219 -7.63 38.64 -0.94
CA THR G 219 -7.20 39.70 -1.85
C THR G 219 -5.98 40.44 -1.33
N THR G 220 -5.82 40.56 -0.01
CA THR G 220 -4.65 41.19 0.58
C THR G 220 -4.13 40.35 1.73
N ARG G 221 -2.82 40.12 1.77
CA ARG G 221 -2.20 39.32 2.83
C ARG G 221 -1.12 40.14 3.53
N ILE G 222 -1.17 40.16 4.86
CA ILE G 222 -0.30 40.99 5.69
C ILE G 222 0.44 40.09 6.66
N SER G 223 1.77 40.17 6.64
CA SER G 223 2.60 39.54 7.66
C SER G 223 2.92 40.58 8.73
N LEU G 224 2.70 40.22 9.99
CA LEU G 224 3.01 41.06 11.13
C LEU G 224 4.19 40.48 11.88
N ARG G 225 5.15 41.33 12.24
CA ARG G 225 6.31 40.90 13.00
C ARG G 225 6.71 42.01 13.97
N LYS G 226 7.56 41.65 14.93
CA LYS G 226 7.99 42.61 15.94
C LYS G 226 9.12 43.49 15.42
N GLY G 227 9.03 44.78 15.72
CA GLY G 227 10.07 45.73 15.40
C GLY G 227 10.93 46.06 16.60
N ARG G 228 11.61 47.20 16.53
CA ARG G 228 12.46 47.63 17.64
C ARG G 228 11.58 48.05 18.82
N GLY G 229 12.02 47.67 20.02
CA GLY G 229 11.26 48.02 21.21
C GLY G 229 9.84 47.50 21.13
N GLU G 230 8.88 48.40 21.25
CA GLU G 230 7.47 48.05 21.26
C GLU G 230 6.80 48.25 19.90
N LEU G 231 7.58 48.51 18.85
CA LEU G 231 7.01 48.74 17.54
C LEU G 231 6.72 47.42 16.84
N ARG G 232 5.82 47.48 15.87
CA ARG G 232 5.50 46.35 15.00
C ARG G 232 5.70 46.75 13.55
N ILE G 233 5.80 45.72 12.70
CA ILE G 233 6.05 45.90 11.27
C ILE G 233 5.03 45.06 10.50
N ALA G 234 4.35 45.71 9.57
CA ALA G 234 3.42 45.06 8.64
C ALA G 234 4.03 45.01 7.25
N LYS G 235 3.89 43.88 6.58
CA LYS G 235 4.49 43.69 5.26
C LYS G 235 3.50 42.99 4.35
N ILE G 236 3.60 43.30 3.05
CA ILE G 236 2.81 42.60 2.04
C ILE G 236 3.44 41.23 1.81
N TYR G 237 2.66 40.17 2.01
CA TYR G 237 3.19 38.82 1.90
C TYR G 237 3.58 38.52 0.46
N ASP G 238 4.67 37.77 0.30
CA ASP G 238 5.15 37.31 -1.00
C ASP G 238 5.56 38.46 -1.91
N SER G 239 5.80 39.64 -1.35
CA SER G 239 6.24 40.79 -2.12
C SER G 239 7.75 40.94 -2.06
N PRO G 240 8.36 41.63 -3.02
CA PRO G 240 9.82 41.79 -3.00
C PRO G 240 10.29 42.53 -1.75
N GLU G 241 11.57 42.32 -1.43
CA GLU G 241 12.19 42.92 -0.26
C GLU G 241 12.48 44.37 -0.62
N MET G 242 11.50 45.23 -0.38
CA MET G 242 11.61 46.65 -0.70
C MET G 242 10.88 47.45 0.36
N PRO G 243 11.31 48.70 0.61
CA PRO G 243 10.73 49.43 1.76
C PRO G 243 9.27 49.79 1.59
N GLU G 244 8.85 50.14 0.37
CA GLU G 244 7.47 50.57 0.14
C GLU G 244 6.46 49.49 0.52
N ASN G 245 6.84 48.21 0.41
CA ASN G 245 5.97 47.11 0.78
C ASN G 245 5.93 46.85 2.29
N GLU G 246 6.50 47.73 3.11
CA GLU G 246 6.51 47.55 4.56
C GLU G 246 6.09 48.84 5.25
N ALA G 247 5.56 48.70 6.46
CA ALA G 247 5.15 49.85 7.26
C ALA G 247 5.39 49.58 8.73
N THR G 248 5.82 50.60 9.45
CA THR G 248 6.03 50.54 10.89
C THR G 248 4.83 51.15 11.61
N PHE G 249 4.38 50.50 12.67
CA PHE G 249 3.31 51.04 13.50
C PHE G 249 3.57 50.70 14.97
N ALA G 250 2.81 51.33 15.86
CA ALA G 250 2.97 51.13 17.29
C ALA G 250 1.68 50.61 17.90
N ILE G 251 1.82 49.95 19.05
CA ILE G 251 0.71 49.42 19.82
C ILE G 251 0.68 50.11 21.17
N THR G 252 -0.49 50.60 21.56
CA THR G 252 -0.68 51.26 22.85
C THR G 252 -2.00 50.78 23.44
N ALA G 253 -2.28 51.21 24.67
CA ALA G 253 -3.58 50.94 25.26
C ALA G 253 -4.71 51.50 24.41
N GLY G 254 -4.44 52.52 23.60
CA GLY G 254 -5.39 53.07 22.67
C GLY G 254 -5.46 52.35 21.34
N GLY G 255 -4.74 51.25 21.20
CA GLY G 255 -4.81 50.44 20.00
C GLY G 255 -3.64 50.65 19.06
N ILE G 256 -3.88 50.31 17.80
CA ILE G 256 -2.89 50.50 16.74
C ILE G 256 -2.74 51.99 16.44
N GLY G 257 -1.50 52.43 16.26
CA GLY G 257 -1.22 53.82 15.95
C GLY G 257 -0.08 54.01 14.97
N GLY H 5 -28.39 33.98 17.41
CA GLY H 5 -27.15 33.35 17.84
C GLY H 5 -26.03 34.35 18.12
N PHE H 6 -26.33 35.64 17.93
CA PHE H 6 -25.35 36.70 18.11
C PHE H 6 -25.72 37.56 19.31
N LEU H 7 -24.70 38.06 19.99
CA LEU H 7 -24.86 39.09 21.02
C LEU H 7 -24.18 40.37 20.56
N THR H 8 -24.68 41.50 21.06
CA THR H 8 -23.94 42.74 20.95
C THR H 8 -22.67 42.68 21.80
N ALA H 9 -21.69 43.50 21.44
CA ALA H 9 -20.47 43.59 22.24
C ALA H 9 -20.77 44.04 23.66
N PHE H 10 -21.82 44.83 23.85
CA PHE H 10 -22.19 45.29 25.18
C PHE H 10 -22.68 44.11 26.04
N GLU H 11 -23.61 43.32 25.49
CA GLU H 11 -24.08 42.13 26.18
C GLU H 11 -22.93 41.18 26.51
N TYR H 12 -22.01 40.98 25.57
CA TYR H 12 -20.88 40.10 25.86
C TYR H 12 -19.99 40.69 26.96
N SER H 13 -19.81 42.01 26.96
CA SER H 13 -19.06 42.65 28.04
C SER H 13 -19.73 42.40 29.38
N GLU H 14 -21.05 42.58 29.43
CA GLU H 14 -21.81 42.30 30.65
C GLU H 14 -21.63 40.84 31.08
N LYS H 15 -21.60 39.92 30.11
CA LYS H 15 -21.41 38.52 30.43
C LYS H 15 -20.02 38.26 30.99
N ARG H 16 -19.00 38.90 30.41
CA ARG H 16 -17.63 38.69 30.86
C ARG H 16 -17.36 39.36 32.19
N LYS H 17 -18.16 40.37 32.55
CA LYS H 17 -18.00 41.02 33.85
C LYS H 17 -18.20 40.04 35.00
N MET H 18 -18.85 38.91 34.75
CA MET H 18 -19.10 37.89 35.76
C MET H 18 -17.96 36.90 35.92
N VAL H 19 -16.86 37.08 35.18
CA VAL H 19 -15.72 36.18 35.31
C VAL H 19 -15.09 36.33 36.68
N PHE H 20 -14.67 35.21 37.26
CA PHE H 20 -14.05 35.15 38.58
C PHE H 20 -12.80 34.30 38.50
N HIS H 21 -12.01 34.33 39.58
CA HIS H 21 -10.82 33.50 39.68
C HIS H 21 -10.88 32.69 40.97
N ILE H 22 -10.41 31.45 40.91
CA ILE H 22 -10.33 30.57 42.06
C ILE H 22 -8.87 30.39 42.44
N THR H 23 -8.52 30.78 43.67
CA THR H 23 -7.14 30.68 44.13
C THR H 23 -6.67 29.24 44.11
N THR H 24 -5.41 29.05 43.69
CA THR H 24 -4.77 27.74 43.72
C THR H 24 -4.28 27.33 45.10
N GLY H 25 -4.28 28.23 46.08
CA GLY H 25 -3.62 28.02 47.34
C GLY H 25 -2.21 28.56 47.41
N SER H 26 -1.63 28.94 46.27
CA SER H 26 -0.29 29.49 46.18
C SER H 26 -0.38 30.91 45.64
N GLN H 27 0.22 31.87 46.35
CA GLN H 27 0.18 33.25 45.92
C GLN H 27 0.89 33.43 44.58
N GLU H 28 2.07 32.81 44.43
CA GLU H 28 2.83 32.96 43.20
C GLU H 28 2.11 32.30 42.03
N PHE H 29 1.56 31.10 42.24
CA PHE H 29 0.74 30.46 41.21
C PHE H 29 -0.43 31.36 40.81
N ASP H 30 -1.10 31.96 41.80
CA ASP H 30 -2.23 32.84 41.49
C ASP H 30 -1.78 34.02 40.65
N LYS H 31 -0.66 34.65 41.02
CA LYS H 31 -0.12 35.73 40.21
C LYS H 31 0.15 35.25 38.79
N LEU H 32 0.73 34.06 38.66
CA LEU H 32 0.98 33.47 37.35
C LEU H 32 -0.31 33.37 36.54
N LEU H 33 -1.42 33.07 37.21
CA LEU H 33 -2.69 32.88 36.52
C LEU H 33 -3.54 34.15 36.45
N GLY H 34 -3.05 35.27 36.98
CA GLY H 34 -3.85 36.47 37.00
C GLY H 34 -4.96 36.46 38.03
N GLY H 35 -4.80 35.67 39.09
CA GLY H 35 -5.78 35.62 40.16
C GLY H 35 -6.13 34.19 40.54
N GLY H 36 -5.95 33.27 39.61
CA GLY H 36 -6.26 31.88 39.84
C GLY H 36 -6.91 31.26 38.63
N ILE H 37 -7.57 30.13 38.86
CA ILE H 37 -8.26 29.41 37.79
C ILE H 37 -9.45 30.23 37.32
N GLU H 38 -9.49 30.54 36.02
CA GLU H 38 -10.42 31.51 35.48
C GLU H 38 -11.68 30.81 34.97
N SER H 39 -12.83 31.44 35.20
CA SER H 39 -14.09 30.92 34.69
C SER H 39 -14.26 31.28 33.22
N MET H 40 -15.25 30.64 32.58
CA MET H 40 -15.47 30.75 31.14
C MET H 40 -14.24 30.35 30.35
N ALA H 41 -13.49 29.36 30.85
CA ALA H 41 -12.26 28.93 30.21
C ALA H 41 -11.87 27.55 30.72
N ILE H 42 -11.06 26.88 29.90
CA ILE H 42 -10.40 25.62 30.27
C ILE H 42 -8.93 25.87 30.60
N THR H 43 -8.53 25.39 31.76
CA THR H 43 -7.13 25.39 32.19
C THR H 43 -6.68 23.94 32.29
N GLU H 44 -5.58 23.63 31.62
CA GLU H 44 -5.04 22.29 31.53
C GLU H 44 -3.72 22.26 32.28
N ALA H 45 -3.55 21.25 33.12
CA ALA H 45 -2.29 21.05 33.84
C ALA H 45 -1.74 19.69 33.48
N PHE H 46 -0.48 19.66 33.03
CA PHE H 46 0.15 18.41 32.64
C PHE H 46 1.56 18.35 33.20
N GLY H 47 2.05 17.13 33.38
CA GLY H 47 3.38 16.95 33.91
C GLY H 47 3.63 15.49 34.23
N GLU H 48 4.81 15.23 34.77
CA GLU H 48 5.21 13.88 35.14
C GLU H 48 4.63 13.52 36.51
N PHE H 49 4.98 12.33 37.00
CA PHE H 49 4.45 11.84 38.26
C PHE H 49 4.99 12.67 39.42
N ARG H 50 4.11 12.95 40.39
CA ARG H 50 4.46 13.72 41.59
C ARG H 50 4.94 15.13 41.23
N THR H 51 4.26 15.76 40.27
CA THR H 51 4.52 17.16 39.96
C THR H 51 3.50 18.12 40.54
N GLY H 52 2.35 17.62 41.00
CA GLY H 52 1.40 18.48 41.67
C GLY H 52 -0.01 18.44 41.12
N LYS H 53 -0.22 17.69 40.03
CA LYS H 53 -1.53 17.65 39.39
C LYS H 53 -2.62 17.24 40.38
N THR H 54 -2.40 16.14 41.10
CA THR H 54 -3.43 15.66 42.03
C THR H 54 -3.57 16.59 43.22
N GLN H 55 -2.44 17.10 43.73
CA GLN H 55 -2.51 18.05 44.84
C GLN H 55 -3.23 19.32 44.42
N LEU H 56 -3.00 19.78 43.18
CA LEU H 56 -3.68 20.96 42.69
C LEU H 56 -5.17 20.71 42.54
N SER H 57 -5.53 19.56 41.96
CA SER H 57 -6.95 19.19 41.84
C SER H 57 -7.65 19.22 43.20
N HIS H 58 -7.04 18.59 44.22
CA HIS H 58 -7.70 18.55 45.52
C HIS H 58 -7.74 19.93 46.16
N THR H 59 -6.64 20.69 46.04
CA THR H 59 -6.65 22.03 46.61
C THR H 59 -7.75 22.86 45.98
N LEU H 60 -7.91 22.78 44.65
CA LEU H 60 -8.98 23.54 44.02
C LEU H 60 -10.34 23.03 44.46
N CYS H 61 -10.44 21.73 44.74
CA CYS H 61 -11.67 21.14 45.26
C CYS H 61 -12.07 21.80 46.57
N VAL H 62 -11.09 22.29 47.31
CA VAL H 62 -11.38 22.96 48.57
C VAL H 62 -11.54 24.47 48.39
N THR H 63 -10.62 25.09 47.66
CA THR H 63 -10.61 26.54 47.50
C THR H 63 -11.82 27.04 46.72
N ALA H 64 -12.38 26.23 45.81
CA ALA H 64 -13.57 26.67 45.08
C ALA H 64 -14.77 26.89 45.99
N GLN H 65 -14.74 26.36 47.22
CA GLN H 65 -15.86 26.53 48.13
C GLN H 65 -15.70 27.75 49.03
N LEU H 66 -14.55 28.43 48.97
CA LEU H 66 -14.21 29.52 49.86
C LEU H 66 -14.42 30.86 49.17
N PRO H 67 -15.01 31.84 49.86
CA PRO H 67 -15.02 33.20 49.34
C PRO H 67 -13.61 33.69 49.04
N GLY H 68 -13.47 34.41 47.93
CA GLY H 68 -12.17 34.81 47.46
C GLY H 68 -12.13 36.17 46.80
N ALA H 69 -11.02 36.47 46.13
CA ALA H 69 -10.81 37.77 45.51
C ALA H 69 -11.81 38.00 44.39
N GLY H 70 -12.00 39.28 44.05
CA GLY H 70 -12.91 39.65 42.98
C GLY H 70 -14.36 39.31 43.23
N GLY H 71 -14.77 39.22 44.49
CA GLY H 71 -16.15 38.90 44.79
C GLY H 71 -16.56 37.46 44.58
N TYR H 72 -15.62 36.55 44.50
CA TYR H 72 -15.95 35.14 44.34
C TYR H 72 -16.67 34.62 45.57
N PRO H 73 -17.89 34.09 45.45
CA PRO H 73 -18.65 33.68 46.63
C PRO H 73 -18.44 32.24 47.06
N GLY H 74 -17.72 31.45 46.28
CA GLY H 74 -17.63 30.02 46.52
C GLY H 74 -18.81 29.26 45.94
N GLY H 75 -18.60 27.97 45.74
CA GLY H 75 -19.63 27.13 45.18
C GLY H 75 -19.24 25.68 45.18
N LYS H 76 -19.97 24.89 44.40
CA LYS H 76 -19.77 23.45 44.35
C LYS H 76 -18.88 23.06 43.17
N ILE H 77 -18.43 21.80 43.20
CA ILE H 77 -17.44 21.27 42.27
C ILE H 77 -17.93 19.92 41.75
N ILE H 78 -17.67 19.65 40.48
CA ILE H 78 -17.89 18.33 39.90
C ILE H 78 -16.53 17.75 39.49
N PHE H 79 -16.29 16.49 39.86
CA PHE H 79 -15.00 15.83 39.67
C PHE H 79 -15.24 14.53 38.93
N ILE H 80 -14.72 14.44 37.70
CA ILE H 80 -14.74 13.22 36.91
C ILE H 80 -13.34 12.61 36.96
N ASP H 81 -13.25 11.36 37.40
CA ASP H 81 -11.99 10.71 37.74
C ASP H 81 -11.78 9.53 36.81
N THR H 82 -10.79 9.65 35.92
CA THR H 82 -10.42 8.56 35.03
C THR H 82 -9.20 7.79 35.53
N GLU H 83 -8.52 8.28 36.57
CA GLU H 83 -7.27 7.69 37.03
C GLU H 83 -7.39 6.92 38.34
N ASN H 84 -8.55 6.96 39.01
CA ASN H 84 -8.74 6.30 40.30
C ASN H 84 -7.84 6.91 41.38
N THR H 85 -7.75 8.24 41.38
CA THR H 85 -6.84 8.96 42.26
C THR H 85 -7.52 9.86 43.29
N PHE H 86 -8.82 10.12 43.15
CA PHE H 86 -9.50 10.99 44.09
C PHE H 86 -9.54 10.38 45.48
N ARG H 87 -9.13 11.15 46.49
CA ARG H 87 -9.07 10.70 47.87
C ARG H 87 -9.65 11.79 48.76
N PRO H 88 -10.87 11.60 49.27
CA PRO H 88 -11.45 12.59 50.19
C PRO H 88 -10.56 12.97 51.37
N ASP H 89 -9.69 12.06 51.84
CA ASP H 89 -8.88 12.38 53.01
C ASP H 89 -7.94 13.54 52.73
N ARG H 90 -7.43 13.66 51.49
CA ARG H 90 -6.69 14.85 51.14
C ARG H 90 -7.55 16.09 51.33
N LEU H 91 -8.83 16.02 50.94
CA LEU H 91 -9.69 17.18 51.13
C LEU H 91 -9.89 17.47 52.60
N ARG H 92 -9.89 16.44 53.45
CA ARG H 92 -10.01 16.66 54.89
C ARG H 92 -8.79 17.41 55.42
N ASP H 93 -7.60 17.01 54.99
CA ASP H 93 -6.39 17.71 55.42
C ASP H 93 -6.35 19.14 54.91
N ILE H 94 -6.76 19.36 53.66
CA ILE H 94 -6.74 20.71 53.12
C ILE H 94 -7.79 21.58 53.80
N ALA H 95 -8.96 21.02 54.08
CA ALA H 95 -9.97 21.75 54.84
C ALA H 95 -9.42 22.12 56.21
N ASP H 96 -8.71 21.20 56.86
CA ASP H 96 -8.08 21.52 58.14
C ASP H 96 -7.16 22.72 57.97
N ARG H 97 -6.32 22.71 56.94
CA ARG H 97 -5.43 23.84 56.69
C ARG H 97 -6.21 25.14 56.58
N PHE H 98 -7.29 25.12 55.79
CA PHE H 98 -8.10 26.31 55.57
C PHE H 98 -9.19 26.50 56.62
N ASN H 99 -9.20 25.68 57.67
CA ASN H 99 -10.11 25.86 58.81
C ASN H 99 -11.57 25.85 58.37
N VAL H 100 -11.95 24.80 57.64
CA VAL H 100 -13.32 24.61 57.22
C VAL H 100 -13.73 23.17 57.50
N ASP H 101 -15.03 22.96 57.68
CA ASP H 101 -15.54 21.65 58.08
C ASP H 101 -15.32 20.61 56.99
N HIS H 102 -14.99 19.38 57.40
CA HIS H 102 -14.77 18.29 56.46
C HIS H 102 -16.06 17.93 55.73
N ASP H 103 -17.11 17.63 56.49
CA ASP H 103 -18.35 17.11 55.90
C ASP H 103 -19.01 18.13 54.98
N ALA H 104 -18.91 19.42 55.31
CA ALA H 104 -19.45 20.44 54.41
C ALA H 104 -18.69 20.45 53.09
N VAL H 105 -17.37 20.39 53.15
CA VAL H 105 -16.56 20.31 51.93
C VAL H 105 -16.95 19.10 51.11
N LEU H 106 -17.10 17.94 51.76
CA LEU H 106 -17.38 16.71 51.04
C LEU H 106 -18.79 16.71 50.47
N ASP H 107 -19.72 17.44 51.08
CA ASP H 107 -21.08 17.49 50.56
C ASP H 107 -21.20 18.39 49.35
N ASN H 108 -20.26 19.31 49.14
CA ASN H 108 -20.31 20.25 48.04
C ASN H 108 -19.52 19.79 46.82
N VAL H 109 -19.00 18.57 46.84
CA VAL H 109 -18.28 17.99 45.71
C VAL H 109 -19.06 16.79 45.22
N LEU H 110 -19.47 16.83 43.95
CA LEU H 110 -20.06 15.68 43.27
C LEU H 110 -18.98 14.95 42.48
N TYR H 111 -19.02 13.63 42.51
CA TYR H 111 -17.89 12.82 42.06
C TYR H 111 -18.39 11.66 41.21
N ALA H 112 -17.68 11.37 40.13
CA ALA H 112 -17.98 10.21 39.31
C ALA H 112 -16.71 9.67 38.66
N ARG H 113 -16.57 8.34 38.63
CA ARG H 113 -15.54 7.71 37.83
C ARG H 113 -15.99 7.54 36.39
N ALA H 114 -15.07 7.74 35.46
CA ALA H 114 -15.26 7.42 34.05
C ALA H 114 -14.36 6.25 33.67
N TYR H 115 -14.94 5.22 33.03
CA TYR H 115 -14.19 4.04 32.64
C TYR H 115 -13.95 3.94 31.14
N THR H 116 -14.65 4.72 30.32
CA THR H 116 -14.45 4.76 28.88
C THR H 116 -14.66 6.19 28.39
N SER H 117 -14.18 6.47 27.18
CA SER H 117 -14.37 7.80 26.62
C SER H 117 -15.84 8.09 26.36
N GLU H 118 -16.59 7.10 25.88
CA GLU H 118 -18.03 7.27 25.70
C GLU H 118 -18.70 7.53 27.04
N HIS H 119 -18.29 6.80 28.08
CA HIS H 119 -18.80 7.07 29.42
C HIS H 119 -18.46 8.48 29.86
N GLN H 120 -17.22 8.91 29.60
CA GLN H 120 -16.81 10.27 29.97
C GLN H 120 -17.69 11.32 29.30
N MET H 121 -18.02 11.11 28.02
CA MET H 121 -18.85 12.09 27.32
C MET H 121 -20.28 12.06 27.86
N GLU H 122 -20.81 10.87 28.14
CA GLU H 122 -22.13 10.81 28.77
C GLU H 122 -22.12 11.54 30.11
N LEU H 123 -21.06 11.35 30.89
CA LEU H 123 -20.95 12.04 32.17
C LEU H 123 -20.95 13.55 31.97
N LEU H 124 -20.27 14.01 30.92
CA LEU H 124 -20.25 15.46 30.68
C LEU H 124 -21.62 15.96 30.25
N ASP H 125 -22.39 15.13 29.56
CA ASP H 125 -23.77 15.50 29.24
C ASP H 125 -24.61 15.60 30.51
N TYR H 126 -24.40 14.68 31.46
CA TYR H 126 -25.08 14.80 32.75
C TYR H 126 -24.63 16.05 33.49
N VAL H 127 -23.35 16.40 33.37
CA VAL H 127 -22.85 17.60 34.01
C VAL H 127 -23.55 18.83 33.44
N ALA H 128 -23.66 18.88 32.11
CA ALA H 128 -24.39 19.96 31.45
C ALA H 128 -25.82 20.05 31.98
N ALA H 129 -26.47 18.89 32.14
CA ALA H 129 -27.83 18.88 32.67
C ALA H 129 -27.87 19.42 34.09
N LYS H 130 -26.91 19.01 34.93
CA LYS H 130 -26.89 19.44 36.32
C LYS H 130 -26.69 20.96 36.40
N PHE H 131 -25.68 21.47 35.70
CA PHE H 131 -25.48 22.91 35.62
C PHE H 131 -26.76 23.61 35.18
N HIS H 132 -27.48 23.00 34.25
CA HIS H 132 -28.70 23.63 33.73
C HIS H 132 -29.80 23.64 34.78
N GLU H 133 -29.85 22.61 35.63
CA GLU H 133 -30.89 22.52 36.67
C GLU H 133 -31.03 23.83 37.44
N GLU H 134 -29.91 24.45 37.82
CA GLU H 134 -29.94 25.77 38.45
C GLU H 134 -28.56 26.41 38.28
N ALA H 135 -28.46 27.41 37.41
CA ALA H 135 -27.19 28.09 37.16
C ALA H 135 -26.72 28.85 38.39
N GLY H 136 -25.41 29.11 38.44
CA GLY H 136 -24.79 29.83 39.54
C GLY H 136 -24.47 29.01 40.77
N ILE H 137 -24.90 27.75 40.84
CA ILE H 137 -24.57 26.91 41.99
C ILE H 137 -23.15 26.37 41.88
N PHE H 138 -22.81 25.78 40.75
CA PHE H 138 -21.49 25.20 40.52
C PHE H 138 -20.55 26.19 39.85
N LYS H 139 -19.30 26.23 40.32
CA LYS H 139 -18.30 27.13 39.80
C LYS H 139 -17.11 26.44 39.15
N LEU H 140 -16.91 25.14 39.39
CA LEU H 140 -15.70 24.45 38.96
C LEU H 140 -16.03 23.04 38.52
N LEU H 141 -15.53 22.66 37.34
CA LEU H 141 -15.56 21.29 36.85
C LEU H 141 -14.14 20.78 36.70
N ILE H 142 -13.81 19.68 37.36
CA ILE H 142 -12.49 19.07 37.26
C ILE H 142 -12.59 17.75 36.50
N ILE H 143 -11.70 17.56 35.53
CA ILE H 143 -11.56 16.30 34.81
C ILE H 143 -10.10 15.84 34.92
N ASP H 144 -9.89 14.81 35.72
CA ASP H 144 -8.56 14.23 35.98
C ASP H 144 -8.63 12.75 35.58
N SER H 145 -8.26 12.45 34.34
CA SER H 145 -7.66 13.32 33.34
C SER H 145 -8.47 13.41 32.05
N ILE H 146 -8.06 14.32 31.15
CA ILE H 146 -8.93 14.75 30.08
C ILE H 146 -9.01 13.72 28.96
N MET H 147 -7.91 13.05 28.63
CA MET H 147 -7.95 12.16 27.47
C MET H 147 -7.16 10.86 27.66
N ALA H 148 -6.88 10.45 28.90
CA ALA H 148 -6.32 9.12 29.11
C ALA H 148 -7.20 8.04 28.48
N LEU H 149 -8.52 8.15 28.66
CA LEU H 149 -9.42 7.13 28.15
C LEU H 149 -9.50 7.15 26.63
N PHE H 150 -9.23 8.29 25.99
CA PHE H 150 -9.18 8.31 24.53
C PHE H 150 -7.93 7.63 24.01
N ARG H 151 -6.80 7.82 24.70
CA ARG H 151 -5.62 7.01 24.42
C ARG H 151 -5.91 5.53 24.58
N VAL H 152 -6.66 5.16 25.62
CA VAL H 152 -6.93 3.75 25.88
C VAL H 152 -7.83 3.16 24.79
N ASP H 153 -8.95 3.82 24.50
CA ASP H 153 -9.96 3.25 23.62
C ASP H 153 -9.58 3.30 22.15
N PHE H 154 -8.57 4.12 21.78
CA PHE H 154 -8.12 4.22 20.39
C PHE H 154 -6.59 4.27 20.39
N SER H 155 -5.97 3.15 20.72
CA SER H 155 -4.51 3.09 20.81
C SER H 155 -3.86 2.68 19.50
N GLY H 156 -4.52 1.83 18.72
CA GLY H 156 -4.03 1.47 17.41
C GLY H 156 -4.39 2.52 16.36
N ARG H 157 -3.46 2.74 15.44
CA ARG H 157 -3.71 3.68 14.35
C ARG H 157 -4.66 3.07 13.32
N GLY H 158 -5.31 3.95 12.56
CA GLY H 158 -6.41 3.61 11.70
C GLY H 158 -7.75 4.00 12.29
N GLU H 159 -7.85 4.02 13.62
CA GLU H 159 -8.98 4.59 14.33
C GLU H 159 -8.67 5.98 14.85
N LEU H 160 -7.52 6.55 14.45
CA LEU H 160 -7.11 7.86 14.95
C LEU H 160 -8.09 8.94 14.53
N ALA H 161 -8.64 8.85 13.31
CA ALA H 161 -9.63 9.83 12.87
C ALA H 161 -10.79 9.92 13.85
N GLU H 162 -11.36 8.76 14.21
CA GLU H 162 -12.48 8.75 15.15
C GLU H 162 -12.07 9.24 16.53
N ARG H 163 -10.85 8.89 16.96
CA ARG H 163 -10.36 9.39 18.24
C ARG H 163 -10.31 10.92 18.24
N GLN H 164 -9.72 11.50 17.19
CA GLN H 164 -9.62 12.96 17.10
C GLN H 164 -11.00 13.59 17.04
N GLN H 165 -11.93 12.97 16.32
CA GLN H 165 -13.27 13.53 16.20
C GLN H 165 -13.98 13.52 17.55
N LYS H 166 -13.94 12.40 18.26
CA LYS H 166 -14.55 12.32 19.58
C LYS H 166 -13.89 13.29 20.55
N LEU H 167 -12.57 13.41 20.51
CA LEU H 167 -11.86 14.32 21.40
C LEU H 167 -12.27 15.76 21.12
N ALA H 168 -12.27 16.16 19.84
CA ALA H 168 -12.68 17.51 19.47
C ALA H 168 -14.11 17.78 19.92
N GLN H 169 -15.00 16.81 19.72
CA GLN H 169 -16.40 17.00 20.12
C GLN H 169 -16.50 17.21 21.63
N MET H 170 -15.80 16.38 22.41
CA MET H 170 -15.81 16.53 23.86
C MET H 170 -15.26 17.88 24.28
N LEU H 171 -14.19 18.34 23.63
CA LEU H 171 -13.56 19.58 24.07
C LEU H 171 -14.39 20.79 23.68
N SER H 172 -15.08 20.71 22.54
CA SER H 172 -16.01 21.77 22.17
C SER H 172 -17.20 21.80 23.11
N ARG H 173 -17.68 20.63 23.53
CA ARG H 173 -18.72 20.59 24.56
C ARG H 173 -18.23 21.21 25.86
N LEU H 174 -16.99 20.93 26.25
CA LEU H 174 -16.44 21.52 27.47
C LEU H 174 -16.38 23.03 27.37
N GLN H 175 -15.88 23.54 26.24
CA GLN H 175 -15.86 24.99 26.01
C GLN H 175 -17.25 25.59 26.14
N LYS H 176 -18.24 24.99 25.46
CA LYS H 176 -19.59 25.52 25.51
C LYS H 176 -20.15 25.48 26.94
N ILE H 177 -19.84 24.42 27.69
CA ILE H 177 -20.27 24.33 29.08
C ILE H 177 -19.65 25.46 29.90
N SER H 178 -18.35 25.66 29.74
CA SER H 178 -17.64 26.67 30.52
C SER H 178 -18.16 28.07 30.22
N GLU H 179 -18.45 28.35 28.94
CA GLU H 179 -18.82 29.71 28.56
C GLU H 179 -20.30 30.00 28.71
N GLU H 180 -21.16 28.99 28.55
CA GLU H 180 -22.59 29.20 28.71
C GLU H 180 -23.00 29.33 30.17
N TYR H 181 -22.40 28.53 31.05
CA TYR H 181 -22.80 28.47 32.45
C TYR H 181 -21.80 29.16 33.37
N ASN H 182 -20.80 29.84 32.82
CA ASN H 182 -19.81 30.60 33.59
C ASN H 182 -19.20 29.76 34.70
N VAL H 183 -18.57 28.66 34.31
CA VAL H 183 -17.81 27.83 35.22
C VAL H 183 -16.38 27.71 34.72
N ALA H 184 -15.45 27.58 35.66
CA ALA H 184 -14.07 27.24 35.33
C ALA H 184 -13.96 25.74 35.10
N VAL H 185 -13.25 25.36 34.02
CA VAL H 185 -12.99 23.95 33.74
C VAL H 185 -11.50 23.71 33.91
N PHE H 186 -11.15 22.82 34.83
CA PHE H 186 -9.77 22.43 35.09
C PHE H 186 -9.61 20.96 34.73
N VAL H 187 -8.62 20.65 33.89
CA VAL H 187 -8.38 19.29 33.46
C VAL H 187 -6.90 18.98 33.60
N THR H 188 -6.60 17.72 33.90
CA THR H 188 -5.22 17.24 33.93
C THR H 188 -4.92 16.41 32.69
N ASN H 189 -3.62 16.33 32.37
CA ASN H 189 -3.18 15.67 31.15
C ASN H 189 -1.81 15.04 31.36
N GLN H 190 -1.52 14.00 30.58
CA GLN H 190 -0.25 13.31 30.60
C GLN H 190 0.69 13.88 29.54
N MET H 191 1.95 13.46 29.60
CA MET H 191 2.96 13.87 28.64
C MET H 191 3.56 12.64 27.94
N THR H 192 4.18 12.89 26.79
CA THR H 192 4.79 11.82 26.02
C THR H 192 6.10 12.27 25.38
N LYS H 206 9.95 16.36 26.41
CA LYS H 206 8.63 15.78 26.22
C LYS H 206 7.60 16.86 25.87
N LYS H 207 6.51 16.44 25.24
CA LYS H 207 5.43 17.33 24.86
C LYS H 207 4.09 16.73 25.27
N PRO H 208 3.11 17.56 25.62
CA PRO H 208 1.79 17.04 25.99
C PRO H 208 1.08 16.43 24.80
N ILE H 209 0.18 15.49 25.10
CA ILE H 209 -0.60 14.77 24.08
C ILE H 209 -1.78 15.63 23.64
N GLY H 210 -2.42 15.25 22.55
CA GLY H 210 -3.59 15.96 22.06
C GLY H 210 -3.35 16.64 20.74
N GLY H 211 -2.15 17.20 20.56
CA GLY H 211 -1.83 17.87 19.30
C GLY H 211 -2.51 19.22 19.20
N HIS H 212 -2.93 19.57 17.98
CA HIS H 212 -3.58 20.86 17.76
C HIS H 212 -4.90 20.95 18.52
N ILE H 213 -5.64 19.84 18.61
CA ILE H 213 -6.98 19.86 19.19
C ILE H 213 -6.92 20.34 20.63
N LEU H 214 -6.11 19.68 21.46
CA LEU H 214 -6.04 20.06 22.87
C LEU H 214 -5.34 21.39 23.07
N ALA H 215 -4.33 21.71 22.26
CA ALA H 215 -3.69 23.02 22.36
C ALA H 215 -4.70 24.14 22.13
N HIS H 216 -5.54 23.99 21.10
CA HIS H 216 -6.53 25.02 20.80
C HIS H 216 -7.63 25.06 21.85
N ALA H 217 -8.08 23.89 22.30
CA ALA H 217 -9.24 23.83 23.19
C ALA H 217 -8.95 24.46 24.54
N SER H 218 -7.73 24.30 25.05
CA SER H 218 -7.38 24.85 26.36
C SER H 218 -7.09 26.34 26.25
N THR H 219 -7.69 27.12 27.14
CA THR H 219 -7.41 28.55 27.19
C THR H 219 -6.13 28.85 27.94
N THR H 220 -5.79 28.02 28.93
CA THR H 220 -4.54 28.19 29.66
C THR H 220 -3.88 26.81 29.82
N ARG H 221 -2.59 26.72 29.56
CA ARG H 221 -1.87 25.46 29.68
C ARG H 221 -0.70 25.61 30.64
N ILE H 222 -0.61 24.69 31.59
CA ILE H 222 0.37 24.74 32.68
C ILE H 222 1.19 23.45 32.65
N SER H 223 2.50 23.58 32.58
CA SER H 223 3.40 22.46 32.77
C SER H 223 3.86 22.46 34.23
N LEU H 224 3.75 21.31 34.88
CA LEU H 224 4.19 21.13 36.26
C LEU H 224 5.42 20.24 36.27
N ARG H 225 6.44 20.64 37.02
CA ARG H 225 7.65 19.85 37.14
C ARG H 225 8.21 19.98 38.55
N LYS H 226 9.13 19.09 38.91
CA LYS H 226 9.71 19.10 40.24
C LYS H 226 10.80 20.15 40.34
N GLY H 227 10.81 20.87 41.46
CA GLY H 227 11.84 21.83 41.76
C GLY H 227 12.87 21.27 42.73
N ARG H 228 13.59 22.18 43.37
CA ARG H 228 14.59 21.76 44.34
C ARG H 228 13.90 21.20 45.59
N GLY H 229 14.46 20.11 46.12
CA GLY H 229 13.87 19.49 47.29
C GLY H 229 12.43 19.10 47.03
N GLU H 230 11.52 19.62 47.85
CA GLU H 230 10.10 19.28 47.77
C GLU H 230 9.29 20.32 47.02
N LEU H 231 9.94 21.29 46.37
CA LEU H 231 9.23 22.33 45.68
C LEU H 231 8.81 21.86 44.28
N ARG H 232 7.80 22.53 43.74
CA ARG H 232 7.32 22.31 42.39
C ARG H 232 7.35 23.62 41.61
N ILE H 233 7.31 23.50 40.29
CA ILE H 233 7.37 24.63 39.38
C ILE H 233 6.24 24.52 38.36
N ALA H 234 5.49 25.60 38.22
CA ALA H 234 4.44 25.74 37.22
C ALA H 234 4.90 26.71 36.15
N LYS H 235 4.65 26.37 34.88
CA LYS H 235 5.08 27.19 33.77
C LYS H 235 3.99 27.27 32.72
N ILE H 236 3.93 28.39 32.00
CA ILE H 236 3.02 28.51 30.86
C ILE H 236 3.58 27.71 29.70
N TYR H 237 2.80 26.74 29.20
CA TYR H 237 3.29 25.87 28.14
C TYR H 237 3.48 26.66 26.84
N ASP H 238 4.53 26.30 26.10
CA ASP H 238 4.83 26.87 24.79
C ASP H 238 5.11 28.37 24.87
N SER H 239 5.41 28.86 26.06
CA SER H 239 5.74 30.24 26.33
C SER H 239 7.25 30.42 26.36
N PRO H 240 7.74 31.64 26.16
CA PRO H 240 9.19 31.86 26.19
C PRO H 240 9.77 31.49 27.54
N GLU H 241 11.08 31.22 27.53
CA GLU H 241 11.83 30.82 28.73
C GLU H 241 12.06 32.09 29.52
N MET H 242 11.11 32.41 30.41
CA MET H 242 11.21 33.63 31.19
C MET H 242 10.65 33.39 32.59
N PRO H 243 11.15 34.11 33.60
CA PRO H 243 10.76 33.78 34.98
C PRO H 243 9.30 34.08 35.24
N GLU H 244 8.79 35.18 34.67
CA GLU H 244 7.41 35.58 34.92
C GLU H 244 6.44 34.50 34.48
N ASN H 245 6.82 33.72 33.47
CA ASN H 245 6.01 32.60 32.99
C ASN H 245 6.17 31.36 33.85
N GLU H 246 6.82 31.50 35.00
CA GLU H 246 7.06 30.40 35.93
C GLU H 246 6.70 30.83 37.34
N ALA H 247 6.36 29.85 38.16
CA ALA H 247 6.04 30.09 39.56
C ALA H 247 6.51 28.91 40.40
N THR H 248 7.00 29.20 41.59
CA THR H 248 7.41 28.17 42.53
C THR H 248 6.30 27.99 43.55
N PHE H 249 6.00 26.73 43.87
CA PHE H 249 5.03 26.45 44.90
C PHE H 249 5.45 25.21 45.68
N ALA H 250 4.79 24.98 46.80
CA ALA H 250 5.08 23.87 47.69
C ALA H 250 3.85 22.99 47.85
N ILE H 251 4.10 21.74 48.22
CA ILE H 251 3.06 20.75 48.46
C ILE H 251 3.14 20.33 49.92
N THR H 252 1.99 20.35 50.60
CA THR H 252 1.92 19.94 52.00
C THR H 252 0.66 19.10 52.17
N ALA H 253 0.49 18.56 53.38
CA ALA H 253 -0.77 17.88 53.68
C ALA H 253 -1.96 18.81 53.50
N GLY H 254 -1.75 20.11 53.63
CA GLY H 254 -2.77 21.11 53.39
C GLY H 254 -2.93 21.50 51.95
N GLY H 255 -2.22 20.87 51.04
CA GLY H 255 -2.39 21.13 49.62
C GLY H 255 -1.30 22.01 49.05
N ILE H 256 -1.65 22.65 47.93
CA ILE H 256 -0.75 23.59 47.27
C ILE H 256 -0.61 24.85 48.11
N GLY H 257 0.62 25.34 48.24
CA GLY H 257 0.87 26.55 49.01
C GLY H 257 2.09 27.27 48.50
N ASP H 258 2.41 28.38 49.17
CA ASP H 258 3.58 29.18 48.81
C ASP H 258 4.87 28.43 49.11
N LYS I 5 -6.42 -60.34 -12.78
CA LYS I 5 -5.44 -59.93 -13.78
C LYS I 5 -4.02 -60.02 -13.21
N VAL I 6 -3.16 -60.77 -13.88
CA VAL I 6 -1.77 -60.97 -13.46
C VAL I 6 -0.85 -60.25 -14.43
N PHE I 7 0.22 -59.66 -13.90
CA PHE I 7 1.19 -58.95 -14.72
C PHE I 7 2.11 -59.93 -15.42
N VAL I 8 2.41 -59.66 -16.68
CA VAL I 8 3.26 -60.51 -17.50
C VAL I 8 4.62 -59.84 -17.63
N PRO I 9 5.68 -60.40 -17.05
CA PRO I 9 7.01 -59.81 -17.20
C PRO I 9 7.50 -59.94 -18.62
N PRO I 10 8.18 -58.92 -19.15
CA PRO I 10 8.79 -59.06 -20.48
C PRO I 10 9.95 -60.03 -20.44
N PHE I 11 9.99 -60.94 -21.41
CA PHE I 11 11.11 -61.88 -21.50
C PHE I 11 11.16 -62.44 -22.92
N LYS I 12 12.23 -62.15 -23.65
CA LYS I 12 12.43 -62.80 -24.94
C LYS I 12 13.82 -63.39 -25.11
N THR I 13 14.84 -62.54 -25.03
CA THR I 13 16.22 -62.95 -25.26
C THR I 13 17.13 -62.05 -24.44
N LYS J 5 -33.30 53.65 7.03
CA LYS J 5 -32.58 53.60 8.30
C LYS J 5 -31.11 53.90 8.07
N VAL J 6 -30.56 54.84 8.86
CA VAL J 6 -29.20 55.33 8.70
C VAL J 6 -28.46 55.14 10.02
N PHE J 7 -27.18 54.80 9.93
CA PHE J 7 -26.35 54.59 11.11
C PHE J 7 -25.93 55.93 11.72
N VAL J 8 -25.95 55.99 13.05
CA VAL J 8 -25.58 57.18 13.82
C VAL J 8 -24.22 56.93 14.44
N PRO J 9 -23.19 57.69 14.06
CA PRO J 9 -21.87 57.52 14.67
C PRO J 9 -21.89 57.91 16.15
N PRO J 10 -21.15 57.18 16.98
CA PRO J 10 -21.05 57.57 18.39
C PRO J 10 -20.23 58.83 18.57
N PHE J 11 -20.73 59.74 19.41
CA PHE J 11 -19.98 60.95 19.71
C PHE J 11 -20.48 61.55 21.02
N LYS J 12 -19.58 61.69 21.99
CA LYS J 12 -19.88 62.41 23.23
C LYS J 12 -18.78 63.39 23.63
N THR J 13 -17.56 63.21 23.14
CA THR J 13 -16.37 64.02 23.49
C THR J 13 -15.92 63.76 24.92
N PHE K 7 -25.11 29.97 48.04
CA PHE K 7 -24.16 29.03 48.61
C PHE K 7 -23.60 29.51 49.93
N VAL K 8 -23.51 28.60 50.89
CA VAL K 8 -22.96 28.88 52.22
C VAL K 8 -21.55 28.32 52.27
N PRO K 9 -20.54 29.13 52.61
CA PRO K 9 -19.18 28.60 52.71
C PRO K 9 -19.10 27.51 53.76
N PRO K 10 -18.26 26.50 53.54
CA PRO K 10 -18.18 25.40 54.51
C PRO K 10 -17.45 25.76 55.80
N PHE K 11 -17.84 26.87 56.43
CA PHE K 11 -17.21 27.30 57.67
C PHE K 11 -17.71 26.49 58.86
N VAL L 6 -22.97 -15.34 56.48
CA VAL L 6 -21.70 -14.91 57.07
C VAL L 6 -20.59 -15.90 56.67
N PHE L 7 -19.41 -15.37 56.41
CA PHE L 7 -18.27 -16.20 56.04
C PHE L 7 -17.67 -16.87 57.27
N VAL L 8 -17.30 -18.14 57.12
CA VAL L 8 -16.71 -18.93 58.19
C VAL L 8 -15.22 -19.09 57.90
N PRO L 9 -14.34 -18.52 58.71
CA PRO L 9 -12.89 -18.70 58.49
C PRO L 9 -12.48 -20.15 58.70
N PRO L 10 -11.55 -20.65 57.90
CA PRO L 10 -11.02 -22.01 58.13
C PRO L 10 -10.20 -22.04 59.41
N PHE L 11 -10.43 -23.05 60.24
CA PHE L 11 -9.69 -23.19 61.50
C PHE L 11 -9.73 -24.63 61.97
N LYS L 12 -8.55 -25.19 62.19
CA LYS L 12 -8.43 -26.50 62.83
C LYS L 12 -7.41 -26.45 63.98
N THR L 13 -6.36 -25.66 63.79
CA THR L 13 -5.22 -25.48 64.73
C THR L 13 -5.25 -26.33 66.00
N PHE M 7 3.38 -33.29 -51.98
CA PHE M 7 4.26 -32.14 -52.15
C PHE M 7 5.18 -32.32 -53.36
N VAL M 8 5.33 -31.27 -54.16
CA VAL M 8 6.22 -31.28 -55.32
C VAL M 8 7.47 -30.50 -54.95
N PRO M 9 8.66 -31.12 -55.02
CA PRO M 9 9.89 -30.38 -54.73
C PRO M 9 10.14 -29.30 -55.75
N PRO M 10 10.69 -28.16 -55.34
CA PRO M 10 10.99 -27.10 -56.31
C PRO M 10 12.19 -27.49 -57.17
N PHE M 11 12.07 -27.25 -58.47
CA PHE M 11 13.13 -27.60 -59.41
C PHE M 11 12.85 -26.98 -60.78
N VAL N 6 -7.49 9.31 -62.67
CA VAL N 6 -6.04 9.51 -62.70
C VAL N 6 -5.68 10.81 -61.99
N PHE N 7 -4.64 10.75 -61.16
CA PHE N 7 -4.20 11.93 -60.41
C PHE N 7 -3.67 12.99 -61.37
N VAL N 8 -4.04 14.24 -61.08
CA VAL N 8 -3.64 15.38 -61.89
C VAL N 8 -2.46 16.06 -61.18
N PRO N 9 -1.24 15.94 -61.69
CA PRO N 9 -0.10 16.62 -61.06
C PRO N 9 -0.21 18.12 -61.22
N PRO N 10 0.13 18.88 -60.17
CA PRO N 10 0.13 20.34 -60.31
C PRO N 10 1.24 20.81 -61.23
N PHE N 11 0.92 21.81 -62.05
CA PHE N 11 1.89 22.38 -62.99
C PHE N 11 1.40 23.70 -63.55
N PHE O 7 -9.16 -52.30 30.31
CA PHE O 7 -7.91 -52.45 29.57
C PHE O 7 -7.12 -53.66 30.07
N VAL O 8 -6.57 -54.41 29.13
CA VAL O 8 -5.77 -55.60 29.41
C VAL O 8 -4.34 -55.30 28.99
N PRO O 9 -3.36 -55.36 29.90
CA PRO O 9 -1.97 -55.10 29.53
C PRO O 9 -1.47 -56.13 28.52
N PRO O 10 -0.63 -55.72 27.56
CA PRO O 10 -0.06 -56.62 26.55
C PRO O 10 0.94 -57.62 27.15
#